data_9EKS
#
_entry.id   9EKS
#
_cell.length_a   1.00
_cell.length_b   1.00
_cell.length_c   1.00
_cell.angle_alpha   90.00
_cell.angle_beta   90.00
_cell.angle_gamma   90.00
#
_symmetry.space_group_name_H-M   'P 1'
#
loop_
_entity.id
_entity.type
_entity.pdbx_description
1 polymer Mucolipin-1
2 non-polymer (3aS,4S,7R,7aS)-3-(2,6-dichlorophenyl)-3a,4,5,6,7,7a-hexahydro-4,7-methano-1,2-benzoxazole
#
_entity_poly.entity_id   1
_entity_poly.type   'polypeptide(L)'
_entity_poly.pdbx_seq_one_letter_code
;MDYKDDDDKTAPAGPRGSETERLLTPNPGYGTQAGPSPAPPTPPEEEDLRRRLKYFFMSPCDKFRAKGRKPCKLMLQVVK
ILVVTVQLILFGLSNQLAVTFREENTIAFRHLFLLGYSDGADDTFAAYTREQLYQAIFHAVDQYLALPDVSLGRYAYVRG
GGDPWTNGSGLALCQRYYHRGHVDPANDTFDIDPMVVTDCIQVDPPERPPPPPSDDLTLLESSSSYKNLTLKFHKLVNVT
IHFRLKTINLQSLINNEIPDCYTFSVLITFDNKAHSGRIPISLETQAHIQECKHPSVFQHGDNSFRLLFDVVVILTCSLS
FLLCARSLLRGFLLQNEFVGFMWRQRGRVISLWERLEFVNGWYILLVTSDVLTISGTIMKIGIEAKNLASYDVCSILLGT
STLLVWVGVIRYLTFFHNYNILIATLRVALPSVMRFCCCAGVIYLGYCFCGWIVLGPYHVKFRSLSMVSECLFSLINGDD
MFVTFAAMQAQQGRSSLVWLFSQLYLYSFISLFIYMVLSLFIALITGAYDTIKHPGGAGAEESELQAYIAQCQDSPTSGK
FRRGSGSACSLLCCCGRDPSEEHSLLVN
;
_entity_poly.pdbx_strand_id   A,B,C,D
#
loop_
_chem_comp.id
_chem_comp.type
_chem_comp.name
_chem_comp.formula
A1BI6 non-polymer (3aS,4S,7R,7aS)-3-(2,6-dichlorophenyl)-3a,4,5,6,7,7a-hexahydro-4,7-methano-1,2-benzoxazole 'C14 H13 Cl2 N O'
#
# COMPACT_ATOMS: atom_id res chain seq x y z
N TYR A 55 5.45 49.93 -29.40
CA TYR A 55 4.41 50.68 -28.70
C TYR A 55 4.99 51.21 -27.39
N PHE A 56 6.13 50.64 -27.00
CA PHE A 56 6.80 50.95 -25.73
C PHE A 56 5.92 50.54 -24.54
N PHE A 57 4.92 49.70 -24.85
CA PHE A 57 4.03 49.13 -23.80
C PHE A 57 3.77 47.71 -24.31
N MET A 58 3.65 46.71 -23.42
CA MET A 58 3.50 45.30 -23.87
C MET A 58 4.83 44.81 -24.47
N SER A 59 5.76 45.73 -24.79
CA SER A 59 7.08 45.31 -25.26
C SER A 59 7.71 44.30 -24.30
N PRO A 60 8.64 43.47 -24.75
CA PRO A 60 9.42 42.63 -23.82
C PRO A 60 10.51 43.46 -23.13
N CYS A 61 11.00 42.92 -22.02
CA CYS A 61 11.93 43.68 -21.18
C CYS A 61 13.27 43.91 -21.89
N ASP A 62 13.82 42.89 -22.54
CA ASP A 62 15.05 43.11 -23.32
C ASP A 62 14.86 44.18 -24.38
N LYS A 63 13.61 44.32 -24.87
CA LYS A 63 13.31 45.34 -25.87
C LYS A 63 13.11 46.72 -25.25
N PHE A 64 12.60 46.80 -24.01
CA PHE A 64 12.63 48.10 -23.35
C PHE A 64 14.07 48.58 -23.14
N ARG A 65 14.96 47.67 -22.76
CA ARG A 65 16.32 48.06 -22.45
C ARG A 65 17.04 48.63 -23.67
N ALA A 66 16.71 48.10 -24.86
CA ALA A 66 17.31 48.60 -26.09
C ALA A 66 16.98 50.08 -26.32
N LYS A 67 15.76 50.50 -25.96
CA LYS A 67 15.28 51.86 -26.23
C LYS A 67 14.66 52.44 -24.95
N GLY A 68 15.36 52.29 -23.82
CA GLY A 68 14.85 52.89 -22.60
C GLY A 68 15.66 52.61 -21.34
N ARG A 69 14.98 52.46 -20.21
CA ARG A 69 15.65 52.38 -18.92
C ARG A 69 16.02 50.96 -18.53
N LYS A 70 16.46 50.77 -17.29
CA LYS A 70 16.98 49.51 -16.81
C LYS A 70 15.87 48.70 -16.16
N PRO A 71 15.93 47.37 -16.22
CA PRO A 71 14.89 46.55 -15.59
C PRO A 71 15.01 46.53 -14.08
N CYS A 72 14.65 47.63 -13.43
CA CYS A 72 14.80 47.76 -11.98
C CYS A 72 13.61 47.22 -11.21
N LYS A 73 12.55 46.79 -11.89
CA LYS A 73 11.40 46.20 -11.21
C LYS A 73 11.39 44.67 -11.25
N LEU A 74 12.14 44.08 -12.18
CA LEU A 74 12.30 42.63 -12.16
C LEU A 74 13.26 42.18 -11.07
N MET A 75 14.22 43.03 -10.70
CA MET A 75 15.11 42.73 -9.59
C MET A 75 14.36 42.71 -8.27
N LEU A 76 13.39 43.61 -8.11
CA LEU A 76 12.62 43.66 -6.87
C LEU A 76 11.82 42.39 -6.66
N GLN A 77 11.36 41.75 -7.74
CA GLN A 77 10.50 40.57 -7.60
C GLN A 77 11.30 39.35 -7.12
N VAL A 78 12.52 39.17 -7.64
CA VAL A 78 13.32 38.03 -7.20
C VAL A 78 13.75 38.21 -5.75
N VAL A 79 14.02 39.45 -5.35
CA VAL A 79 14.29 39.73 -3.94
C VAL A 79 13.07 39.38 -3.09
N LYS A 80 11.87 39.70 -3.58
CA LYS A 80 10.66 39.34 -2.86
C LYS A 80 10.52 37.83 -2.73
N ILE A 81 10.81 37.09 -3.80
CA ILE A 81 10.76 35.63 -3.75
C ILE A 81 11.73 35.11 -2.68
N LEU A 82 12.95 35.65 -2.69
CA LEU A 82 13.96 35.21 -1.72
C LEU A 82 13.50 35.45 -0.29
N VAL A 83 13.04 36.67 0.00
CA VAL A 83 12.70 37.00 1.39
C VAL A 83 11.47 36.23 1.84
N VAL A 84 10.47 36.06 0.96
CA VAL A 84 9.29 35.31 1.31
C VAL A 84 9.64 33.86 1.61
N THR A 85 10.47 33.25 0.77
CA THR A 85 10.86 31.86 1.00
C THR A 85 11.64 31.70 2.30
N VAL A 86 12.57 32.62 2.58
CA VAL A 86 13.35 32.52 3.81
C VAL A 86 12.47 32.66 5.03
N GLN A 87 11.54 33.63 5.01
CA GLN A 87 10.63 33.82 6.13
C GLN A 87 9.77 32.58 6.34
N LEU A 88 9.25 32.00 5.26
CA LEU A 88 8.43 30.81 5.38
C LEU A 88 9.21 29.65 5.97
N ILE A 89 10.48 29.49 5.55
CA ILE A 89 11.29 28.38 6.06
C ILE A 89 11.53 28.54 7.56
N LEU A 90 11.88 29.75 8.00
CA LEU A 90 12.12 29.97 9.42
C LEU A 90 10.86 29.71 10.24
N PHE A 91 9.73 30.24 9.76
CA PHE A 91 8.46 30.03 10.46
C PHE A 91 8.12 28.54 10.54
N GLY A 92 8.38 27.81 9.45
CA GLY A 92 8.09 26.39 9.45
C GLY A 92 8.95 25.62 10.43
N LEU A 93 10.22 25.99 10.55
CA LEU A 93 11.08 25.31 11.53
C LEU A 93 10.58 25.53 12.95
N SER A 94 10.24 26.78 13.29
CA SER A 94 9.72 27.05 14.63
C SER A 94 8.41 26.30 14.88
N ASN A 95 7.53 26.26 13.87
CA ASN A 95 6.27 25.54 14.01
C ASN A 95 6.51 24.05 14.19
N GLN A 96 7.49 23.49 13.47
CA GLN A 96 7.84 22.08 13.65
C GLN A 96 8.21 21.80 15.11
N LEU A 97 9.05 22.66 15.69
CA LEU A 97 9.44 22.46 17.08
C LEU A 97 8.23 22.47 18.01
N ALA A 98 7.37 23.50 17.86
CA ALA A 98 6.20 23.60 18.75
C ALA A 98 5.27 22.41 18.59
N VAL A 99 5.02 21.99 17.35
CA VAL A 99 4.12 20.87 17.08
C VAL A 99 4.67 19.58 17.67
N THR A 100 5.98 19.36 17.54
CA THR A 100 6.58 18.16 18.12
C THR A 100 6.42 18.16 19.63
N PHE A 101 6.65 19.31 20.28
CA PHE A 101 6.45 19.39 21.72
C PHE A 101 5.02 19.01 22.11
N ARG A 102 4.04 19.60 21.44
CA ARG A 102 2.65 19.33 21.79
C ARG A 102 2.29 17.87 21.55
N GLU A 103 2.74 17.29 20.43
CA GLU A 103 2.42 15.91 20.12
C GLU A 103 3.02 14.95 21.15
N GLU A 104 4.28 15.17 21.53
CA GLU A 104 4.91 14.30 22.52
C GLU A 104 4.23 14.42 23.86
N ASN A 105 3.84 15.64 24.26
CA ASN A 105 3.13 15.80 25.53
C ASN A 105 1.80 15.07 25.51
N THR A 106 1.07 15.15 24.39
CA THR A 106 -0.21 14.45 24.29
C THR A 106 -0.04 12.93 24.35
N ILE A 107 1.00 12.41 23.68
CA ILE A 107 1.24 10.96 23.73
C ILE A 107 1.57 10.53 25.16
N ALA A 108 2.40 11.30 25.85
CA ALA A 108 2.69 10.99 27.25
C ALA A 108 1.43 11.03 28.10
N PHE A 109 0.55 12.01 27.85
CA PHE A 109 -0.70 12.09 28.60
C PHE A 109 -1.56 10.86 28.37
N ARG A 110 -1.67 10.41 27.12
CA ARG A 110 -2.45 9.21 26.82
C ARG A 110 -1.89 8.00 27.54
N HIS A 111 -0.57 7.81 27.47
CA HIS A 111 0.04 6.66 28.13
C HIS A 111 -0.12 6.73 29.65
N LEU A 112 -0.13 7.94 30.22
CA LEU A 112 -0.26 8.06 31.66
C LEU A 112 -1.69 7.84 32.14
N PHE A 113 -2.69 8.30 31.37
CA PHE A 113 -4.04 8.36 31.89
C PHE A 113 -5.00 7.33 31.33
N LEU A 114 -4.70 6.71 30.19
CA LEU A 114 -5.59 5.71 29.63
C LEU A 114 -5.14 4.32 30.07
N LEU A 115 -6.05 3.60 30.72
CA LEU A 115 -5.73 2.29 31.28
C LEU A 115 -5.62 1.25 30.17
N GLY A 116 -4.50 0.52 30.16
CA GLY A 116 -4.27 -0.49 29.15
C GLY A 116 -4.17 0.05 27.74
N TYR A 117 -3.57 1.22 27.57
CA TYR A 117 -3.45 1.85 26.27
C TYR A 117 -2.13 1.46 25.62
N SER A 118 -2.19 1.18 24.32
CA SER A 118 -1.02 0.85 23.53
C SER A 118 -0.98 1.74 22.30
N ASP A 119 0.22 1.99 21.80
CA ASP A 119 0.39 2.83 20.62
C ASP A 119 -0.28 2.18 19.42
N GLY A 120 -1.09 2.95 18.69
CA GLY A 120 -1.82 2.48 17.56
C GLY A 120 -3.28 2.16 17.84
N ALA A 121 -3.64 1.98 19.11
CA ALA A 121 -5.02 1.70 19.49
C ALA A 121 -5.70 3.00 19.93
N ASP A 122 -5.99 3.84 18.94
CA ASP A 122 -6.63 5.13 19.18
C ASP A 122 -8.08 5.17 18.73
N ASP A 123 -8.40 4.66 17.55
CA ASP A 123 -9.77 4.64 17.07
C ASP A 123 -10.56 3.44 17.57
N THR A 124 -9.88 2.36 17.95
CA THR A 124 -10.55 1.17 18.46
C THR A 124 -10.62 1.12 19.98
N PHE A 125 -9.82 1.93 20.67
CA PHE A 125 -9.80 1.93 22.13
C PHE A 125 -11.17 2.26 22.69
N ALA A 126 -11.74 1.33 23.45
CA ALA A 126 -13.11 1.48 23.93
C ALA A 126 -13.32 0.59 25.14
N ALA A 127 -14.41 0.84 25.85
CA ALA A 127 -14.84 0.04 26.98
C ALA A 127 -16.07 -0.77 26.61
N TYR A 128 -16.17 -1.97 27.18
CA TYR A 128 -17.25 -2.88 26.84
C TYR A 128 -18.01 -3.41 28.04
N THR A 129 -17.50 -3.25 29.25
CA THR A 129 -18.20 -3.67 30.46
C THR A 129 -18.21 -2.52 31.47
N ARG A 130 -19.20 -2.58 32.36
CA ARG A 130 -19.34 -1.56 33.39
C ARG A 130 -18.12 -1.55 34.31
N GLU A 131 -17.59 -2.72 34.63
CA GLU A 131 -16.35 -2.79 35.41
C GLU A 131 -15.19 -2.15 34.67
N GLN A 132 -15.12 -2.37 33.35
CA GLN A 132 -14.08 -1.74 32.55
C GLN A 132 -14.19 -0.23 32.61
N LEU A 133 -15.40 0.30 32.46
CA LEU A 133 -15.61 1.75 32.51
C LEU A 133 -15.20 2.31 33.87
N TYR A 134 -15.62 1.64 34.95
CA TYR A 134 -15.28 2.10 36.29
C TYR A 134 -13.77 2.09 36.50
N GLN A 135 -13.11 1.02 36.07
CA GLN A 135 -11.66 0.92 36.23
C GLN A 135 -10.94 2.01 35.46
N ALA A 136 -11.39 2.28 34.23
CA ALA A 136 -10.75 3.32 33.43
C ALA A 136 -10.90 4.69 34.09
N ILE A 137 -12.10 5.01 34.57
CA ILE A 137 -12.32 6.32 35.18
C ILE A 137 -11.48 6.48 36.44
N PHE A 138 -11.50 5.46 37.31
CA PHE A 138 -10.76 5.55 38.56
C PHE A 138 -9.25 5.57 38.31
N HIS A 139 -8.78 4.83 37.31
CA HIS A 139 -7.36 4.87 36.97
C HIS A 139 -6.96 6.25 36.49
N ALA A 140 -7.80 6.89 35.66
CA ALA A 140 -7.48 8.24 35.21
C ALA A 140 -7.39 9.21 36.38
N VAL A 141 -8.34 9.14 37.30
CA VAL A 141 -8.32 10.06 38.43
C VAL A 141 -7.11 9.79 39.34
N ASP A 142 -6.81 8.51 39.61
CA ASP A 142 -5.68 8.18 40.46
C ASP A 142 -4.36 8.60 39.83
N GLN A 143 -4.22 8.43 38.51
CA GLN A 143 -3.02 8.89 37.84
C GLN A 143 -2.92 10.41 37.86
N TYR A 144 -4.05 11.11 37.82
CA TYR A 144 -4.02 12.55 38.06
C TYR A 144 -3.49 12.87 39.44
N LEU A 145 -3.89 12.07 40.45
CA LEU A 145 -3.46 12.34 41.82
C LEU A 145 -2.02 11.95 42.10
N ALA A 146 -1.43 11.06 41.29
CA ALA A 146 -0.06 10.58 41.51
C ALA A 146 0.94 11.15 40.51
N LEU A 147 0.52 12.12 39.69
CA LEU A 147 1.39 12.64 38.64
C LEU A 147 2.70 13.22 39.15
N PRO A 148 2.73 14.06 40.19
CA PRO A 148 4.03 14.60 40.64
C PRO A 148 5.01 13.54 41.10
N ASP A 149 4.53 12.36 41.49
CA ASP A 149 5.42 11.29 41.94
C ASP A 149 5.72 10.25 40.88
N VAL A 150 4.93 10.16 39.82
CA VAL A 150 5.15 9.13 38.81
C VAL A 150 5.59 9.67 37.46
N SER A 151 5.34 10.93 37.14
CA SER A 151 5.57 11.42 35.79
C SER A 151 7.05 11.75 35.56
N LEU A 152 7.50 11.49 34.33
CA LEU A 152 8.85 11.86 33.92
C LEU A 152 8.99 13.34 33.62
N GLY A 153 7.89 14.02 33.31
CA GLY A 153 7.92 15.45 33.09
C GLY A 153 7.61 16.22 34.36
N ARG A 154 7.70 17.55 34.24
CA ARG A 154 7.42 18.45 35.36
C ARG A 154 6.15 19.22 35.04
N TYR A 155 5.13 19.04 35.88
CA TYR A 155 3.81 19.62 35.66
C TYR A 155 3.33 20.32 36.92
N ALA A 156 2.46 21.30 36.74
CA ALA A 156 1.88 22.05 37.85
C ALA A 156 0.37 22.06 37.72
N TYR A 157 -0.31 22.05 38.86
CA TYR A 157 -1.76 22.09 38.92
C TYR A 157 -2.26 23.52 38.76
N VAL A 158 -3.48 23.64 38.24
CA VAL A 158 -4.06 24.93 37.83
C VAL A 158 -5.10 25.42 38.84
N ARG A 159 -5.88 24.49 39.40
CA ARG A 159 -6.76 24.77 40.54
C ARG A 159 -7.84 25.80 40.22
N GLY A 160 -8.73 25.45 39.28
CA GLY A 160 -9.91 26.25 39.01
C GLY A 160 -9.62 27.52 38.22
N GLY A 161 -10.32 28.58 38.57
CA GLY A 161 -10.33 29.79 37.76
C GLY A 161 -11.05 29.63 36.44
N GLY A 162 -12.16 28.91 36.43
CA GLY A 162 -12.87 28.68 35.18
C GLY A 162 -14.27 28.17 35.44
N ASP A 163 -14.99 27.90 34.35
CA ASP A 163 -16.38 27.49 34.43
C ASP A 163 -16.52 26.03 34.85
N PRO A 164 -15.87 25.06 34.18
CA PRO A 164 -16.08 23.66 34.59
C PRO A 164 -15.66 23.38 36.03
N TRP A 165 -14.58 24.01 36.49
CA TRP A 165 -14.03 23.76 37.81
C TRP A 165 -14.47 24.84 38.79
N THR A 166 -14.88 24.43 39.99
CA THR A 166 -15.18 25.37 41.05
C THR A 166 -13.89 25.91 41.65
N ASN A 167 -14.02 26.78 42.65
CA ASN A 167 -12.85 27.35 43.30
C ASN A 167 -12.04 26.26 44.00
N GLY A 168 -10.74 26.28 43.79
CA GLY A 168 -9.86 25.31 44.42
C GLY A 168 -10.06 23.89 43.95
N SER A 169 -10.52 23.69 42.71
CA SER A 169 -10.75 22.37 42.15
C SER A 169 -9.95 22.22 40.86
N GLY A 170 -9.18 21.14 40.76
CA GLY A 170 -8.34 20.92 39.61
C GLY A 170 -8.90 19.94 38.59
N LEU A 171 -9.73 19.00 39.05
CA LEU A 171 -10.30 17.98 38.18
C LEU A 171 -11.81 17.99 38.29
N ALA A 172 -12.48 17.72 37.17
CA ALA A 172 -13.93 17.69 37.11
C ALA A 172 -14.37 16.38 36.48
N LEU A 173 -15.00 15.52 37.28
CA LEU A 173 -15.59 14.26 36.81
C LEU A 173 -17.09 14.46 36.75
N CYS A 174 -17.65 14.45 35.55
CA CYS A 174 -19.04 14.83 35.35
C CYS A 174 -19.77 13.81 34.49
N GLN A 175 -20.93 13.36 34.98
CA GLN A 175 -21.85 12.57 34.17
C GLN A 175 -22.74 13.50 33.36
N ARG A 176 -23.28 12.95 32.26
CA ARG A 176 -24.32 13.61 31.50
C ARG A 176 -25.32 12.57 31.06
N TYR A 177 -26.54 12.67 31.56
CA TYR A 177 -27.59 11.69 31.29
C TYR A 177 -28.88 12.43 30.98
N TYR A 178 -29.83 11.68 30.40
CA TYR A 178 -31.13 12.25 30.09
C TYR A 178 -31.87 12.62 31.38
N HIS A 179 -32.73 13.63 31.28
CA HIS A 179 -33.49 14.07 32.44
C HIS A 179 -34.40 12.95 32.95
N ARG A 180 -35.07 12.25 32.04
CA ARG A 180 -35.93 11.13 32.39
C ARG A 180 -35.76 10.04 31.35
N GLY A 181 -35.28 8.88 31.77
CA GLY A 181 -35.11 7.77 30.87
C GLY A 181 -35.67 6.48 31.42
N HIS A 182 -36.71 5.94 30.77
CA HIS A 182 -37.36 4.70 31.19
C HIS A 182 -37.39 3.80 29.96
N VAL A 183 -36.31 3.05 29.76
CA VAL A 183 -36.14 2.21 28.59
C VAL A 183 -36.26 0.76 29.01
N ASP A 184 -37.27 0.06 28.48
CA ASP A 184 -37.36 -1.39 28.63
C ASP A 184 -37.60 -2.02 27.26
N PRO A 185 -36.79 -2.98 26.86
CA PRO A 185 -37.03 -3.69 25.59
C PRO A 185 -37.93 -4.91 25.70
N ALA A 186 -38.32 -5.31 26.92
CA ALA A 186 -39.19 -6.47 27.08
C ALA A 186 -40.62 -6.16 26.64
N ASN A 187 -41.15 -5.03 27.09
CA ASN A 187 -42.45 -4.55 26.66
C ASN A 187 -42.36 -3.65 25.43
N ASP A 188 -41.15 -3.44 24.91
CA ASP A 188 -40.91 -2.62 23.72
C ASP A 188 -41.46 -1.20 23.93
N THR A 189 -41.15 -0.62 25.08
CA THR A 189 -41.69 0.68 25.47
C THR A 189 -40.57 1.57 25.98
N PHE A 190 -40.79 2.88 25.88
CA PHE A 190 -39.85 3.85 26.41
C PHE A 190 -40.58 5.16 26.66
N ASP A 191 -39.99 5.99 27.51
CA ASP A 191 -40.52 7.33 27.79
C ASP A 191 -39.33 8.19 28.20
N ILE A 192 -38.84 8.99 27.26
CA ILE A 192 -37.60 9.75 27.44
C ILE A 192 -37.89 11.24 27.35
N ASP A 193 -37.31 11.99 28.29
CA ASP A 193 -37.22 13.43 28.15
C ASP A 193 -35.78 13.74 27.75
N PRO A 194 -35.51 14.12 26.51
CA PRO A 194 -34.12 14.18 26.01
C PRO A 194 -33.19 15.14 26.75
N MET A 195 -33.72 16.18 27.40
CA MET A 195 -32.87 17.20 28.03
C MET A 195 -31.80 16.58 28.91
N VAL A 196 -30.56 17.04 28.73
CA VAL A 196 -29.37 16.42 29.33
C VAL A 196 -29.08 17.09 30.65
N VAL A 197 -28.98 16.29 31.71
CA VAL A 197 -28.62 16.76 33.05
C VAL A 197 -27.17 16.41 33.32
N THR A 198 -26.45 17.30 34.00
CA THR A 198 -25.04 17.14 34.30
C THR A 198 -24.84 17.06 35.80
N ASP A 199 -24.11 16.05 36.26
CA ASP A 199 -23.72 15.90 37.66
C ASP A 199 -22.20 15.89 37.71
N CYS A 200 -21.62 16.96 38.25
CA CYS A 200 -20.18 17.18 38.20
C CYS A 200 -19.56 16.86 39.57
N ILE A 201 -18.47 16.10 39.57
CA ILE A 201 -17.72 15.80 40.77
C ILE A 201 -16.39 16.54 40.69
N GLN A 202 -16.06 17.29 41.74
CA GLN A 202 -14.86 18.11 41.78
C GLN A 202 -13.82 17.47 42.67
N VAL A 203 -12.59 17.34 42.16
CA VAL A 203 -11.49 16.71 42.88
C VAL A 203 -10.42 17.77 43.11
N ASP A 204 -10.03 17.93 44.37
CA ASP A 204 -8.98 18.88 44.73
C ASP A 204 -7.61 18.25 44.47
N PRO A 205 -6.70 18.95 43.78
CA PRO A 205 -5.38 18.39 43.54
C PRO A 205 -4.63 18.19 44.84
N PRO A 206 -3.76 17.19 44.90
CA PRO A 206 -3.02 16.92 46.14
C PRO A 206 -1.92 17.94 46.38
N GLU A 207 -1.76 18.33 47.64
CA GLU A 207 -0.69 19.24 48.04
C GLU A 207 -0.46 19.17 49.54
N SER A 224 -12.39 13.18 47.44
CA SER A 224 -12.52 12.06 48.36
C SER A 224 -13.64 11.12 47.90
N SER A 225 -14.75 11.69 47.46
CA SER A 225 -15.93 10.93 47.06
C SER A 225 -15.95 10.64 45.56
N TYR A 226 -14.80 10.71 44.88
CA TYR A 226 -14.77 10.38 43.47
C TYR A 226 -14.86 8.89 43.21
N LYS A 227 -14.57 8.06 44.22
CA LYS A 227 -14.73 6.61 44.09
C LYS A 227 -16.12 6.14 44.51
N ASN A 228 -17.00 7.06 44.89
CA ASN A 228 -18.40 6.74 45.14
C ASN A 228 -19.28 6.98 43.92
N LEU A 229 -18.66 7.22 42.76
CA LEU A 229 -19.40 7.51 41.54
C LEU A 229 -20.31 6.35 41.16
N THR A 230 -21.56 6.67 40.86
CA THR A 230 -22.54 5.69 40.40
C THR A 230 -23.09 6.15 39.06
N LEU A 231 -22.83 5.36 38.02
CA LEU A 231 -23.18 5.74 36.66
C LEU A 231 -24.59 5.27 36.32
N LYS A 232 -25.39 6.17 35.75
CA LYS A 232 -26.72 5.84 35.25
C LYS A 232 -26.56 5.27 33.85
N PHE A 233 -26.26 3.98 33.79
CA PHE A 233 -25.81 3.37 32.54
C PHE A 233 -26.87 3.42 31.45
N HIS A 234 -28.13 3.12 31.79
CA HIS A 234 -29.16 3.01 30.77
C HIS A 234 -29.49 4.36 30.14
N LYS A 235 -29.32 5.45 30.88
CA LYS A 235 -29.63 6.79 30.38
C LYS A 235 -28.39 7.64 30.16
N LEU A 236 -27.20 7.06 30.21
CA LEU A 236 -25.98 7.83 30.12
C LEU A 236 -25.75 8.35 28.70
N VAL A 237 -25.22 9.57 28.60
CA VAL A 237 -24.84 10.15 27.32
C VAL A 237 -23.33 10.08 27.18
N ASN A 238 -22.61 10.67 28.13
CA ASN A 238 -21.15 10.60 28.12
C ASN A 238 -20.63 10.91 29.51
N VAL A 239 -19.36 10.55 29.73
CA VAL A 239 -18.63 10.90 30.94
C VAL A 239 -17.35 11.59 30.52
N THR A 240 -17.04 12.72 31.16
CA THR A 240 -15.89 13.53 30.77
C THR A 240 -15.06 13.89 32.00
N ILE A 241 -13.75 13.96 31.80
CA ILE A 241 -12.79 14.39 32.82
C ILE A 241 -12.05 15.59 32.29
N HIS A 242 -12.02 16.68 33.06
CA HIS A 242 -11.38 17.92 32.67
C HIS A 242 -10.36 18.32 33.72
N PHE A 243 -9.13 18.58 33.28
CA PHE A 243 -8.09 19.14 34.15
C PHE A 243 -7.05 19.80 33.26
N ARG A 244 -6.25 20.65 33.88
CA ARG A 244 -5.19 21.36 33.16
C ARG A 244 -3.84 21.11 33.83
N LEU A 245 -2.78 21.18 33.02
CA LEU A 245 -1.42 21.00 33.50
C LEU A 245 -0.56 22.13 32.94
N LYS A 246 0.30 22.68 33.80
CA LYS A 246 1.22 23.73 33.42
C LYS A 246 2.64 23.17 33.29
N THR A 247 3.27 23.42 32.16
CA THR A 247 4.63 22.95 31.91
C THR A 247 5.41 24.05 31.21
N ILE A 248 6.74 23.94 31.28
CA ILE A 248 7.65 24.89 30.65
C ILE A 248 8.40 24.17 29.54
N ASN A 249 8.39 24.76 28.34
CA ASN A 249 9.05 24.17 27.18
C ASN A 249 10.53 24.45 27.26
N LEU A 250 11.31 23.48 27.74
CA LEU A 250 12.75 23.61 27.78
C LEU A 250 13.42 23.17 26.48
N GLN A 251 12.68 22.46 25.61
CA GLN A 251 13.22 22.06 24.32
C GLN A 251 13.46 23.24 23.39
N SER A 252 12.75 24.35 23.59
CA SER A 252 12.91 25.52 22.74
C SER A 252 14.27 26.17 22.87
N LEU A 253 15.06 25.79 23.88
CA LEU A 253 16.35 26.42 24.10
C LEU A 253 17.35 26.08 23.00
N ILE A 254 17.24 24.88 22.40
CA ILE A 254 18.20 24.47 21.38
C ILE A 254 18.12 25.40 20.17
N ASN A 255 16.94 25.85 19.82
CA ASN A 255 16.75 26.81 18.74
C ASN A 255 16.78 28.24 19.27
N ASN A 256 17.82 28.56 20.03
CA ASN A 256 17.98 29.86 20.70
C ASN A 256 16.73 30.07 21.55
N GLU A 257 16.06 31.23 21.46
CA GLU A 257 14.75 31.46 22.09
C GLU A 257 14.78 31.40 23.61
N ILE A 258 13.75 31.97 24.22
CA ILE A 258 13.54 31.92 25.68
C ILE A 258 12.36 30.99 25.93
N PRO A 259 12.51 29.99 26.83
CA PRO A 259 11.44 28.99 27.03
C PRO A 259 10.05 29.57 27.25
N ASP A 260 9.05 28.90 26.69
CA ASP A 260 7.66 29.29 26.77
C ASP A 260 6.96 28.51 27.88
N CYS A 261 5.82 29.04 28.32
CA CYS A 261 5.01 28.40 29.36
C CYS A 261 3.73 27.86 28.72
N TYR A 262 3.52 26.55 28.85
CA TYR A 262 2.40 25.87 28.22
C TYR A 262 1.37 25.48 29.28
N THR A 263 0.11 25.70 28.97
CA THR A 263 -1.00 25.21 29.77
C THR A 263 -1.80 24.22 28.91
N PHE A 264 -1.70 22.94 29.24
CA PHE A 264 -2.40 21.90 28.50
C PHE A 264 -3.78 21.68 29.14
N SER A 265 -4.82 21.80 28.32
CA SER A 265 -6.18 21.50 28.75
C SER A 265 -6.51 20.10 28.27
N VAL A 266 -6.68 19.16 29.20
CA VAL A 266 -6.85 17.75 28.90
C VAL A 266 -8.31 17.38 29.09
N LEU A 267 -8.89 16.74 28.07
CA LEU A 267 -10.27 16.28 28.12
C LEU A 267 -10.30 14.80 27.76
N ILE A 268 -10.84 13.98 28.67
CA ILE A 268 -11.00 12.55 28.44
C ILE A 268 -12.50 12.28 28.33
N THR A 269 -12.91 11.66 27.22
CA THR A 269 -14.32 11.46 26.92
C THR A 269 -14.63 9.97 26.90
N PHE A 270 -15.66 9.58 27.63
CA PHE A 270 -16.24 8.24 27.56
C PHE A 270 -17.59 8.39 26.86
N ASP A 271 -17.60 8.09 25.57
CA ASP A 271 -18.70 8.47 24.68
C ASP A 271 -19.72 7.34 24.57
N ASN A 272 -20.96 7.64 24.93
CA ASN A 272 -22.05 6.66 24.88
C ASN A 272 -23.25 7.24 24.12
N LYS A 273 -22.99 8.01 23.06
CA LYS A 273 -24.09 8.60 22.32
C LYS A 273 -24.82 7.57 21.45
N ALA A 274 -24.12 6.52 21.02
CA ALA A 274 -24.72 5.50 20.18
C ALA A 274 -25.57 4.51 20.95
N HIS A 275 -25.33 4.36 22.26
CA HIS A 275 -26.04 3.40 23.10
C HIS A 275 -26.01 1.99 22.51
N SER A 276 -24.83 1.59 22.04
CA SER A 276 -24.65 0.32 21.35
C SER A 276 -23.90 -0.70 22.18
N GLY A 277 -23.68 -0.43 23.47
CA GLY A 277 -22.88 -1.31 24.30
C GLY A 277 -21.39 -1.15 24.15
N ARG A 278 -20.94 -0.25 23.29
CA ARG A 278 -19.52 0.03 23.08
C ARG A 278 -19.28 1.50 23.35
N ILE A 279 -18.43 1.80 24.32
CA ILE A 279 -18.16 3.19 24.71
C ILE A 279 -16.70 3.53 24.35
N PRO A 280 -16.47 4.25 23.27
CA PRO A 280 -15.11 4.65 22.92
C PRO A 280 -14.52 5.60 23.96
N ILE A 281 -13.21 5.52 24.12
CA ILE A 281 -12.47 6.37 25.04
C ILE A 281 -11.39 7.10 24.26
N SER A 282 -11.31 8.41 24.44
CA SER A 282 -10.35 9.23 23.72
C SER A 282 -9.81 10.31 24.66
N LEU A 283 -8.63 10.81 24.32
CA LEU A 283 -7.99 11.89 25.07
C LEU A 283 -7.55 12.97 24.09
N GLU A 284 -7.93 14.21 24.37
CA GLU A 284 -7.56 15.35 23.54
C GLU A 284 -6.98 16.45 24.42
N THR A 285 -6.07 17.24 23.84
CA THR A 285 -5.41 18.31 24.55
C THR A 285 -5.53 19.61 23.78
N GLN A 286 -5.58 20.72 24.52
CA GLN A 286 -5.61 22.06 23.95
C GLN A 286 -4.55 22.90 24.66
N ALA A 287 -3.50 23.28 23.94
CA ALA A 287 -2.39 24.00 24.52
C ALA A 287 -2.61 25.50 24.42
N HIS A 288 -2.28 26.23 25.49
CA HIS A 288 -2.33 27.68 25.53
C HIS A 288 -0.95 28.17 25.95
N ILE A 289 -0.26 28.84 25.03
CA ILE A 289 1.14 29.22 25.23
C ILE A 289 1.19 30.68 25.67
N GLN A 290 1.94 30.93 26.74
CA GLN A 290 2.17 32.29 27.23
C GLN A 290 3.65 32.57 27.34
N GLU A 291 4.00 33.74 27.87
CA GLU A 291 5.38 34.07 28.18
C GLU A 291 5.62 33.89 29.67
N CYS A 292 6.73 33.25 30.01
CA CYS A 292 7.03 32.97 31.41
C CYS A 292 7.58 34.23 32.08
N LYS A 293 6.91 34.68 33.13
CA LYS A 293 7.39 35.81 33.90
C LYS A 293 8.66 35.44 34.67
N HIS A 294 9.53 36.43 34.87
CA HIS A 294 10.79 36.26 35.55
C HIS A 294 11.65 35.14 34.95
N PRO A 295 12.03 35.24 33.67
CA PRO A 295 12.87 34.21 33.06
C PRO A 295 14.35 34.53 33.14
N SER A 296 15.16 33.47 33.05
CA SER A 296 16.62 33.59 33.12
C SER A 296 17.32 32.37 32.52
N VAL A 297 18.23 32.60 31.58
CA VAL A 297 18.93 31.51 30.89
C VAL A 297 20.44 31.80 30.98
N PHE A 298 20.80 32.74 31.85
CA PHE A 298 22.17 33.14 32.18
C PHE A 298 22.93 33.89 31.10
N GLN A 299 22.64 33.62 29.80
CA GLN A 299 23.09 34.43 28.66
C GLN A 299 22.15 34.15 27.49
N HIS A 300 21.09 34.96 27.35
CA HIS A 300 20.19 34.78 26.22
C HIS A 300 19.09 35.84 26.19
N SER A 304 14.93 39.85 18.01
CA SER A 304 15.01 41.07 17.23
C SER A 304 15.27 40.77 15.75
N PHE A 305 16.03 39.70 15.50
CA PHE A 305 16.32 39.30 14.12
C PHE A 305 15.04 38.96 13.38
N ARG A 306 14.17 38.16 14.01
CA ARG A 306 12.92 37.78 13.35
C ARG A 306 12.03 38.98 13.09
N LEU A 307 11.93 39.89 14.06
CA LEU A 307 11.10 41.07 13.89
C LEU A 307 11.63 41.96 12.76
N LEU A 308 12.95 42.17 12.73
CA LEU A 308 13.54 43.00 11.70
C LEU A 308 13.36 42.38 10.32
N PHE A 309 13.52 41.05 10.23
CA PHE A 309 13.33 40.40 8.94
C PHE A 309 11.87 40.48 8.50
N ASP A 310 10.94 40.39 9.45
CA ASP A 310 9.53 40.54 9.13
C ASP A 310 9.23 41.94 8.59
N VAL A 311 9.78 42.97 9.23
CA VAL A 311 9.53 44.32 8.71
C VAL A 311 10.23 44.53 7.37
N VAL A 312 11.36 43.85 7.13
CA VAL A 312 12.00 43.92 5.82
C VAL A 312 11.09 43.30 4.76
N VAL A 313 10.48 42.15 5.07
CA VAL A 313 9.53 41.54 4.15
C VAL A 313 8.35 42.47 3.90
N ILE A 314 7.84 43.11 4.96
CA ILE A 314 6.70 44.02 4.80
C ILE A 314 7.07 45.19 3.91
N LEU A 315 8.27 45.76 4.09
CA LEU A 315 8.67 46.90 3.28
C LEU A 315 8.85 46.51 1.81
N THR A 316 9.51 45.38 1.55
CA THR A 316 9.68 44.93 0.17
C THR A 316 8.32 44.66 -0.48
N CYS A 317 7.41 44.03 0.27
CA CYS A 317 6.08 43.77 -0.26
C CYS A 317 5.32 45.06 -0.53
N SER A 318 5.44 46.06 0.35
CA SER A 318 4.76 47.32 0.12
C SER A 318 5.28 48.00 -1.15
N LEU A 319 6.60 47.98 -1.34
CA LEU A 319 7.16 48.57 -2.55
C LEU A 319 6.68 47.84 -3.80
N SER A 320 6.65 46.51 -3.76
CA SER A 320 6.17 45.74 -4.91
C SER A 320 4.70 46.04 -5.20
N PHE A 321 3.88 46.12 -4.16
CA PHE A 321 2.46 46.44 -4.34
C PHE A 321 2.29 47.82 -4.96
N LEU A 322 3.06 48.80 -4.48
CA LEU A 322 2.95 50.16 -5.04
C LEU A 322 3.32 50.17 -6.51
N LEU A 323 4.42 49.51 -6.87
CA LEU A 323 4.86 49.50 -8.27
C LEU A 323 3.82 48.81 -9.16
N CYS A 324 3.32 47.66 -8.73
CA CYS A 324 2.32 46.95 -9.53
C CYS A 324 1.03 47.74 -9.68
N ALA A 325 0.59 48.40 -8.60
CA ALA A 325 -0.61 49.22 -8.69
C ALA A 325 -0.43 50.39 -9.65
N ARG A 326 0.73 51.05 -9.60
CA ARG A 326 1.00 52.14 -10.52
C ARG A 326 1.01 51.65 -11.96
N SER A 327 1.62 50.49 -12.22
CA SER A 327 1.62 49.93 -13.55
C SER A 327 0.20 49.60 -14.04
N LEU A 328 -0.63 49.02 -13.16
CA LEU A 328 -2.01 48.71 -13.55
C LEU A 328 -2.79 49.98 -13.84
N LEU A 329 -2.58 51.03 -13.05
CA LEU A 329 -3.28 52.29 -13.29
C LEU A 329 -2.85 52.88 -14.64
N ARG A 330 -1.55 52.84 -14.95
CA ARG A 330 -1.11 53.31 -16.26
C ARG A 330 -1.72 52.48 -17.39
N GLY A 331 -1.80 51.17 -17.20
CA GLY A 331 -2.41 50.33 -18.23
C GLY A 331 -3.87 50.68 -18.46
N PHE A 332 -4.62 50.90 -17.38
CA PHE A 332 -6.02 51.29 -17.52
C PHE A 332 -6.16 52.64 -18.22
N LEU A 333 -5.28 53.60 -17.87
CA LEU A 333 -5.33 54.91 -18.53
C LEU A 333 -5.02 54.80 -20.01
N LEU A 334 -4.03 53.98 -20.37
CA LEU A 334 -3.70 53.79 -21.78
C LEU A 334 -4.86 53.11 -22.52
N GLN A 335 -5.51 52.14 -21.88
CA GLN A 335 -6.68 51.51 -22.50
C GLN A 335 -7.79 52.53 -22.73
N ASN A 336 -8.02 53.41 -21.75
CA ASN A 336 -9.03 54.45 -21.92
C ASN A 336 -8.67 55.39 -23.06
N GLU A 337 -7.39 55.76 -23.17
CA GLU A 337 -6.95 56.62 -24.27
C GLU A 337 -7.17 55.93 -25.61
N PHE A 338 -6.85 54.65 -25.70
CA PHE A 338 -7.05 53.92 -26.95
C PHE A 338 -8.52 53.83 -27.31
N VAL A 339 -9.38 53.54 -26.34
CA VAL A 339 -10.80 53.43 -26.63
C VAL A 339 -11.39 54.80 -27.00
N GLY A 340 -10.84 55.88 -26.44
CA GLY A 340 -11.26 57.20 -26.88
C GLY A 340 -10.82 57.52 -28.29
N PHE A 341 -9.61 57.08 -28.65
CA PHE A 341 -9.10 57.34 -30.00
C PHE A 341 -9.97 56.67 -31.07
N MET A 342 -10.39 55.44 -30.82
CA MET A 342 -11.19 54.70 -31.79
C MET A 342 -12.67 55.08 -31.75
N TRP A 343 -13.09 55.91 -30.79
CA TRP A 343 -14.47 56.33 -30.65
C TRP A 343 -15.44 55.16 -30.59
N GLU A 354 -11.83 43.22 -25.75
CA GLU A 354 -10.44 43.55 -26.03
C GLU A 354 -9.85 44.43 -24.93
N ARG A 355 -10.74 44.98 -24.09
CA ARG A 355 -10.28 45.73 -22.92
C ARG A 355 -9.54 44.83 -21.95
N LEU A 356 -9.87 43.54 -21.92
CA LEU A 356 -9.22 42.58 -21.02
C LEU A 356 -7.80 42.25 -21.45
N GLU A 357 -7.38 42.66 -22.64
CA GLU A 357 -6.01 42.45 -23.09
C GLU A 357 -5.06 43.55 -22.63
N PHE A 358 -5.51 44.45 -21.77
CA PHE A 358 -4.68 45.52 -21.21
C PHE A 358 -4.46 45.37 -19.71
N VAL A 359 -4.56 44.14 -19.20
CA VAL A 359 -4.61 43.92 -17.75
C VAL A 359 -3.29 43.39 -17.21
N ASN A 360 -2.64 42.46 -17.91
CA ASN A 360 -1.38 41.86 -17.48
C ASN A 360 -1.55 41.15 -16.13
N GLY A 361 -2.29 40.04 -16.18
CA GLY A 361 -2.64 39.27 -15.00
C GLY A 361 -1.47 38.82 -14.15
N TRP A 362 -0.25 38.84 -14.69
CA TRP A 362 0.93 38.60 -13.86
C TRP A 362 0.97 39.58 -12.70
N TYR A 363 0.64 40.84 -12.98
CA TYR A 363 0.62 41.86 -11.93
C TYR A 363 -0.53 41.65 -10.96
N ILE A 364 -1.66 41.11 -11.42
CA ILE A 364 -2.73 40.73 -10.52
C ILE A 364 -2.26 39.67 -9.54
N LEU A 365 -1.56 38.65 -10.06
CA LEU A 365 -1.01 37.61 -9.20
C LEU A 365 -0.02 38.19 -8.20
N LEU A 366 0.83 39.11 -8.66
CA LEU A 366 1.81 39.74 -7.77
C LEU A 366 1.12 40.50 -6.65
N VAL A 367 0.08 41.28 -6.99
CA VAL A 367 -0.65 42.05 -5.99
C VAL A 367 -1.35 41.14 -4.99
N THR A 368 -1.94 40.05 -5.48
CA THR A 368 -2.63 39.13 -4.58
C THR A 368 -1.66 38.48 -3.60
N SER A 369 -0.55 37.94 -4.11
CA SER A 369 0.47 37.39 -3.23
C SER A 369 1.03 38.44 -2.30
N ASP A 370 1.05 39.70 -2.75
CA ASP A 370 1.56 40.79 -1.94
C ASP A 370 0.67 41.04 -0.72
N VAL A 371 -0.63 41.15 -0.96
CA VAL A 371 -1.57 41.36 0.14
C VAL A 371 -1.56 40.17 1.09
N LEU A 372 -1.52 38.95 0.53
CA LEU A 372 -1.47 37.76 1.38
C LEU A 372 -0.22 37.75 2.24
N THR A 373 0.93 38.11 1.67
CA THR A 373 2.17 38.12 2.42
C THR A 373 2.12 39.16 3.54
N ILE A 374 1.59 40.35 3.26
CA ILE A 374 1.54 41.38 4.30
C ILE A 374 0.63 40.95 5.44
N SER A 375 -0.56 40.43 5.11
CA SER A 375 -1.47 39.99 6.15
C SER A 375 -0.88 38.86 6.98
N GLY A 376 -0.29 37.87 6.31
CA GLY A 376 0.34 36.78 7.03
C GLY A 376 1.50 37.22 7.88
N THR A 377 2.26 38.23 7.45
CA THR A 377 3.38 38.71 8.23
C THR A 377 2.92 39.43 9.48
N ILE A 378 1.85 40.25 9.37
CA ILE A 378 1.30 40.87 10.57
C ILE A 378 0.80 39.80 11.54
N MET A 379 0.10 38.79 11.02
CA MET A 379 -0.40 37.73 11.89
C MET A 379 0.74 36.95 12.54
N LYS A 380 1.82 36.70 11.80
CA LYS A 380 2.97 35.99 12.35
C LYS A 380 3.68 36.82 13.42
N ILE A 381 3.78 38.13 13.21
CA ILE A 381 4.35 39.00 14.23
C ILE A 381 3.51 38.95 15.50
N GLY A 382 2.19 38.99 15.35
CA GLY A 382 1.33 38.84 16.53
C GLY A 382 1.50 37.51 17.24
N ILE A 383 1.58 36.42 16.46
CA ILE A 383 1.75 35.10 17.06
C ILE A 383 3.05 35.02 17.84
N GLU A 384 4.14 35.53 17.25
CA GLU A 384 5.42 35.55 17.95
C GLU A 384 5.39 36.48 19.16
N ALA A 385 4.60 37.56 19.09
CA ALA A 385 4.39 38.43 20.24
C ALA A 385 3.48 37.80 21.29
N LYS A 386 2.91 36.63 20.98
CA LYS A 386 2.22 35.73 21.91
C LYS A 386 0.77 36.11 22.18
N ASN A 387 0.18 37.03 21.42
CA ASN A 387 -1.18 37.48 21.69
C ASN A 387 -2.15 37.18 20.54
N LEU A 388 -1.79 36.29 19.62
CA LEU A 388 -2.68 35.94 18.52
C LEU A 388 -3.11 34.49 18.56
N ALA A 389 -2.17 33.55 18.56
CA ALA A 389 -2.44 32.10 18.67
C ALA A 389 -3.32 31.58 17.54
N SER A 390 -3.38 32.28 16.40
CA SER A 390 -4.15 31.82 15.24
C SER A 390 -3.17 31.33 14.18
N TYR A 391 -2.76 30.07 14.33
CA TYR A 391 -1.69 29.53 13.49
C TYR A 391 -2.18 29.11 12.11
N ASP A 392 -3.40 28.57 12.03
CA ASP A 392 -3.87 28.01 10.76
C ASP A 392 -4.03 29.09 9.69
N VAL A 393 -4.66 30.21 10.06
CA VAL A 393 -4.91 31.27 9.07
C VAL A 393 -3.59 31.87 8.59
N CYS A 394 -2.67 32.14 9.51
CA CYS A 394 -1.37 32.70 9.13
C CYS A 394 -0.60 31.73 8.23
N SER A 395 -0.61 30.45 8.59
CA SER A 395 0.10 29.45 7.78
C SER A 395 -0.50 29.37 6.38
N ILE A 396 -1.83 29.38 6.27
CA ILE A 396 -2.47 29.32 4.96
C ILE A 396 -2.12 30.55 4.15
N LEU A 397 -2.18 31.74 4.77
CA LEU A 397 -1.85 32.97 4.05
C LEU A 397 -0.42 32.94 3.52
N LEU A 398 0.54 32.59 4.39
CA LEU A 398 1.94 32.60 3.97
C LEU A 398 2.22 31.53 2.93
N GLY A 399 1.62 30.35 3.08
CA GLY A 399 1.83 29.29 2.10
C GLY A 399 1.26 29.62 0.75
N THR A 400 0.05 30.18 0.72
CA THR A 400 -0.54 30.58 -0.55
C THR A 400 0.29 31.68 -1.20
N SER A 401 0.78 32.63 -0.41
CA SER A 401 1.63 33.68 -0.96
C SER A 401 2.93 33.12 -1.53
N THR A 402 3.56 32.17 -0.83
CA THR A 402 4.79 31.57 -1.33
C THR A 402 4.53 30.79 -2.63
N LEU A 403 3.42 30.05 -2.68
CA LEU A 403 3.07 29.33 -3.89
C LEU A 403 2.86 30.30 -5.06
N LEU A 404 2.18 31.41 -4.80
CA LEU A 404 1.94 32.39 -5.86
C LEU A 404 3.23 33.03 -6.34
N VAL A 405 4.13 33.40 -5.41
CA VAL A 405 5.36 34.05 -5.83
C VAL A 405 6.27 33.08 -6.57
N TRP A 406 6.19 31.78 -6.26
CA TRP A 406 6.94 30.82 -7.05
C TRP A 406 6.30 30.53 -8.39
N VAL A 407 4.98 30.62 -8.50
CA VAL A 407 4.34 30.49 -9.81
C VAL A 407 4.79 31.62 -10.73
N GLY A 408 5.14 32.78 -10.17
CA GLY A 408 5.51 33.94 -10.94
C GLY A 408 6.81 33.87 -11.70
N VAL A 409 7.62 32.82 -11.50
CA VAL A 409 8.84 32.66 -12.30
C VAL A 409 8.52 32.26 -13.73
N ILE A 410 7.31 31.74 -13.97
CA ILE A 410 6.88 31.47 -15.34
C ILE A 410 6.88 32.75 -16.16
N ARG A 411 6.64 33.89 -15.52
CA ARG A 411 6.69 35.17 -16.22
C ARG A 411 8.06 35.40 -16.85
N TYR A 412 9.13 35.11 -16.11
CA TYR A 412 10.47 35.27 -16.65
C TYR A 412 10.83 34.14 -17.60
N LEU A 413 10.22 32.97 -17.43
CA LEU A 413 10.48 31.87 -18.35
C LEU A 413 9.85 32.12 -19.71
N THR A 414 8.74 32.85 -19.76
CA THR A 414 8.11 33.18 -21.04
C THR A 414 8.89 34.24 -21.81
N PHE A 415 9.81 34.94 -21.16
CA PHE A 415 10.58 35.98 -21.85
C PHE A 415 11.47 35.38 -22.93
N PHE A 416 11.75 34.09 -22.87
CA PHE A 416 12.51 33.38 -23.89
C PHE A 416 11.53 32.73 -24.86
N HIS A 417 12.04 31.85 -25.73
CA HIS A 417 11.24 31.24 -26.77
C HIS A 417 10.98 29.75 -26.55
N ASN A 418 12.04 29.00 -26.22
CA ASN A 418 11.90 27.56 -26.05
C ASN A 418 11.09 27.18 -24.82
N TYR A 419 11.00 28.07 -23.82
CA TYR A 419 10.11 27.86 -22.69
C TYR A 419 8.72 28.40 -22.98
N ASN A 420 8.66 29.51 -23.71
CA ASN A 420 7.39 30.12 -24.05
C ASN A 420 6.55 29.20 -24.93
N ILE A 421 7.18 28.37 -25.76
CA ILE A 421 6.39 27.44 -26.56
C ILE A 421 5.64 26.45 -25.66
N LEU A 422 6.30 25.92 -24.64
CA LEU A 422 5.64 24.99 -23.71
C LEU A 422 4.55 25.70 -22.91
N ILE A 423 4.84 26.90 -22.43
CA ILE A 423 3.85 27.62 -21.63
C ILE A 423 2.64 27.99 -22.48
N ALA A 424 2.87 28.37 -23.74
CA ALA A 424 1.76 28.65 -24.65
C ALA A 424 0.97 27.40 -24.99
N THR A 425 1.65 26.25 -25.07
CA THR A 425 0.93 24.99 -25.27
C THR A 425 -0.02 24.72 -24.11
N LEU A 426 0.46 24.90 -22.88
CA LEU A 426 -0.41 24.71 -21.72
C LEU A 426 -1.57 25.71 -21.72
N ARG A 427 -1.28 26.97 -22.06
CA ARG A 427 -2.32 27.99 -22.08
C ARG A 427 -3.39 27.66 -23.12
N VAL A 428 -2.97 27.18 -24.29
CA VAL A 428 -3.93 26.81 -25.34
C VAL A 428 -4.74 25.60 -24.91
N ALA A 429 -4.11 24.63 -24.24
CA ALA A 429 -4.82 23.41 -23.88
C ALA A 429 -5.80 23.61 -22.74
N LEU A 430 -5.56 24.60 -21.87
CA LEU A 430 -6.34 24.73 -20.64
C LEU A 430 -7.86 24.77 -20.83
N PRO A 431 -8.44 25.58 -21.73
CA PRO A 431 -9.92 25.65 -21.80
C PRO A 431 -10.58 24.33 -22.14
N SER A 432 -10.07 23.61 -23.14
CA SER A 432 -10.65 22.32 -23.49
C SER A 432 -10.50 21.33 -22.35
N VAL A 433 -9.39 21.43 -21.61
CA VAL A 433 -9.21 20.58 -20.43
C VAL A 433 -10.29 20.85 -19.40
N MET A 434 -10.60 22.13 -19.16
CA MET A 434 -11.64 22.46 -18.18
C MET A 434 -13.01 21.99 -18.65
N ARG A 435 -13.31 22.11 -19.95
CA ARG A 435 -14.61 21.67 -20.45
C ARG A 435 -14.76 20.15 -20.33
N PHE A 436 -13.72 19.40 -20.71
CA PHE A 436 -13.76 17.96 -20.54
C PHE A 436 -13.80 17.58 -19.07
N CYS A 437 -13.19 18.39 -18.20
CA CYS A 437 -13.32 18.18 -16.76
C CYS A 437 -14.77 18.32 -16.34
N CYS A 438 -15.48 19.31 -16.89
CA CYS A 438 -16.90 19.46 -16.58
C CYS A 438 -17.67 18.19 -16.93
N CYS A 439 -17.51 17.69 -18.16
CA CYS A 439 -18.26 16.50 -18.57
C CYS A 439 -17.89 15.27 -17.74
N ALA A 440 -16.58 14.98 -17.66
CA ALA A 440 -16.12 13.82 -16.90
C ALA A 440 -16.51 13.94 -15.43
N GLY A 441 -16.55 15.15 -14.88
CA GLY A 441 -16.93 15.32 -13.50
C GLY A 441 -18.42 15.14 -13.26
N VAL A 442 -19.24 15.46 -14.26
CA VAL A 442 -20.67 15.13 -14.15
C VAL A 442 -20.85 13.62 -14.07
N ILE A 443 -20.17 12.88 -14.95
CA ILE A 443 -20.22 11.42 -14.86
C ILE A 443 -19.66 10.93 -13.53
N TYR A 444 -18.60 11.59 -13.07
CA TYR A 444 -17.93 11.24 -11.81
C TYR A 444 -18.86 11.43 -10.62
N LEU A 445 -19.63 12.52 -10.62
CA LEU A 445 -20.60 12.74 -9.54
C LEU A 445 -21.69 11.69 -9.55
N GLY A 446 -22.17 11.31 -10.75
CA GLY A 446 -23.13 10.22 -10.81
C GLY A 446 -22.59 8.95 -10.20
N TYR A 447 -21.37 8.57 -10.56
CA TYR A 447 -20.74 7.39 -9.99
C TYR A 447 -20.55 7.52 -8.49
N CYS A 448 -20.20 8.73 -8.02
CA CYS A 448 -19.97 8.94 -6.60
C CYS A 448 -21.25 8.72 -5.80
N PHE A 449 -22.37 9.29 -6.27
CA PHE A 449 -23.63 9.08 -5.58
C PHE A 449 -24.03 7.61 -5.57
N CYS A 450 -23.89 6.93 -6.72
CA CYS A 450 -24.26 5.52 -6.78
C CYS A 450 -23.40 4.68 -5.83
N GLY A 451 -22.09 4.90 -5.86
CA GLY A 451 -21.19 4.14 -5.01
C GLY A 451 -21.45 4.38 -3.53
N TRP A 452 -21.67 5.65 -3.16
CA TRP A 452 -22.04 5.94 -1.78
C TRP A 452 -23.28 5.15 -1.37
N ILE A 453 -24.39 5.37 -2.08
CA ILE A 453 -25.66 4.80 -1.65
C ILE A 453 -25.63 3.28 -1.64
N VAL A 454 -24.79 2.65 -2.46
CA VAL A 454 -24.82 1.19 -2.49
C VAL A 454 -23.78 0.58 -1.56
N LEU A 455 -22.54 1.09 -1.54
CA LEU A 455 -21.46 0.46 -0.80
C LEU A 455 -21.16 1.12 0.54
N GLY A 456 -21.96 2.09 0.98
CA GLY A 456 -21.81 2.62 2.31
C GLY A 456 -22.02 1.61 3.42
N PRO A 457 -23.11 0.84 3.35
CA PRO A 457 -23.36 -0.17 4.40
C PRO A 457 -22.32 -1.27 4.47
N TYR A 458 -21.53 -1.48 3.42
CA TYR A 458 -20.67 -2.65 3.36
C TYR A 458 -19.19 -2.32 3.29
N HIS A 459 -18.81 -1.29 2.55
CA HIS A 459 -17.41 -0.97 2.30
C HIS A 459 -16.98 0.17 3.22
N VAL A 460 -15.91 -0.06 3.98
CA VAL A 460 -15.39 0.96 4.89
C VAL A 460 -14.80 2.14 4.17
N LYS A 461 -14.52 2.01 2.87
CA LYS A 461 -13.96 3.08 2.06
C LYS A 461 -15.03 3.97 1.45
N PHE A 462 -16.31 3.64 1.63
CA PHE A 462 -17.43 4.33 1.00
C PHE A 462 -18.39 4.90 2.02
N ARG A 463 -17.89 5.29 3.20
CA ARG A 463 -18.78 5.65 4.31
C ARG A 463 -19.42 7.02 4.09
N SER A 464 -18.63 8.01 3.68
CA SER A 464 -19.13 9.36 3.45
C SER A 464 -18.91 9.75 2.00
N LEU A 465 -19.57 10.82 1.56
CA LEU A 465 -19.46 11.26 0.18
C LEU A 465 -18.05 11.74 -0.15
N SER A 466 -17.42 12.48 0.77
CA SER A 466 -16.05 12.92 0.54
C SER A 466 -15.10 11.73 0.49
N MET A 467 -15.32 10.73 1.35
CA MET A 467 -14.50 9.52 1.31
C MET A 467 -14.68 8.79 0.00
N VAL A 468 -15.92 8.71 -0.51
CA VAL A 468 -16.17 8.07 -1.80
C VAL A 468 -15.45 8.83 -2.91
N SER A 469 -15.50 10.16 -2.87
CA SER A 469 -14.82 10.95 -3.89
C SER A 469 -13.32 10.72 -3.86
N GLU A 470 -12.73 10.70 -2.66
CA GLU A 470 -11.29 10.44 -2.55
C GLU A 470 -10.94 9.04 -3.05
N CYS A 471 -11.75 8.05 -2.69
CA CYS A 471 -11.50 6.68 -3.14
C CYS A 471 -11.54 6.59 -4.65
N LEU A 472 -12.57 7.18 -5.28
CA LEU A 472 -12.68 7.11 -6.73
C LEU A 472 -11.56 7.88 -7.41
N PHE A 473 -11.20 9.05 -6.87
CA PHE A 473 -10.13 9.84 -7.48
C PHE A 473 -8.79 9.11 -7.41
N SER A 474 -8.49 8.48 -6.27
CA SER A 474 -7.27 7.68 -6.18
C SER A 474 -7.37 6.41 -7.02
N LEU A 475 -8.59 5.93 -7.28
CA LEU A 475 -8.78 4.73 -8.07
C LEU A 475 -8.57 4.97 -9.56
N ILE A 476 -8.93 6.15 -10.06
CA ILE A 476 -8.66 6.48 -11.47
C ILE A 476 -7.20 6.80 -11.71
N ASN A 477 -6.38 6.89 -10.67
CA ASN A 477 -4.95 7.13 -10.81
C ASN A 477 -4.13 5.91 -10.45
N GLY A 478 -4.75 4.73 -10.45
CA GLY A 478 -4.03 3.48 -10.19
C GLY A 478 -3.50 3.33 -8.77
N ASP A 479 -4.29 3.70 -7.77
CA ASP A 479 -3.87 3.57 -6.38
C ASP A 479 -4.97 2.88 -5.58
N ASP A 480 -4.58 1.93 -4.74
CA ASP A 480 -5.47 1.26 -3.79
C ASP A 480 -6.64 0.58 -4.49
N MET A 481 -6.34 -0.15 -5.57
CA MET A 481 -7.38 -0.84 -6.32
C MET A 481 -7.65 -2.23 -5.75
N PHE A 482 -6.59 -2.98 -5.44
CA PHE A 482 -6.79 -4.34 -4.97
C PHE A 482 -7.39 -4.36 -3.57
N VAL A 483 -7.07 -3.39 -2.72
CA VAL A 483 -7.69 -3.34 -1.39
C VAL A 483 -9.18 -3.04 -1.53
N THR A 484 -9.55 -2.18 -2.47
CA THR A 484 -10.96 -1.93 -2.74
C THR A 484 -11.68 -3.18 -3.20
N PHE A 485 -11.03 -3.97 -4.07
CA PHE A 485 -11.64 -5.21 -4.52
C PHE A 485 -11.72 -6.25 -3.39
N ALA A 486 -10.70 -6.30 -2.54
CA ALA A 486 -10.65 -7.30 -1.48
C ALA A 486 -11.63 -7.00 -0.35
N ALA A 487 -11.87 -5.72 -0.06
CA ALA A 487 -12.87 -5.38 0.95
C ALA A 487 -14.26 -5.84 0.56
N MET A 488 -14.52 -5.98 -0.74
CA MET A 488 -15.79 -6.54 -1.20
C MET A 488 -15.74 -8.05 -1.35
N GLN A 489 -14.58 -8.61 -1.69
CA GLN A 489 -14.40 -10.06 -1.63
C GLN A 489 -14.64 -10.59 -0.23
N ALA A 490 -14.38 -9.74 0.78
CA ALA A 490 -14.58 -10.15 2.19
C ALA A 490 -16.08 -10.19 2.52
N GLN A 491 -16.93 -9.98 1.51
CA GLN A 491 -18.40 -9.96 1.74
C GLN A 491 -19.08 -10.98 0.81
N GLN A 492 -18.32 -11.60 -0.09
CA GLN A 492 -18.93 -12.53 -1.08
C GLN A 492 -19.95 -13.47 -0.39
N GLY A 493 -19.72 -13.82 0.88
CA GLY A 493 -20.64 -14.69 1.59
C GLY A 493 -21.97 -14.02 1.83
N ARG A 494 -21.94 -12.75 2.23
CA ARG A 494 -23.15 -11.94 2.34
C ARG A 494 -23.58 -11.58 0.92
N SER A 495 -24.50 -10.62 0.79
CA SER A 495 -25.31 -10.44 -0.41
C SER A 495 -24.51 -10.56 -1.71
N SER A 496 -24.85 -11.60 -2.49
CA SER A 496 -24.19 -11.81 -3.76
C SER A 496 -24.66 -10.79 -4.79
N LEU A 497 -25.89 -10.30 -4.65
CA LEU A 497 -26.33 -9.18 -5.48
C LEU A 497 -25.45 -7.96 -5.26
N VAL A 498 -25.14 -7.65 -4.01
CA VAL A 498 -24.27 -6.52 -3.70
C VAL A 498 -22.86 -6.78 -4.22
N TRP A 499 -22.35 -8.01 -4.07
CA TRP A 499 -21.01 -8.31 -4.58
C TRP A 499 -20.95 -8.16 -6.10
N LEU A 500 -21.95 -8.68 -6.81
CA LEU A 500 -21.98 -8.57 -8.26
C LEU A 500 -22.09 -7.12 -8.70
N PHE A 501 -22.92 -6.33 -8.02
CA PHE A 501 -23.04 -4.92 -8.36
C PHE A 501 -21.72 -4.21 -8.12
N SER A 502 -21.02 -4.54 -7.03
CA SER A 502 -19.72 -3.91 -6.76
C SER A 502 -18.73 -4.26 -7.84
N GLN A 503 -18.70 -5.53 -8.28
CA GLN A 503 -17.81 -5.93 -9.37
C GLN A 503 -18.09 -5.13 -10.63
N LEU A 504 -19.36 -5.09 -11.05
CA LEU A 504 -19.73 -4.36 -12.27
C LEU A 504 -19.39 -2.88 -12.14
N TYR A 505 -19.73 -2.28 -11.01
CA TYR A 505 -19.51 -0.86 -10.78
C TYR A 505 -18.03 -0.52 -10.84
N LEU A 506 -17.20 -1.25 -10.10
CA LEU A 506 -15.77 -0.96 -10.06
C LEU A 506 -15.13 -1.17 -11.43
N TYR A 507 -15.42 -2.30 -12.08
CA TYR A 507 -14.80 -2.56 -13.38
C TYR A 507 -15.20 -1.51 -14.40
N SER A 508 -16.50 -1.18 -14.46
CA SER A 508 -16.97 -0.18 -15.42
C SER A 508 -16.33 1.17 -15.18
N PHE A 509 -16.32 1.62 -13.91
CA PHE A 509 -15.78 2.93 -13.60
C PHE A 509 -14.29 3.01 -13.93
N ILE A 510 -13.53 2.00 -13.52
CA ILE A 510 -12.09 2.04 -13.74
C ILE A 510 -11.77 1.98 -15.23
N SER A 511 -12.44 1.09 -15.98
CA SER A 511 -12.19 1.00 -17.41
C SER A 511 -12.52 2.32 -18.10
N LEU A 512 -13.69 2.88 -17.79
CA LEU A 512 -14.13 4.10 -18.45
C LEU A 512 -13.20 5.27 -18.15
N PHE A 513 -12.73 5.40 -16.91
CA PHE A 513 -11.94 6.56 -16.56
C PHE A 513 -10.44 6.37 -16.79
N ILE A 514 -9.97 5.15 -17.03
CA ILE A 514 -8.58 4.93 -17.36
C ILE A 514 -8.35 4.90 -18.87
N TYR A 515 -9.19 4.17 -19.60
CA TYR A 515 -8.95 3.96 -21.02
C TYR A 515 -9.52 5.06 -21.91
N MET A 516 -10.41 5.91 -21.39
CA MET A 516 -11.05 6.92 -22.23
C MET A 516 -10.77 8.34 -21.77
N VAL A 517 -11.02 8.65 -20.49
CA VAL A 517 -10.93 10.04 -20.03
C VAL A 517 -9.48 10.52 -20.01
N LEU A 518 -8.59 9.73 -19.41
CA LEU A 518 -7.18 10.11 -19.36
C LEU A 518 -6.57 10.14 -20.76
N SER A 519 -6.96 9.20 -21.61
CA SER A 519 -6.48 9.19 -22.98
C SER A 519 -6.94 10.44 -23.73
N LEU A 520 -8.17 10.88 -23.49
CA LEU A 520 -8.64 12.10 -24.13
C LEU A 520 -7.92 13.33 -23.60
N PHE A 521 -7.57 13.34 -22.31
CA PHE A 521 -6.75 14.44 -21.79
C PHE A 521 -5.39 14.49 -22.49
N ILE A 522 -4.77 13.31 -22.65
CA ILE A 522 -3.49 13.23 -23.35
C ILE A 522 -3.64 13.71 -24.79
N ALA A 523 -4.73 13.32 -25.45
CA ALA A 523 -4.97 13.73 -26.83
C ALA A 523 -5.15 15.24 -26.93
N LEU A 524 -5.85 15.84 -25.96
CA LEU A 524 -6.03 17.29 -25.96
C LEU A 524 -4.68 17.99 -25.86
N ILE A 525 -3.83 17.54 -24.93
CA ILE A 525 -2.53 18.19 -24.77
C ILE A 525 -1.67 18.00 -26.01
N THR A 526 -1.69 16.79 -26.60
CA THR A 526 -0.91 16.54 -27.80
C THR A 526 -1.38 17.41 -28.96
N GLY A 527 -2.69 17.54 -29.12
CA GLY A 527 -3.21 18.42 -30.17
C GLY A 527 -2.81 19.87 -29.97
N ALA A 528 -2.89 20.36 -28.73
CA ALA A 528 -2.47 21.73 -28.45
C ALA A 528 -0.99 21.93 -28.79
N TYR A 529 -0.16 20.96 -28.43
CA TYR A 529 1.27 21.03 -28.77
C TYR A 529 1.47 21.06 -30.28
N ASP A 530 0.69 20.26 -31.01
CA ASP A 530 0.81 20.24 -32.46
C ASP A 530 0.44 21.59 -33.07
N THR A 531 -0.65 22.20 -32.60
CA THR A 531 -1.01 23.53 -33.12
C THR A 531 0.04 24.57 -32.76
N ILE A 532 0.62 24.48 -31.56
CA ILE A 532 1.66 25.44 -31.17
C ILE A 532 2.87 25.31 -32.09
N LYS A 533 3.29 24.08 -32.39
CA LYS A 533 4.42 23.92 -33.30
C LYS A 533 4.06 24.30 -34.73
N HIS A 534 2.80 24.15 -35.12
CA HIS A 534 2.40 24.41 -36.50
C HIS A 534 1.53 25.67 -36.58
N TYR B 55 -36.64 20.68 -40.22
CA TYR B 55 -37.58 19.56 -40.21
C TYR B 55 -38.53 19.74 -39.03
N PHE B 56 -38.14 20.61 -38.10
CA PHE B 56 -38.87 20.87 -36.85
C PHE B 56 -38.90 19.60 -35.97
N PHE B 57 -38.00 18.67 -36.32
CA PHE B 57 -37.83 17.43 -35.52
C PHE B 57 -36.32 17.16 -35.60
N MET B 58 -35.69 16.66 -34.54
CA MET B 58 -34.21 16.49 -34.52
C MET B 58 -33.56 17.88 -34.44
N SER B 59 -34.30 18.96 -34.69
CA SER B 59 -33.74 20.30 -34.50
C SER B 59 -33.14 20.45 -33.11
N PRO B 60 -32.20 21.37 -32.91
CA PRO B 60 -31.74 21.70 -31.55
C PRO B 60 -32.75 22.59 -30.85
N CYS B 61 -32.64 22.63 -29.52
CA CYS B 61 -33.63 23.33 -28.70
C CYS B 61 -33.62 24.83 -28.93
N ASP B 62 -32.44 25.45 -28.99
CA ASP B 62 -32.37 26.87 -29.31
C ASP B 62 -33.01 27.17 -30.66
N LYS B 63 -32.97 26.18 -31.56
CA LYS B 63 -33.57 26.34 -32.88
C LYS B 63 -35.08 26.12 -32.86
N PHE B 64 -35.59 25.24 -31.98
CA PHE B 64 -37.05 25.21 -31.80
C PHE B 64 -37.55 26.55 -31.29
N ARG B 65 -36.84 27.14 -30.33
CA ARG B 65 -37.31 28.38 -29.72
C ARG B 65 -37.43 29.51 -30.73
N ALA B 66 -36.52 29.53 -31.72
CA ALA B 66 -36.57 30.56 -32.76
C ALA B 66 -37.86 30.49 -33.56
N LYS B 67 -38.38 29.28 -33.80
CA LYS B 67 -39.57 29.08 -34.64
C LYS B 67 -40.55 28.15 -33.92
N GLY B 68 -40.81 28.42 -32.64
CA GLY B 68 -41.79 27.62 -31.93
C GLY B 68 -41.97 27.94 -30.46
N ARG B 69 -42.22 26.91 -29.65
CA ARG B 69 -42.59 27.11 -28.26
C ARG B 69 -41.39 27.15 -27.33
N LYS B 70 -41.65 27.14 -26.02
CA LYS B 70 -40.63 27.31 -25.00
C LYS B 70 -40.10 25.96 -24.55
N PRO B 71 -38.83 25.89 -24.16
CA PRO B 71 -38.27 24.61 -23.70
C PRO B 71 -38.79 24.23 -22.31
N CYS B 72 -40.04 23.81 -22.23
CA CYS B 72 -40.66 23.49 -20.95
C CYS B 72 -40.43 22.06 -20.51
N LYS B 73 -39.78 21.23 -21.33
CA LYS B 73 -39.46 19.87 -20.94
C LYS B 73 -38.02 19.70 -20.48
N LEU B 74 -37.13 20.63 -20.83
CA LEU B 74 -35.79 20.59 -20.30
C LEU B 74 -35.75 21.09 -18.85
N MET B 75 -36.67 21.97 -18.48
CA MET B 75 -36.78 22.41 -17.09
C MET B 75 -37.22 21.26 -16.19
N LEU B 76 -38.12 20.41 -16.68
CA LEU B 76 -38.59 19.29 -15.88
C LEU B 76 -37.47 18.32 -15.55
N GLN B 77 -36.50 18.15 -16.45
CA GLN B 77 -35.44 17.19 -16.24
C GLN B 77 -34.47 17.63 -15.15
N VAL B 78 -34.10 18.91 -15.12
CA VAL B 78 -33.20 19.39 -14.09
C VAL B 78 -33.87 19.34 -12.72
N VAL B 79 -35.17 19.61 -12.67
CA VAL B 79 -35.93 19.43 -11.44
C VAL B 79 -35.89 17.97 -11.00
N LYS B 80 -36.00 17.04 -11.95
CA LYS B 80 -35.92 15.63 -11.62
C LYS B 80 -34.55 15.27 -11.06
N ILE B 81 -33.48 15.81 -11.66
CA ILE B 81 -32.14 15.56 -11.15
C ILE B 81 -32.03 16.06 -9.72
N LEU B 82 -32.52 17.28 -9.47
CA LEU B 82 -32.46 17.86 -8.13
C LEU B 82 -33.17 16.99 -7.11
N VAL B 83 -34.42 16.61 -7.41
CA VAL B 83 -35.21 15.87 -6.42
C VAL B 83 -34.64 14.48 -6.20
N VAL B 84 -34.17 13.82 -7.26
CA VAL B 84 -33.59 12.50 -7.11
C VAL B 84 -32.33 12.56 -6.26
N THR B 85 -31.47 13.55 -6.51
CA THR B 85 -30.25 13.67 -5.73
C THR B 85 -30.56 13.95 -4.26
N VAL B 86 -31.51 14.84 -3.99
CA VAL B 86 -31.85 15.17 -2.60
C VAL B 86 -32.40 13.94 -1.88
N GLN B 87 -33.31 13.20 -2.53
CA GLN B 87 -33.87 12.01 -1.93
C GLN B 87 -32.78 10.98 -1.63
N LEU B 88 -31.86 10.78 -2.58
CA LEU B 88 -30.78 9.82 -2.38
C LEU B 88 -29.89 10.24 -1.21
N ILE B 89 -29.60 11.53 -1.08
CA ILE B 89 -28.74 12.00 0.01
C ILE B 89 -29.41 11.75 1.36
N LEU B 90 -30.71 12.09 1.48
CA LEU B 90 -31.41 11.87 2.74
C LEU B 90 -31.45 10.39 3.10
N PHE B 91 -31.77 9.55 2.12
CA PHE B 91 -31.82 8.11 2.36
C PHE B 91 -30.45 7.58 2.79
N GLY B 92 -29.38 8.09 2.16
CA GLY B 92 -28.05 7.66 2.53
C GLY B 92 -27.66 8.05 3.95
N LEU B 93 -28.05 9.25 4.37
CA LEU B 93 -27.77 9.65 5.75
C LEU B 93 -28.47 8.74 6.75
N SER B 94 -29.75 8.46 6.52
CA SER B 94 -30.47 7.57 7.43
C SER B 94 -29.85 6.17 7.45
N ASN B 95 -29.46 5.67 6.27
CA ASN B 95 -28.83 4.36 6.19
C ASN B 95 -27.49 4.34 6.91
N GLN B 96 -26.72 5.43 6.80
CA GLN B 96 -25.47 5.54 7.54
C GLN B 96 -25.71 5.37 9.03
N LEU B 97 -26.71 6.07 9.55
CA LEU B 97 -27.01 5.96 10.99
C LEU B 97 -27.34 4.52 11.37
N ALA B 98 -28.25 3.88 10.62
CA ALA B 98 -28.65 2.52 10.96
C ALA B 98 -27.47 1.55 10.88
N VAL B 99 -26.65 1.67 9.83
CA VAL B 99 -25.51 0.78 9.65
C VAL B 99 -24.51 0.95 10.79
N THR B 100 -24.26 2.19 11.19
CA THR B 100 -23.34 2.42 12.31
C THR B 100 -23.87 1.78 13.59
N PHE B 101 -25.17 1.92 13.86
CA PHE B 101 -25.75 1.28 15.03
C PHE B 101 -25.52 -0.23 15.00
N ARG B 102 -25.84 -0.87 13.87
CA ARG B 102 -25.70 -2.32 13.78
C ARG B 102 -24.24 -2.75 13.93
N GLU B 103 -23.32 -2.04 13.29
CA GLU B 103 -21.90 -2.39 13.36
C GLU B 103 -21.37 -2.28 14.78
N GLU B 104 -21.71 -1.20 15.47
CA GLU B 104 -21.24 -1.03 16.85
C GLU B 104 -21.82 -2.10 17.76
N ASN B 105 -23.09 -2.45 17.58
CA ASN B 105 -23.68 -3.50 18.39
C ASN B 105 -22.99 -4.84 18.15
N THR B 106 -22.67 -5.15 16.88
CA THR B 106 -21.99 -6.40 16.57
C THR B 106 -20.59 -6.43 17.18
N ILE B 107 -19.86 -5.31 17.13
CA ILE B 107 -18.53 -5.27 17.72
C ILE B 107 -18.61 -5.48 19.23
N ALA B 108 -19.58 -4.84 19.88
CA ALA B 108 -19.76 -5.05 21.31
C ALA B 108 -20.09 -6.51 21.62
N PHE B 109 -20.93 -7.13 20.77
CA PHE B 109 -21.27 -8.54 20.97
C PHE B 109 -20.03 -9.42 20.87
N ARG B 110 -19.18 -9.16 19.87
CA ARG B 110 -17.95 -9.95 19.74
C ARG B 110 -17.06 -9.80 20.97
N HIS B 111 -16.86 -8.55 21.42
CA HIS B 111 -16.02 -8.34 22.58
C HIS B 111 -16.60 -8.98 23.84
N LEU B 112 -17.93 -9.03 23.94
CA LEU B 112 -18.55 -9.61 25.12
C LEU B 112 -18.51 -11.13 25.11
N PHE B 113 -18.68 -11.77 23.95
CA PHE B 113 -18.92 -13.20 23.91
C PHE B 113 -17.74 -14.04 23.42
N LEU B 114 -16.76 -13.46 22.72
CA LEU B 114 -15.62 -14.23 22.24
C LEU B 114 -14.48 -14.12 23.25
N LEU B 115 -14.02 -15.27 23.74
CA LEU B 115 -12.99 -15.31 24.77
C LEU B 115 -11.64 -14.96 24.17
N GLY B 116 -10.95 -14.00 24.79
CA GLY B 116 -9.65 -13.58 24.30
C GLY B 116 -9.67 -12.96 22.92
N TYR B 117 -10.71 -12.21 22.61
CA TYR B 117 -10.85 -11.58 21.30
C TYR B 117 -10.26 -10.18 21.31
N SER B 118 -9.54 -9.85 20.25
CA SER B 118 -8.96 -8.52 20.07
C SER B 118 -9.37 -7.99 18.70
N ASP B 119 -9.44 -6.66 18.60
CA ASP B 119 -9.81 -6.03 17.35
C ASP B 119 -8.78 -6.33 16.27
N GLY B 120 -9.27 -6.76 15.10
CA GLY B 120 -8.42 -7.15 13.99
C GLY B 120 -8.22 -8.64 13.84
N ALA B 121 -8.49 -9.41 14.89
CA ALA B 121 -8.36 -10.87 14.84
C ALA B 121 -9.72 -11.49 14.57
N ASP B 122 -10.17 -11.34 13.33
CA ASP B 122 -11.46 -11.86 12.88
C ASP B 122 -11.35 -13.07 11.99
N ASP B 123 -10.45 -13.04 11.00
CA ASP B 123 -10.27 -14.17 10.10
C ASP B 123 -9.31 -15.21 10.66
N THR B 124 -8.43 -14.83 11.59
CA THR B 124 -7.49 -15.77 12.19
C THR B 124 -7.97 -16.34 13.51
N PHE B 125 -8.97 -15.73 14.14
CA PHE B 125 -9.48 -16.18 15.42
C PHE B 125 -9.98 -17.60 15.33
N ALA B 126 -9.38 -18.50 16.11
CA ALA B 126 -9.67 -19.92 16.00
C ALA B 126 -9.26 -20.62 17.29
N ALA B 127 -9.74 -21.84 17.44
CA ALA B 127 -9.38 -22.71 18.56
C ALA B 127 -8.49 -23.84 18.06
N TYR B 128 -7.56 -24.26 18.91
CA TYR B 128 -6.58 -25.27 18.54
C TYR B 128 -6.50 -26.44 19.50
N THR B 129 -7.07 -26.34 20.70
CA THR B 129 -7.10 -27.44 21.65
C THR B 129 -8.52 -27.65 22.15
N ARG B 130 -8.78 -28.87 22.63
CA ARG B 130 -10.09 -29.22 23.15
C ARG B 130 -10.44 -28.38 24.37
N GLU B 131 -9.44 -28.12 25.23
CA GLU B 131 -9.65 -27.22 26.36
C GLU B 131 -9.99 -25.81 25.90
N GLN B 132 -9.33 -25.34 24.84
CA GLN B 132 -9.65 -24.02 24.30
C GLN B 132 -11.09 -23.97 23.81
N LEU B 133 -11.53 -25.00 23.09
CA LEU B 133 -12.90 -25.03 22.60
C LEU B 133 -13.89 -25.03 23.75
N TYR B 134 -13.65 -25.86 24.76
CA TYR B 134 -14.54 -25.91 25.91
C TYR B 134 -14.61 -24.57 26.61
N GLN B 135 -13.45 -23.94 26.82
CA GLN B 135 -13.42 -22.64 27.51
C GLN B 135 -14.17 -21.59 26.72
N ALA B 136 -14.00 -21.57 25.39
CA ALA B 136 -14.71 -20.59 24.57
C ALA B 136 -16.21 -20.78 24.66
N ILE B 137 -16.68 -22.03 24.56
CA ILE B 137 -18.12 -22.29 24.59
C ILE B 137 -18.70 -21.89 25.94
N PHE B 138 -18.04 -22.32 27.03
CA PHE B 138 -18.57 -22.01 28.35
C PHE B 138 -18.51 -20.52 28.65
N HIS B 139 -17.46 -19.84 28.18
CA HIS B 139 -17.39 -18.39 28.36
C HIS B 139 -18.52 -17.69 27.63
N ALA B 140 -18.82 -18.13 26.40
CA ALA B 140 -19.93 -17.52 25.67
C ALA B 140 -21.25 -17.70 26.43
N VAL B 141 -21.50 -18.91 26.93
CA VAL B 141 -22.77 -19.14 27.64
C VAL B 141 -22.82 -18.33 28.93
N ASP B 142 -21.72 -18.30 29.68
CA ASP B 142 -21.71 -17.55 30.94
C ASP B 142 -21.89 -16.07 30.71
N GLN B 143 -21.27 -15.52 29.66
CA GLN B 143 -21.46 -14.12 29.33
C GLN B 143 -22.90 -13.85 28.89
N TYR B 144 -23.54 -14.82 28.24
CA TYR B 144 -24.97 -14.70 27.98
C TYR B 144 -25.75 -14.62 29.28
N LEU B 145 -25.36 -15.40 30.28
CA LEU B 145 -26.08 -15.43 31.55
C LEU B 145 -25.81 -14.20 32.42
N ALA B 146 -24.71 -13.49 32.20
CA ALA B 146 -24.33 -12.35 33.03
C ALA B 146 -24.52 -11.01 32.31
N LEU B 147 -25.14 -11.02 31.14
CA LEU B 147 -25.27 -9.80 30.34
C LEU B 147 -25.99 -8.67 31.06
N PRO B 148 -27.14 -8.88 31.71
CA PRO B 148 -27.80 -7.74 32.37
C PRO B 148 -26.98 -7.10 33.48
N ASP B 149 -25.99 -7.81 34.02
CA ASP B 149 -25.16 -7.26 35.08
C ASP B 149 -23.82 -6.76 34.59
N VAL B 150 -23.35 -7.16 33.42
CA VAL B 150 -22.03 -6.76 32.94
C VAL B 150 -22.07 -5.84 31.73
N SER B 151 -23.15 -5.81 30.95
CA SER B 151 -23.15 -5.10 29.68
C SER B 151 -23.37 -3.60 29.90
N LEU B 152 -22.70 -2.81 29.05
CA LEU B 152 -22.91 -1.36 29.04
C LEU B 152 -24.19 -0.95 28.33
N GLY B 153 -24.72 -1.80 27.45
CA GLY B 153 -25.99 -1.54 26.82
C GLY B 153 -27.15 -2.14 27.57
N ARG B 154 -28.36 -1.87 27.07
CA ARG B 154 -29.58 -2.38 27.65
C ARG B 154 -30.20 -3.38 26.69
N TYR B 155 -30.32 -4.63 27.13
CA TYR B 155 -30.79 -5.72 26.29
C TYR B 155 -31.87 -6.50 27.00
N ALA B 156 -32.74 -7.14 26.21
CA ALA B 156 -33.82 -7.97 26.74
C ALA B 156 -33.78 -9.34 26.10
N TYR B 157 -34.17 -10.35 26.88
CA TYR B 157 -34.22 -11.72 26.41
C TYR B 157 -35.51 -11.97 25.62
N VAL B 158 -35.45 -12.93 24.70
CA VAL B 158 -36.51 -13.18 23.73
C VAL B 158 -37.31 -14.43 24.09
N ARG B 159 -36.64 -15.44 24.63
CA ARG B 159 -37.29 -16.61 25.23
C ARG B 159 -38.14 -17.40 24.23
N GLY B 160 -37.49 -17.97 23.21
CA GLY B 160 -38.15 -18.89 22.30
C GLY B 160 -39.06 -18.21 21.30
N GLY B 161 -40.19 -18.86 21.01
CA GLY B 161 -41.03 -18.46 19.90
C GLY B 161 -40.42 -18.71 18.54
N GLY B 162 -39.73 -19.84 18.38
CA GLY B 162 -39.08 -20.14 17.11
C GLY B 162 -38.71 -21.59 17.03
N ASP B 163 -38.07 -21.94 15.91
CA ASP B 163 -37.71 -23.32 15.61
C ASP B 163 -36.48 -23.77 16.42
N PRO B 164 -35.34 -23.05 16.37
CA PRO B 164 -34.17 -23.54 17.12
C PRO B 164 -34.41 -23.65 18.62
N TRP B 165 -35.16 -22.72 19.19
CA TRP B 165 -35.38 -22.67 20.63
C TRP B 165 -36.74 -23.27 20.99
N THR B 166 -36.77 -24.09 22.03
CA THR B 166 -38.02 -24.61 22.55
C THR B 166 -38.73 -23.52 23.36
N ASN B 167 -39.89 -23.88 23.89
CA ASN B 167 -40.66 -22.92 24.69
C ASN B 167 -39.89 -22.53 25.94
N GLY B 168 -39.83 -21.23 26.21
CA GLY B 168 -39.13 -20.73 27.39
C GLY B 168 -37.64 -20.93 27.36
N SER B 169 -37.03 -20.98 26.18
CA SER B 169 -35.59 -21.17 26.04
C SER B 169 -35.01 -20.02 25.23
N GLY B 170 -33.96 -19.39 25.76
CA GLY B 170 -33.36 -18.25 25.10
C GLY B 170 -32.08 -18.57 24.34
N LEU B 171 -31.36 -19.60 24.76
CA LEU B 171 -30.10 -19.97 24.14
C LEU B 171 -30.14 -21.43 23.71
N ALA B 172 -29.50 -21.72 22.58
CA ALA B 172 -29.45 -23.06 22.02
C ALA B 172 -27.99 -23.42 21.74
N LEU B 173 -27.47 -24.38 22.50
CA LEU B 173 -26.13 -24.92 22.30
C LEU B 173 -26.29 -26.30 21.66
N CYS B 174 -25.86 -26.42 20.41
CA CYS B 174 -26.15 -27.63 19.63
C CYS B 174 -24.89 -28.15 18.96
N GLN B 175 -24.63 -29.44 19.13
CA GLN B 175 -23.62 -30.14 18.35
C GLN B 175 -24.20 -30.60 17.03
N ARG B 176 -23.31 -30.80 16.06
CA ARG B 176 -23.67 -31.45 14.80
C ARG B 176 -22.52 -32.37 14.42
N TYR B 177 -22.79 -33.67 14.38
CA TYR B 177 -21.79 -34.68 14.11
C TYR B 177 -22.36 -35.72 13.15
N TYR B 178 -21.46 -36.50 12.55
CA TYR B 178 -21.87 -37.55 11.64
C TYR B 178 -22.67 -38.62 12.40
N HIS B 179 -23.59 -39.27 11.68
CA HIS B 179 -24.40 -40.31 12.30
C HIS B 179 -23.52 -41.46 12.79
N ARG B 180 -22.56 -41.87 11.98
CA ARG B 180 -21.63 -42.93 12.36
C ARG B 180 -20.25 -42.56 11.86
N GLY B 181 -19.30 -42.39 12.78
CA GLY B 181 -17.95 -42.07 12.40
C GLY B 181 -16.92 -42.93 13.12
N HIS B 182 -16.20 -43.75 12.36
CA HIS B 182 -15.18 -44.64 12.91
C HIS B 182 -13.90 -44.38 12.12
N VAL B 183 -13.13 -43.39 12.55
CA VAL B 183 -11.93 -42.94 11.85
C VAL B 183 -10.72 -43.37 12.66
N ASP B 184 -9.89 -44.23 12.07
CA ASP B 184 -8.58 -44.54 12.64
C ASP B 184 -7.52 -44.39 11.55
N PRO B 185 -6.46 -43.62 11.79
CA PRO B 185 -5.37 -43.51 10.83
C PRO B 185 -4.26 -44.54 11.01
N ALA B 186 -4.30 -45.35 12.08
CA ALA B 186 -3.26 -46.35 12.29
C ALA B 186 -3.41 -47.51 11.30
N ASN B 187 -4.62 -48.03 11.16
CA ASN B 187 -4.92 -49.05 10.16
C ASN B 187 -5.33 -48.44 8.83
N ASP B 188 -5.35 -47.11 8.72
CA ASP B 188 -5.71 -46.41 7.49
C ASP B 188 -7.11 -46.81 7.01
N THR B 189 -8.05 -46.84 7.95
CA THR B 189 -9.40 -47.32 7.69
C THR B 189 -10.43 -46.33 8.23
N PHE B 190 -11.62 -46.35 7.64
CA PHE B 190 -12.72 -45.52 8.11
C PHE B 190 -14.02 -46.14 7.65
N ASP B 191 -15.10 -45.76 8.33
CA ASP B 191 -16.45 -46.19 7.96
C ASP B 191 -17.40 -45.10 8.45
N ILE B 192 -17.83 -44.24 7.54
CA ILE B 192 -18.60 -43.05 7.88
C ILE B 192 -19.97 -43.11 7.22
N ASP B 193 -21.00 -42.78 7.99
CA ASP B 193 -22.31 -42.48 7.43
C ASP B 193 -22.46 -40.97 7.49
N PRO B 194 -22.39 -40.26 6.36
CA PRO B 194 -22.28 -38.79 6.39
C PRO B 194 -23.43 -38.05 7.06
N MET B 195 -24.64 -38.62 7.10
CA MET B 195 -25.81 -37.92 7.61
C MET B 195 -25.54 -37.28 8.97
N VAL B 196 -25.90 -35.99 9.08
CA VAL B 196 -25.53 -35.16 10.22
C VAL B 196 -26.63 -35.23 11.28
N VAL B 197 -26.24 -35.57 12.50
CA VAL B 197 -27.15 -35.62 13.64
C VAL B 197 -26.91 -34.39 14.50
N THR B 198 -27.99 -33.84 15.06
CA THR B 198 -27.93 -32.63 15.87
C THR B 198 -28.39 -32.95 17.29
N ASP B 199 -27.59 -32.52 18.27
CA ASP B 199 -27.94 -32.64 19.67
C ASP B 199 -27.96 -31.23 20.26
N CYS B 200 -29.14 -30.73 20.60
CA CYS B 200 -29.34 -29.34 20.99
C CYS B 200 -29.52 -29.25 22.49
N ILE B 201 -28.80 -28.32 23.12
CA ILE B 201 -28.94 -28.03 24.54
C ILE B 201 -29.61 -26.67 24.70
N GLN B 202 -30.67 -26.62 25.49
CA GLN B 202 -31.46 -25.41 25.67
C GLN B 202 -31.17 -24.80 27.03
N VAL B 203 -30.88 -23.51 27.04
CA VAL B 203 -30.54 -22.77 28.26
C VAL B 203 -31.61 -21.72 28.50
N ASP B 204 -32.20 -21.75 29.69
CA ASP B 204 -33.21 -20.77 30.06
C ASP B 204 -32.54 -19.47 30.50
N PRO B 205 -32.96 -18.32 29.99
CA PRO B 205 -32.35 -17.07 30.41
C PRO B 205 -32.62 -16.81 31.89
N PRO B 206 -31.70 -16.13 32.57
CA PRO B 206 -31.89 -15.88 34.01
C PRO B 206 -32.92 -14.80 34.27
N GLU B 207 -33.72 -15.02 35.30
CA GLU B 207 -34.71 -14.04 35.73
C GLU B 207 -35.17 -14.32 37.16
N SER B 224 -28.82 -25.52 33.11
CA SER B 224 -28.07 -26.10 34.23
C SER B 224 -27.03 -27.10 33.75
N SER B 225 -27.41 -27.93 32.79
CA SER B 225 -26.56 -28.99 32.27
C SER B 225 -25.76 -28.55 31.05
N TYR B 226 -25.59 -27.25 30.83
CA TYR B 226 -24.80 -26.79 29.70
C TYR B 226 -23.30 -26.98 29.93
N LYS B 227 -22.88 -27.13 31.19
CA LYS B 227 -21.48 -27.41 31.50
C LYS B 227 -21.17 -28.90 31.53
N ASN B 228 -22.17 -29.75 31.25
CA ASN B 228 -21.96 -31.19 31.10
C ASN B 228 -21.75 -31.58 29.64
N LEU B 229 -21.58 -30.59 28.76
CA LEU B 229 -21.43 -30.86 27.34
C LEU B 229 -20.21 -31.72 27.07
N THR B 230 -20.40 -32.77 26.25
CA THR B 230 -19.33 -33.65 25.83
C THR B 230 -19.28 -33.66 24.31
N LEU B 231 -18.19 -33.17 23.75
CA LEU B 231 -18.06 -33.01 22.31
C LEU B 231 -17.52 -34.28 21.67
N LYS B 232 -18.15 -34.73 20.60
CA LYS B 232 -17.67 -35.86 19.81
C LYS B 232 -16.65 -35.32 18.80
N PHE B 233 -15.42 -35.17 19.28
CA PHE B 233 -14.41 -34.42 18.54
C PHE B 233 -14.08 -35.05 17.20
N HIS B 234 -13.92 -36.38 17.17
CA HIS B 234 -13.46 -37.02 15.93
C HIS B 234 -14.51 -36.97 14.82
N LYS B 235 -15.79 -36.92 15.18
CA LYS B 235 -16.86 -36.90 14.20
C LYS B 235 -17.59 -35.56 14.15
N LEU B 236 -17.06 -34.53 14.80
CA LEU B 236 -17.76 -33.25 14.90
C LEU B 236 -17.75 -32.51 13.56
N VAL B 237 -18.86 -31.84 13.26
CA VAL B 237 -18.96 -31.00 12.08
C VAL B 237 -18.85 -29.54 12.51
N ASN B 238 -19.74 -29.10 13.40
CA ASN B 238 -19.67 -27.74 13.92
C ASN B 238 -20.45 -27.67 15.22
N VAL B 239 -20.19 -26.59 15.97
CA VAL B 239 -20.93 -26.27 17.18
C VAL B 239 -21.44 -24.84 17.02
N THR B 240 -22.72 -24.62 17.33
CA THR B 240 -23.34 -23.32 17.13
C THR B 240 -24.11 -22.91 18.38
N ILE B 241 -24.11 -21.60 18.63
CA ILE B 241 -24.87 -21.00 19.72
C ILE B 241 -25.81 -19.97 19.12
N HIS B 242 -27.10 -20.08 19.46
CA HIS B 242 -28.13 -19.20 18.93
C HIS B 242 -28.87 -18.53 20.08
N PHE B 243 -28.96 -17.21 20.04
CA PHE B 243 -29.78 -16.46 20.97
C PHE B 243 -30.10 -15.11 20.34
N ARG B 244 -31.11 -14.44 20.89
CA ARG B 244 -31.54 -13.14 20.40
C ARG B 244 -31.54 -12.13 21.53
N LEU B 245 -31.32 -10.86 21.17
CA LEU B 245 -31.32 -9.76 22.11
C LEU B 245 -32.18 -8.64 21.57
N LYS B 246 -33.00 -8.04 22.44
CA LYS B 246 -33.86 -6.92 22.07
C LYS B 246 -33.29 -5.64 22.65
N THR B 247 -33.12 -4.62 21.78
CA THR B 247 -32.61 -3.34 22.20
C THR B 247 -33.39 -2.23 21.49
N ILE B 248 -33.31 -1.04 22.05
CA ILE B 248 -34.00 0.14 21.51
C ILE B 248 -32.94 1.12 21.02
N ASN B 249 -33.07 1.56 19.77
CA ASN B 249 -32.12 2.49 19.17
C ASN B 249 -32.42 3.90 19.67
N LEU B 250 -31.68 4.34 20.67
CA LEU B 250 -31.81 5.71 21.17
C LEU B 250 -30.94 6.70 20.40
N GLN B 251 -29.98 6.21 19.61
CA GLN B 251 -29.15 7.09 18.79
C GLN B 251 -29.94 7.76 17.68
N SER B 252 -31.05 7.16 17.24
CA SER B 252 -31.85 7.73 16.17
C SER B 252 -32.51 9.04 16.55
N LEU B 253 -32.50 9.40 17.82
CA LEU B 253 -33.17 10.62 18.27
C LEU B 253 -32.47 11.88 17.75
N ILE B 254 -31.14 11.82 17.59
CA ILE B 254 -30.41 13.01 17.15
C ILE B 254 -30.86 13.44 15.77
N ASN B 255 -31.15 12.49 14.89
CA ASN B 255 -31.69 12.80 13.57
C ASN B 255 -33.21 12.82 13.58
N ASN B 256 -33.78 13.58 14.50
CA ASN B 256 -35.23 13.66 14.72
C ASN B 256 -35.71 12.24 14.96
N GLU B 257 -36.76 11.78 14.28
CA GLU B 257 -37.20 10.38 14.31
C GLU B 257 -37.68 9.90 15.67
N ILE B 258 -38.42 8.80 15.66
CA ILE B 258 -38.87 8.12 16.88
C ILE B 258 -38.08 6.83 17.00
N PRO B 259 -37.47 6.54 18.16
CA PRO B 259 -36.60 5.37 18.30
C PRO B 259 -37.20 4.04 17.82
N ASP B 260 -36.38 3.22 17.20
CA ASP B 260 -36.78 1.93 16.66
C ASP B 260 -36.43 0.82 17.65
N CYS B 261 -37.08 -0.33 17.47
CA CYS B 261 -36.83 -1.50 18.30
C CYS B 261 -36.10 -2.55 17.47
N TYR B 262 -34.93 -2.95 17.94
CA TYR B 262 -34.06 -3.87 17.22
C TYR B 262 -34.06 -5.22 17.92
N THR B 263 -34.16 -6.29 17.14
CA THR B 263 -33.97 -7.65 17.61
C THR B 263 -32.76 -8.23 16.90
N PHE B 264 -31.67 -8.40 17.65
CA PHE B 264 -30.43 -8.94 17.09
C PHE B 264 -30.43 -10.45 17.25
N SER B 265 -30.27 -11.16 16.13
CA SER B 265 -30.13 -12.62 16.12
C SER B 265 -28.65 -12.94 16.04
N VAL B 266 -28.10 -13.51 17.11
CA VAL B 266 -26.67 -13.74 17.24
C VAL B 266 -26.39 -15.21 17.02
N LEU B 267 -25.44 -15.50 16.14
CA LEU B 267 -25.01 -16.86 15.85
C LEU B 267 -23.51 -16.95 16.02
N ILE B 268 -23.05 -17.85 16.88
CA ILE B 268 -21.63 -18.10 17.10
C ILE B 268 -21.33 -19.50 16.57
N THR B 269 -20.37 -19.60 15.65
CA THR B 269 -20.06 -20.84 14.97
C THR B 269 -18.66 -21.31 15.31
N PHE B 270 -18.54 -22.57 15.73
CA PHE B 270 -17.26 -23.24 15.90
C PHE B 270 -17.16 -24.25 14.77
N ASP B 271 -16.43 -23.88 13.72
CA ASP B 271 -16.48 -24.57 12.44
C ASP B 271 -15.38 -25.63 12.36
N ASN B 272 -15.78 -26.88 12.14
CA ASN B 272 -14.85 -28.00 12.03
C ASN B 272 -15.13 -28.81 10.77
N LYS B 273 -15.48 -28.13 9.67
CA LYS B 273 -15.77 -28.85 8.44
C LYS B 273 -14.50 -29.36 7.77
N ALA B 274 -13.37 -28.68 7.98
CA ALA B 274 -12.12 -29.11 7.36
C ALA B 274 -11.47 -30.27 8.07
N HIS B 275 -11.77 -30.49 9.35
CA HIS B 275 -11.17 -31.55 10.15
C HIS B 275 -9.64 -31.49 10.09
N SER B 276 -9.11 -30.28 10.23
CA SER B 276 -7.68 -30.05 10.10
C SER B 276 -7.00 -29.73 11.43
N GLY B 277 -7.70 -29.90 12.55
CA GLY B 277 -7.17 -29.54 13.84
C GLY B 277 -7.28 -28.08 14.18
N ARG B 278 -7.82 -27.25 13.28
CA ARG B 278 -8.01 -25.83 13.50
C ARG B 278 -9.49 -25.51 13.34
N ILE B 279 -10.10 -25.00 14.40
CA ILE B 279 -11.54 -24.70 14.39
C ILE B 279 -11.74 -23.19 14.46
N PRO B 280 -12.05 -22.53 13.34
CA PRO B 280 -12.30 -21.09 13.38
C PRO B 280 -13.55 -20.76 14.19
N ILE B 281 -13.53 -19.60 14.83
CA ILE B 281 -14.64 -19.10 15.61
C ILE B 281 -15.06 -17.74 15.06
N SER B 282 -16.35 -17.58 14.81
CA SER B 282 -16.88 -16.34 14.25
C SER B 282 -18.21 -16.01 14.91
N LEU B 283 -18.57 -14.73 14.86
CA LEU B 283 -19.84 -14.25 15.39
C LEU B 283 -20.51 -13.39 14.33
N GLU B 284 -21.78 -13.69 14.04
CA GLU B 284 -22.56 -12.95 13.07
C GLU B 284 -23.90 -12.55 13.69
N THR B 285 -24.43 -11.42 13.24
CA THR B 285 -25.68 -10.90 13.74
C THR B 285 -26.64 -10.61 12.59
N GLN B 286 -27.93 -10.76 12.87
CA GLN B 286 -28.99 -10.44 11.91
C GLN B 286 -30.03 -9.59 12.64
N ALA B 287 -30.13 -8.32 12.24
CA ALA B 287 -31.02 -7.39 12.91
C ALA B 287 -32.39 -7.37 12.25
N HIS B 288 -33.44 -7.33 13.08
CA HIS B 288 -34.82 -7.22 12.62
C HIS B 288 -35.42 -6.00 13.30
N ILE B 289 -35.75 -4.97 12.52
CA ILE B 289 -36.16 -3.68 13.06
C ILE B 289 -37.68 -3.59 12.99
N GLN B 290 -38.30 -3.22 14.11
CA GLN B 290 -39.74 -3.01 14.18
C GLN B 290 -40.04 -1.61 14.69
N GLU B 291 -41.32 -1.32 14.90
CA GLU B 291 -41.74 -0.08 15.54
C GLU B 291 -42.10 -0.38 16.99
N CYS B 292 -41.62 0.48 17.90
CA CYS B 292 -41.84 0.27 19.32
C CYS B 292 -43.25 0.73 19.69
N LYS B 293 -44.03 -0.20 20.23
CA LYS B 293 -45.37 0.14 20.71
C LYS B 293 -45.29 1.03 21.95
N HIS B 294 -46.29 1.89 22.10
CA HIS B 294 -46.36 2.84 23.20
C HIS B 294 -45.11 3.72 23.33
N PRO B 295 -44.76 4.48 22.30
CA PRO B 295 -43.58 5.35 22.40
C PRO B 295 -43.91 6.76 22.88
N SER B 296 -42.88 7.42 23.43
CA SER B 296 -43.03 8.78 23.96
C SER B 296 -41.68 9.48 24.06
N VAL B 297 -41.56 10.67 23.48
CA VAL B 297 -40.30 11.42 23.48
C VAL B 297 -40.61 12.84 23.98
N PHE B 298 -41.80 13.01 24.57
CA PHE B 298 -42.28 14.23 25.21
C PHE B 298 -42.61 15.39 24.28
N GLN B 299 -41.92 15.52 23.13
CA GLN B 299 -42.27 16.41 22.02
C GLN B 299 -41.61 15.86 20.75
N HIS B 300 -42.31 15.02 20.00
CA HIS B 300 -41.76 14.52 18.73
C HIS B 300 -42.73 13.62 17.99
N SER B 304 -43.66 12.87 8.05
CA SER B 304 -44.53 13.35 6.98
C SER B 304 -43.73 14.04 5.88
N PHE B 305 -42.64 14.70 6.27
CA PHE B 305 -41.80 15.39 5.30
C PHE B 305 -41.21 14.38 4.30
N ARG B 306 -40.68 13.28 4.81
CA ARG B 306 -40.09 12.27 3.93
C ARG B 306 -41.12 11.67 3.00
N LEU B 307 -42.31 11.35 3.52
CA LEU B 307 -43.36 10.78 2.69
C LEU B 307 -43.81 11.74 1.60
N LEU B 308 -44.00 13.02 1.97
CA LEU B 308 -44.42 14.01 0.98
C LEU B 308 -43.35 14.22 -0.08
N PHE B 309 -42.07 14.24 0.32
CA PHE B 309 -41.01 14.40 -0.67
C PHE B 309 -40.94 13.19 -1.58
N ASP B 310 -41.18 12.00 -1.03
CA ASP B 310 -41.21 10.80 -1.86
C ASP B 310 -42.33 10.85 -2.89
N VAL B 311 -43.53 11.29 -2.48
CA VAL B 311 -44.61 11.38 -3.47
C VAL B 311 -44.34 12.50 -4.47
N VAL B 312 -43.63 13.56 -4.06
CA VAL B 312 -43.22 14.59 -5.01
C VAL B 312 -42.30 14.01 -6.06
N VAL B 313 -41.32 13.20 -5.63
CA VAL B 313 -40.42 12.54 -6.57
C VAL B 313 -41.21 11.63 -7.50
N ILE B 314 -42.17 10.88 -6.96
CA ILE B 314 -42.97 9.98 -7.78
C ILE B 314 -43.75 10.75 -8.83
N LEU B 315 -44.35 11.88 -8.44
CA LEU B 315 -45.14 12.66 -9.38
C LEU B 315 -44.28 13.26 -10.48
N THR B 316 -43.12 13.84 -10.11
CA THR B 316 -42.22 14.38 -11.12
C THR B 316 -41.75 13.29 -12.07
N CYS B 317 -41.41 12.12 -11.53
CA CYS B 317 -40.97 11.00 -12.36
C CYS B 317 -42.08 10.54 -13.29
N SER B 318 -43.33 10.48 -12.80
CA SER B 318 -44.44 10.08 -13.66
C SER B 318 -44.63 11.05 -14.80
N LEU B 319 -44.55 12.36 -14.52
CA LEU B 319 -44.69 13.35 -15.58
C LEU B 319 -43.57 13.22 -16.61
N SER B 320 -42.32 13.01 -16.15
CA SER B 320 -41.21 12.85 -17.08
C SER B 320 -41.39 11.61 -17.94
N PHE B 321 -41.82 10.50 -17.33
CA PHE B 321 -42.06 9.27 -18.08
C PHE B 321 -43.14 9.48 -19.14
N LEU B 322 -44.23 10.16 -18.78
CA LEU B 322 -45.30 10.40 -19.73
C LEU B 322 -44.81 11.23 -20.91
N LEU B 323 -44.06 12.31 -20.63
CA LEU B 323 -43.57 13.16 -21.70
C LEU B 323 -42.62 12.41 -22.62
N CYS B 324 -41.68 11.65 -22.04
CA CYS B 324 -40.73 10.91 -22.86
C CYS B 324 -41.42 9.83 -23.70
N ALA B 325 -42.42 9.15 -23.13
CA ALA B 325 -43.15 8.14 -23.88
C ALA B 325 -43.92 8.76 -25.04
N ARG B 326 -44.54 9.92 -24.81
CA ARG B 326 -45.26 10.60 -25.89
C ARG B 326 -44.30 11.03 -26.99
N SER B 327 -43.12 11.53 -26.62
CA SER B 327 -42.12 11.91 -27.62
C SER B 327 -41.66 10.70 -28.42
N LEU B 328 -41.41 9.57 -27.76
CA LEU B 328 -41.00 8.36 -28.48
C LEU B 328 -42.08 7.87 -29.43
N LEU B 329 -43.34 7.94 -28.99
CA LEU B 329 -44.43 7.52 -29.86
C LEU B 329 -44.52 8.42 -31.09
N ARG B 330 -44.37 9.73 -30.90
CA ARG B 330 -44.36 10.63 -32.04
C ARG B 330 -43.20 10.33 -32.98
N GLY B 331 -42.02 10.04 -32.42
CA GLY B 331 -40.88 9.71 -33.26
C GLY B 331 -41.13 8.45 -34.09
N PHE B 332 -41.71 7.42 -33.47
CA PHE B 332 -42.02 6.20 -34.21
C PHE B 332 -43.05 6.47 -35.30
N LEU B 333 -44.06 7.29 -35.01
CA LEU B 333 -45.07 7.61 -36.03
C LEU B 333 -44.44 8.37 -37.19
N LEU B 334 -43.55 9.32 -36.90
CA LEU B 334 -42.88 10.06 -37.96
C LEU B 334 -41.98 9.15 -38.79
N GLN B 335 -41.31 8.20 -38.14
CA GLN B 335 -40.50 7.23 -38.88
C GLN B 335 -41.37 6.39 -39.80
N ASN B 336 -42.53 5.96 -39.31
CA ASN B 336 -43.45 5.19 -40.15
C ASN B 336 -43.94 6.02 -41.33
N GLU B 337 -44.25 7.29 -41.10
CA GLU B 337 -44.67 8.17 -42.20
C GLU B 337 -43.57 8.32 -43.23
N PHE B 338 -42.32 8.50 -42.77
CA PHE B 338 -41.21 8.64 -43.70
C PHE B 338 -40.99 7.36 -44.52
N VAL B 339 -41.08 6.21 -43.86
CA VAL B 339 -40.86 4.95 -44.58
C VAL B 339 -42.01 4.68 -45.54
N GLY B 340 -43.22 5.14 -45.22
CA GLY B 340 -44.31 5.05 -46.17
C GLY B 340 -44.12 5.96 -47.37
N PHE B 341 -43.58 7.17 -47.13
CA PHE B 341 -43.37 8.12 -48.21
C PHE B 341 -42.37 7.57 -49.24
N MET B 342 -41.29 6.94 -48.76
CA MET B 342 -40.27 6.42 -49.66
C MET B 342 -40.63 5.07 -50.26
N TRP B 343 -41.74 4.46 -49.83
CA TRP B 343 -42.18 3.17 -50.33
C TRP B 343 -41.10 2.10 -50.23
N GLU B 354 -31.58 2.48 -40.83
CA GLU B 354 -31.80 3.91 -40.69
C GLU B 354 -33.01 4.20 -39.82
N ARG B 355 -33.81 3.17 -39.55
CA ARG B 355 -34.93 3.32 -38.62
C ARG B 355 -34.42 3.58 -37.21
N LEU B 356 -33.22 3.11 -36.88
CA LEU B 356 -32.63 3.31 -35.56
C LEU B 356 -32.17 4.74 -35.33
N GLU B 357 -32.15 5.58 -36.36
CA GLU B 357 -31.80 6.99 -36.22
C GLU B 357 -32.99 7.85 -35.84
N PHE B 358 -34.14 7.25 -35.53
CA PHE B 358 -35.33 7.98 -35.11
C PHE B 358 -35.70 7.67 -33.66
N VAL B 359 -34.74 7.27 -32.84
CA VAL B 359 -35.03 6.72 -31.52
C VAL B 359 -34.72 7.71 -30.40
N ASN B 360 -33.61 8.44 -30.51
CA ASN B 360 -33.20 9.41 -29.48
C ASN B 360 -33.00 8.73 -28.13
N GLY B 361 -31.94 7.91 -28.07
CA GLY B 361 -31.62 7.11 -26.90
C GLY B 361 -31.49 7.88 -25.60
N TRP B 362 -31.34 9.21 -25.65
CA TRP B 362 -31.40 10.00 -24.44
C TRP B 362 -32.73 9.79 -23.72
N TYR B 363 -33.81 9.71 -24.49
CA TYR B 363 -35.13 9.48 -23.91
C TYR B 363 -35.27 8.05 -23.38
N ILE B 364 -34.59 7.09 -24.01
CA ILE B 364 -34.55 5.73 -23.47
C ILE B 364 -33.89 5.74 -22.09
N LEU B 365 -32.76 6.44 -21.98
CA LEU B 365 -32.08 6.56 -20.69
C LEU B 365 -32.98 7.22 -19.65
N LEU B 366 -33.68 8.28 -20.07
CA LEU B 366 -34.57 8.98 -19.15
C LEU B 366 -35.69 8.06 -18.65
N VAL B 367 -36.29 7.29 -19.57
CA VAL B 367 -37.37 6.37 -19.18
C VAL B 367 -36.85 5.29 -18.25
N THR B 368 -35.67 4.75 -18.54
CA THR B 368 -35.11 3.70 -17.68
C THR B 368 -34.85 4.22 -16.27
N SER B 369 -34.17 5.36 -16.17
CA SER B 369 -33.95 5.96 -14.86
C SER B 369 -35.27 6.32 -14.18
N ASP B 370 -36.28 6.63 -14.98
CA ASP B 370 -37.59 6.97 -14.44
C ASP B 370 -38.24 5.77 -13.77
N VAL B 371 -38.26 4.63 -14.47
CA VAL B 371 -38.84 3.42 -13.89
C VAL B 371 -38.06 2.99 -12.67
N LEU B 372 -36.72 3.05 -12.75
CA LEU B 372 -35.90 2.68 -11.59
C LEU B 372 -36.19 3.57 -10.40
N THR B 373 -36.33 4.88 -10.63
CA THR B 373 -36.60 5.81 -9.54
C THR B 373 -37.96 5.50 -8.90
N ILE B 374 -38.98 5.24 -9.72
CA ILE B 374 -40.30 4.99 -9.17
C ILE B 374 -40.30 3.70 -8.33
N SER B 375 -39.70 2.64 -8.87
CA SER B 375 -39.64 1.38 -8.13
C SER B 375 -38.87 1.54 -6.83
N GLY B 376 -37.71 2.20 -6.88
CA GLY B 376 -36.93 2.42 -5.68
C GLY B 376 -37.65 3.29 -4.67
N THR B 377 -38.44 4.25 -5.13
CA THR B 377 -39.16 5.10 -4.19
C THR B 377 -40.29 4.34 -3.50
N ILE B 378 -41.00 3.49 -4.22
CA ILE B 378 -42.00 2.64 -3.56
C ILE B 378 -41.34 1.73 -2.54
N MET B 379 -40.21 1.13 -2.91
CA MET B 379 -39.51 0.25 -1.98
C MET B 379 -39.02 1.01 -0.75
N LYS B 380 -38.53 2.24 -0.95
CA LYS B 380 -38.06 3.05 0.16
C LYS B 380 -39.19 3.45 1.09
N ILE B 381 -40.36 3.78 0.51
CA ILE B 381 -41.53 4.09 1.33
C ILE B 381 -41.92 2.89 2.16
N GLY B 382 -41.90 1.69 1.57
CA GLY B 382 -42.18 0.49 2.34
C GLY B 382 -41.17 0.27 3.46
N ILE B 383 -39.88 0.45 3.16
CA ILE B 383 -38.84 0.26 4.18
C ILE B 383 -39.04 1.22 5.33
N GLU B 384 -39.32 2.50 5.03
CA GLU B 384 -39.58 3.46 6.09
C GLU B 384 -40.88 3.16 6.83
N ALA B 385 -41.86 2.56 6.16
CA ALA B 385 -43.08 2.09 6.81
C ALA B 385 -42.84 0.83 7.62
N LYS B 386 -41.64 0.25 7.53
CA LYS B 386 -41.12 -0.82 8.40
C LYS B 386 -41.57 -2.21 8.01
N ASN B 387 -42.17 -2.41 6.83
CA ASN B 387 -42.68 -3.72 6.45
C ASN B 387 -42.00 -4.28 5.20
N LEU B 388 -40.85 -3.75 4.81
CA LEU B 388 -40.14 -4.27 3.64
C LEU B 388 -38.78 -4.86 4.00
N ALA B 389 -37.90 -4.09 4.64
CA ALA B 389 -36.59 -4.55 5.10
C ALA B 389 -35.71 -5.07 3.97
N SER B 390 -35.97 -4.67 2.73
CA SER B 390 -35.14 -5.07 1.59
C SER B 390 -34.30 -3.86 1.15
N TYR B 391 -33.18 -3.67 1.84
CA TYR B 391 -32.38 -2.46 1.66
C TYR B 391 -31.51 -2.52 0.41
N ASP B 392 -30.97 -3.70 0.09
CA ASP B 392 -30.00 -3.80 -1.01
C ASP B 392 -30.65 -3.47 -2.35
N VAL B 393 -31.82 -4.04 -2.62
CA VAL B 393 -32.47 -3.83 -3.92
C VAL B 393 -32.87 -2.36 -4.07
N CYS B 394 -33.46 -1.77 -3.03
CA CYS B 394 -33.84 -0.36 -3.11
C CYS B 394 -32.63 0.54 -3.30
N SER B 395 -31.54 0.27 -2.58
CA SER B 395 -30.33 1.08 -2.72
C SER B 395 -29.76 0.96 -4.13
N ILE B 396 -29.73 -0.25 -4.69
CA ILE B 396 -29.23 -0.44 -6.05
C ILE B 396 -30.10 0.30 -7.05
N LEU B 397 -31.42 0.20 -6.89
CA LEU B 397 -32.33 0.89 -7.82
C LEU B 397 -32.12 2.39 -7.77
N LEU B 398 -32.09 2.97 -6.57
CA LEU B 398 -31.97 4.42 -6.46
C LEU B 398 -30.59 4.89 -6.91
N GLY B 399 -29.54 4.15 -6.61
CA GLY B 399 -28.21 4.54 -7.05
C GLY B 399 -28.05 4.47 -8.55
N THR B 400 -28.55 3.41 -9.17
CA THR B 400 -28.51 3.33 -10.63
C THR B 400 -29.30 4.45 -11.27
N SER B 401 -30.47 4.77 -10.70
CA SER B 401 -31.26 5.86 -11.24
C SER B 401 -30.53 7.20 -11.11
N THR B 402 -29.89 7.45 -9.97
CA THR B 402 -29.16 8.69 -9.79
C THR B 402 -27.98 8.78 -10.76
N LEU B 403 -27.26 7.67 -10.95
CA LEU B 403 -26.16 7.65 -11.90
C LEU B 403 -26.68 7.95 -13.31
N LEU B 404 -27.80 7.36 -13.70
CA LEU B 404 -28.35 7.61 -15.02
C LEU B 404 -28.79 9.06 -15.20
N VAL B 405 -29.46 9.63 -14.20
CA VAL B 405 -29.93 11.01 -14.36
C VAL B 405 -28.76 11.98 -14.37
N TRP B 406 -27.65 11.65 -13.70
CA TRP B 406 -26.47 12.50 -13.82
C TRP B 406 -25.73 12.30 -15.13
N VAL B 407 -25.78 11.10 -15.72
CA VAL B 407 -25.21 10.92 -17.04
C VAL B 407 -25.94 11.78 -18.06
N GLY B 408 -27.22 12.06 -17.83
CA GLY B 408 -28.06 12.79 -18.76
C GLY B 408 -27.72 14.26 -18.94
N VAL B 409 -26.80 14.83 -18.16
CA VAL B 409 -26.39 16.21 -18.37
C VAL B 409 -25.50 16.33 -19.61
N ILE B 410 -24.94 15.21 -20.08
CA ILE B 410 -24.21 15.22 -21.34
C ILE B 410 -25.12 15.64 -22.48
N ARG B 411 -26.42 15.35 -22.36
CA ARG B 411 -27.37 15.78 -23.38
C ARG B 411 -27.37 17.29 -23.54
N TYR B 412 -27.36 18.02 -22.42
CA TYR B 412 -27.32 19.47 -22.48
C TYR B 412 -25.93 19.98 -22.83
N LEU B 413 -24.89 19.21 -22.50
CA LEU B 413 -23.55 19.64 -22.87
C LEU B 413 -23.31 19.52 -24.36
N THR B 414 -23.98 18.56 -25.03
CA THR B 414 -23.84 18.45 -26.49
C THR B 414 -24.57 19.55 -27.24
N PHE B 415 -25.45 20.29 -26.57
CA PHE B 415 -26.18 21.36 -27.24
C PHE B 415 -25.26 22.48 -27.70
N PHE B 416 -24.06 22.56 -27.12
CA PHE B 416 -23.05 23.53 -27.53
C PHE B 416 -22.09 22.85 -28.51
N HIS B 417 -20.97 23.50 -28.80
CA HIS B 417 -20.03 23.02 -29.80
C HIS B 417 -18.72 22.53 -29.21
N ASN B 418 -18.13 23.31 -28.31
CA ASN B 418 -16.83 22.96 -27.74
C ASN B 418 -16.91 21.75 -26.82
N TYR B 419 -18.08 21.45 -26.26
CA TYR B 419 -18.29 20.23 -25.51
C TYR B 419 -18.68 19.08 -26.43
N ASN B 420 -19.47 19.40 -27.45
CA ASN B 420 -19.92 18.38 -28.39
C ASN B 420 -18.76 17.76 -29.14
N ILE B 421 -17.69 18.54 -29.39
CA ILE B 421 -16.54 17.93 -30.06
C ILE B 421 -15.91 16.83 -29.22
N LEU B 422 -15.78 17.06 -27.91
CA LEU B 422 -15.23 16.03 -27.03
C LEU B 422 -16.17 14.83 -26.93
N ILE B 423 -17.47 15.08 -26.79
CA ILE B 423 -18.41 13.98 -26.67
C ILE B 423 -18.46 13.16 -27.96
N ALA B 424 -18.38 13.83 -29.12
CA ALA B 424 -18.33 13.13 -30.39
C ALA B 424 -17.03 12.35 -30.55
N THR B 425 -15.93 12.88 -30.01
CA THR B 425 -14.67 12.12 -30.03
C THR B 425 -14.82 10.81 -29.26
N LEU B 426 -15.41 10.88 -28.07
CA LEU B 426 -15.63 9.66 -27.29
C LEU B 426 -16.57 8.70 -28.02
N ARG B 427 -17.64 9.24 -28.62
CA ARG B 427 -18.59 8.39 -29.33
C ARG B 427 -17.92 7.68 -30.52
N VAL B 428 -17.07 8.40 -31.25
CA VAL B 428 -16.35 7.80 -32.38
C VAL B 428 -15.37 6.75 -31.89
N ALA B 429 -14.70 7.01 -30.76
CA ALA B 429 -13.67 6.08 -30.30
C ALA B 429 -14.25 4.81 -29.69
N LEU B 430 -15.48 4.87 -29.18
CA LEU B 430 -16.03 3.75 -28.41
C LEU B 430 -16.00 2.39 -29.11
N PRO B 431 -16.44 2.24 -30.37
CA PRO B 431 -16.48 0.89 -30.97
C PRO B 431 -15.12 0.22 -31.06
N SER B 432 -14.10 0.94 -31.53
CA SER B 432 -12.77 0.37 -31.62
C SER B 432 -12.24 0.00 -30.24
N VAL B 433 -12.59 0.82 -29.24
CA VAL B 433 -12.21 0.51 -27.86
C VAL B 433 -12.82 -0.81 -27.42
N MET B 434 -14.10 -1.03 -27.73
CA MET B 434 -14.74 -2.29 -27.34
C MET B 434 -14.13 -3.48 -28.08
N ARG B 435 -13.81 -3.32 -29.36
CA ARG B 435 -13.21 -4.43 -30.10
C ARG B 435 -11.82 -4.78 -29.57
N PHE B 436 -10.99 -3.77 -29.29
CA PHE B 436 -9.70 -4.05 -28.69
C PHE B 436 -9.86 -4.61 -27.28
N CYS B 437 -10.92 -4.21 -26.57
CA CYS B 437 -11.22 -4.83 -25.29
C CYS B 437 -11.50 -6.32 -25.47
N CYS B 438 -12.23 -6.69 -26.52
CA CYS B 438 -12.47 -8.11 -26.79
C CYS B 438 -11.16 -8.86 -26.95
N CYS B 439 -10.27 -8.36 -27.81
CA CYS B 439 -9.00 -9.07 -28.05
C CYS B 439 -8.14 -9.14 -26.79
N ALA B 440 -7.90 -7.99 -26.17
CA ALA B 440 -7.08 -7.95 -24.96
C ALA B 440 -7.69 -8.76 -23.84
N GLY B 441 -9.02 -8.83 -23.77
CA GLY B 441 -9.66 -9.63 -22.74
C GLY B 441 -9.56 -11.12 -23.00
N VAL B 442 -9.52 -11.53 -24.26
CA VAL B 442 -9.25 -12.94 -24.54
C VAL B 442 -7.86 -13.32 -24.04
N ILE B 443 -6.87 -12.48 -24.35
CA ILE B 443 -5.52 -12.73 -23.82
C ILE B 443 -5.53 -12.70 -22.29
N TYR B 444 -6.32 -11.78 -21.72
CA TYR B 444 -6.42 -11.60 -20.28
C TYR B 444 -7.01 -12.84 -19.61
N LEU B 445 -8.04 -13.43 -20.23
CA LEU B 445 -8.61 -14.67 -19.70
C LEU B 445 -7.61 -15.81 -19.75
N GLY B 446 -6.85 -15.91 -20.83
CA GLY B 446 -5.80 -16.92 -20.87
C GLY B 446 -4.82 -16.78 -19.73
N TYR B 447 -4.34 -15.55 -19.51
CA TYR B 447 -3.42 -15.30 -18.40
C TYR B 447 -4.08 -15.58 -17.05
N CYS B 448 -5.37 -15.26 -16.92
CA CYS B 448 -6.06 -15.49 -15.65
C CYS B 448 -6.13 -16.98 -15.32
N PHE B 449 -6.50 -17.80 -16.31
CA PHE B 449 -6.54 -19.25 -16.08
C PHE B 449 -5.16 -19.79 -15.73
N CYS B 450 -4.14 -19.37 -16.47
CA CYS B 450 -2.78 -19.86 -16.19
C CYS B 450 -2.34 -19.47 -14.79
N GLY B 451 -2.53 -18.20 -14.42
CA GLY B 451 -2.12 -17.73 -13.12
C GLY B 451 -2.86 -18.43 -11.99
N TRP B 452 -4.17 -18.60 -12.15
CA TRP B 452 -4.93 -19.37 -11.16
C TRP B 452 -4.33 -20.75 -10.98
N ILE B 453 -4.28 -21.54 -12.06
CA ILE B 453 -3.89 -22.94 -11.93
C ILE B 453 -2.47 -23.10 -11.41
N VAL B 454 -1.59 -22.11 -11.64
CA VAL B 454 -0.22 -22.30 -11.20
C VAL B 454 0.03 -21.70 -9.82
N LEU B 455 -0.46 -20.50 -9.54
CA LEU B 455 -0.13 -19.79 -8.31
C LEU B 455 -1.20 -19.88 -7.25
N GLY B 456 -2.27 -20.64 -7.45
CA GLY B 456 -3.24 -20.88 -6.40
C GLY B 456 -2.66 -21.56 -5.17
N PRO B 457 -1.92 -22.66 -5.36
CA PRO B 457 -1.33 -23.36 -4.20
C PRO B 457 -0.33 -22.53 -3.41
N TYR B 458 0.23 -21.47 -3.99
CA TYR B 458 1.35 -20.78 -3.37
C TYR B 458 1.06 -19.34 -3.02
N HIS B 459 0.35 -18.61 -3.87
CA HIS B 459 0.13 -17.18 -3.71
C HIS B 459 -1.25 -16.95 -3.12
N VAL B 460 -1.30 -16.21 -2.00
CA VAL B 460 -2.58 -15.91 -1.36
C VAL B 460 -3.44 -14.97 -2.18
N LYS B 461 -2.87 -14.30 -3.18
CA LYS B 461 -3.59 -13.38 -4.04
C LYS B 461 -4.22 -14.09 -5.24
N PHE B 462 -3.96 -15.39 -5.42
CA PHE B 462 -4.39 -16.14 -6.59
C PHE B 462 -5.28 -17.31 -6.21
N ARG B 463 -6.04 -17.18 -5.13
CA ARG B 463 -6.77 -18.32 -4.59
C ARG B 463 -7.98 -18.70 -5.44
N SER B 464 -8.77 -17.71 -5.85
CA SER B 464 -9.95 -17.93 -6.66
C SER B 464 -9.81 -17.20 -8.00
N LEU B 465 -10.67 -17.56 -8.95
CA LEU B 465 -10.60 -16.96 -10.27
C LEU B 465 -10.93 -15.47 -10.23
N SER B 466 -11.95 -15.09 -9.45
CA SER B 466 -12.28 -13.67 -9.31
C SER B 466 -11.15 -12.91 -8.64
N MET B 467 -10.52 -13.51 -7.63
CA MET B 467 -9.37 -12.87 -6.99
C MET B 467 -8.21 -12.70 -7.96
N VAL B 468 -7.97 -13.71 -8.81
CA VAL B 468 -6.93 -13.60 -9.82
C VAL B 468 -7.24 -12.47 -10.80
N SER B 469 -8.50 -12.37 -11.22
CA SER B 469 -8.89 -11.32 -12.14
C SER B 469 -8.71 -9.94 -11.51
N GLU B 470 -9.10 -9.78 -10.24
CA GLU B 470 -8.89 -8.50 -9.57
C GLU B 470 -7.41 -8.18 -9.43
N CYS B 471 -6.60 -9.17 -9.07
CA CYS B 471 -5.16 -8.95 -8.93
C CYS B 471 -4.55 -8.51 -10.25
N LEU B 472 -4.88 -9.19 -11.34
CA LEU B 472 -4.32 -8.84 -12.64
C LEU B 472 -4.80 -7.47 -13.10
N PHE B 473 -6.09 -7.16 -12.88
CA PHE B 473 -6.62 -5.88 -13.29
C PHE B 473 -5.96 -4.73 -12.53
N SER B 474 -5.77 -4.90 -11.22
CA SER B 474 -5.05 -3.88 -10.46
C SER B 474 -3.57 -3.85 -10.81
N LEU B 475 -3.03 -4.96 -11.32
CA LEU B 475 -1.63 -5.03 -11.69
C LEU B 475 -1.34 -4.31 -13.00
N ILE B 476 -2.27 -4.34 -13.95
CA ILE B 476 -2.08 -3.59 -15.20
C ILE B 476 -2.31 -2.10 -15.02
N ASN B 477 -2.76 -1.67 -13.83
CA ASN B 477 -2.94 -0.25 -13.54
C ASN B 477 -1.91 0.26 -12.54
N GLY B 478 -0.81 -0.45 -12.37
CA GLY B 478 0.27 -0.03 -11.49
C GLY B 478 -0.08 -0.01 -10.01
N ASP B 479 -0.78 -1.03 -9.52
CA ASP B 479 -1.13 -1.11 -8.11
C ASP B 479 -0.76 -2.49 -7.57
N ASP B 480 -0.16 -2.50 -6.38
CA ASP B 480 0.14 -3.73 -5.63
C ASP B 480 1.02 -4.68 -6.43
N MET B 481 2.08 -4.13 -7.05
CA MET B 481 2.99 -4.95 -7.84
C MET B 481 4.09 -5.56 -6.98
N PHE B 482 4.69 -4.75 -6.11
CA PHE B 482 5.80 -5.25 -5.30
C PHE B 482 5.34 -6.27 -4.28
N VAL B 483 4.13 -6.13 -3.74
CA VAL B 483 3.62 -7.14 -2.81
C VAL B 483 3.39 -8.47 -3.54
N THR B 484 2.91 -8.40 -4.78
CA THR B 484 2.77 -9.60 -5.59
C THR B 484 4.12 -10.27 -5.83
N PHE B 485 5.15 -9.48 -6.12
CA PHE B 485 6.48 -10.05 -6.32
C PHE B 485 7.05 -10.61 -5.01
N ALA B 486 6.81 -9.94 -3.89
CA ALA B 486 7.37 -10.36 -2.62
C ALA B 486 6.71 -11.62 -2.07
N ALA B 487 5.40 -11.79 -2.31
CA ALA B 487 4.73 -13.00 -1.87
C ALA B 487 5.30 -14.24 -2.56
N MET B 488 5.89 -14.08 -3.74
CA MET B 488 6.57 -15.18 -4.41
C MET B 488 8.04 -15.27 -4.03
N GLN B 489 8.68 -14.13 -3.74
CA GLN B 489 10.02 -14.16 -3.16
C GLN B 489 10.03 -14.90 -1.83
N ALA B 490 8.88 -14.88 -1.13
CA ALA B 490 8.79 -15.59 0.17
C ALA B 490 8.71 -17.10 -0.06
N GLN B 491 8.86 -17.55 -1.30
CA GLN B 491 8.76 -18.99 -1.62
C GLN B 491 10.04 -19.45 -2.34
N GLN B 492 10.94 -18.52 -2.67
CA GLN B 492 12.16 -18.88 -3.44
C GLN B 492 12.80 -20.16 -2.88
N GLY B 493 12.69 -20.41 -1.57
CA GLY B 493 13.25 -21.61 -0.98
C GLY B 493 12.54 -22.85 -1.45
N ARG B 494 11.21 -22.80 -1.51
CA ARG B 494 10.42 -23.88 -2.10
C ARG B 494 10.58 -23.78 -3.62
N SER B 495 9.74 -24.49 -4.37
CA SER B 495 9.97 -24.83 -5.76
C SER B 495 10.54 -23.68 -6.57
N SER B 496 11.78 -23.86 -7.04
CA SER B 496 12.41 -22.85 -7.87
C SER B 496 11.82 -22.82 -9.27
N LEU B 497 11.31 -23.97 -9.72
CA LEU B 497 10.55 -23.98 -10.98
C LEU B 497 9.33 -23.08 -10.87
N VAL B 498 8.61 -23.16 -9.76
CA VAL B 498 7.44 -22.31 -9.56
C VAL B 498 7.86 -20.85 -9.45
N TRP B 499 8.95 -20.57 -8.74
CA TRP B 499 9.41 -19.19 -8.62
C TRP B 499 9.81 -18.61 -9.98
N LEU B 500 10.54 -19.38 -10.78
CA LEU B 500 10.94 -18.92 -12.11
C LEU B 500 9.73 -18.71 -13.01
N PHE B 501 8.76 -19.62 -12.95
CA PHE B 501 7.55 -19.45 -13.74
C PHE B 501 6.80 -18.20 -13.31
N SER B 502 6.72 -17.94 -12.01
CA SER B 502 6.05 -16.75 -11.52
C SER B 502 6.75 -15.49 -12.02
N GLN B 503 8.08 -15.48 -11.99
CA GLN B 503 8.83 -14.34 -12.49
C GLN B 503 8.52 -14.09 -13.97
N LEU B 504 8.63 -15.14 -14.78
CA LEU B 504 8.37 -15.00 -16.22
C LEU B 504 6.94 -14.54 -16.48
N TYR B 505 5.99 -15.17 -15.79
CA TYR B 505 4.57 -14.86 -15.97
C TYR B 505 4.26 -13.42 -15.63
N LEU B 506 4.70 -12.97 -14.45
CA LEU B 506 4.41 -11.61 -14.02
C LEU B 506 5.08 -10.59 -14.92
N TYR B 507 6.37 -10.78 -15.23
CA TYR B 507 7.06 -9.81 -16.08
C TYR B 507 6.43 -9.72 -17.45
N SER B 508 6.15 -10.88 -18.06
CA SER B 508 5.55 -10.88 -19.39
C SER B 508 4.19 -10.20 -19.39
N PHE B 509 3.33 -10.56 -18.44
CA PHE B 509 1.99 -10.00 -18.40
C PHE B 509 2.03 -8.48 -18.19
N ILE B 510 2.83 -8.02 -17.24
CA ILE B 510 2.87 -6.59 -16.94
C ILE B 510 3.44 -5.82 -18.13
N SER B 511 4.54 -6.30 -18.72
CA SER B 511 5.11 -5.61 -19.87
C SER B 511 4.13 -5.55 -21.02
N LEU B 512 3.48 -6.68 -21.33
CA LEU B 512 2.57 -6.72 -22.46
C LEU B 512 1.38 -5.80 -22.26
N PHE B 513 0.81 -5.77 -21.06
CA PHE B 513 -0.39 -4.99 -20.84
C PHE B 513 -0.13 -3.53 -20.46
N ILE B 514 1.09 -3.17 -20.13
CA ILE B 514 1.41 -1.77 -19.84
C ILE B 514 1.96 -1.07 -21.08
N TYR B 515 2.91 -1.70 -21.78
CA TYR B 515 3.59 -1.03 -22.88
C TYR B 515 2.87 -1.15 -24.21
N MET B 516 1.90 -2.06 -24.34
CA MET B 516 1.24 -2.26 -25.63
C MET B 516 -0.26 -1.99 -25.59
N VAL B 517 -0.99 -2.60 -24.67
CA VAL B 517 -2.45 -2.50 -24.68
C VAL B 517 -2.91 -1.09 -24.31
N LEU B 518 -2.38 -0.54 -23.23
CA LEU B 518 -2.76 0.81 -22.81
C LEU B 518 -2.31 1.84 -23.83
N SER B 519 -1.12 1.64 -24.41
CA SER B 519 -0.64 2.54 -25.45
C SER B 519 -1.54 2.50 -26.67
N LEU B 520 -2.05 1.32 -27.03
CA LEU B 520 -2.97 1.23 -28.16
C LEU B 520 -4.31 1.89 -27.84
N PHE B 521 -4.76 1.80 -26.59
CA PHE B 521 -5.97 2.52 -26.20
C PHE B 521 -5.77 4.02 -26.36
N ILE B 522 -4.63 4.53 -25.91
CA ILE B 522 -4.31 5.95 -26.04
C ILE B 522 -4.26 6.33 -27.52
N ALA B 523 -3.65 5.47 -28.35
CA ALA B 523 -3.56 5.75 -29.78
C ALA B 523 -4.95 5.79 -30.43
N LEU B 524 -5.84 4.89 -30.02
CA LEU B 524 -7.20 4.89 -30.54
C LEU B 524 -7.90 6.21 -30.22
N ILE B 525 -7.80 6.65 -28.96
CA ILE B 525 -8.46 7.89 -28.57
C ILE B 525 -7.86 9.09 -29.31
N THR B 526 -6.53 9.12 -29.44
CA THR B 526 -5.87 10.21 -30.14
C THR B 526 -6.28 10.25 -31.61
N GLY B 527 -6.36 9.08 -32.25
CA GLY B 527 -6.80 9.05 -33.64
C GLY B 527 -8.24 9.54 -33.80
N ALA B 528 -9.12 9.11 -32.89
CA ALA B 528 -10.51 9.58 -32.95
C ALA B 528 -10.58 11.10 -32.80
N TYR B 529 -9.79 11.65 -31.88
CA TYR B 529 -9.75 13.10 -31.70
C TYR B 529 -9.25 13.79 -32.96
N ASP B 530 -8.24 13.21 -33.62
CA ASP B 530 -7.72 13.79 -34.85
C ASP B 530 -8.77 13.80 -35.95
N THR B 531 -9.51 12.70 -36.12
CA THR B 531 -10.57 12.69 -37.12
C THR B 531 -11.68 13.68 -36.78
N ILE B 532 -12.02 13.82 -35.51
CA ILE B 532 -13.04 14.78 -35.12
C ILE B 532 -12.62 16.20 -35.46
N LYS B 533 -11.36 16.54 -35.17
CA LYS B 533 -10.89 17.89 -35.53
C LYS B 533 -10.76 18.06 -37.04
N HIS B 534 -10.48 16.99 -37.76
CA HIS B 534 -10.25 17.09 -39.20
C HIS B 534 -11.39 16.46 -39.99
N TYR C 55 -5.51 -18.60 -54.87
CA TYR C 55 -4.46 -19.62 -54.84
C TYR C 55 -5.03 -20.88 -54.18
N PHE C 56 -6.17 -20.71 -53.52
CA PHE C 56 -6.84 -21.77 -52.76
C PHE C 56 -5.95 -22.24 -51.59
N PHE C 57 -4.96 -21.40 -51.27
CA PHE C 57 -4.08 -21.64 -50.10
C PHE C 57 -3.81 -20.24 -49.57
N MET C 58 -3.69 -20.07 -48.25
CA MET C 58 -3.54 -18.71 -47.66
C MET C 58 -4.87 -17.94 -47.80
N SER C 59 -5.80 -18.43 -48.63
CA SER C 59 -7.12 -17.81 -48.71
C SER C 59 -7.75 -17.69 -47.32
N PRO C 60 -8.68 -16.75 -47.12
CA PRO C 60 -9.46 -16.73 -45.87
C PRO C 60 -10.54 -17.80 -45.89
N CYS C 61 -11.04 -18.14 -44.70
CA CYS C 61 -11.97 -19.25 -44.56
C CYS C 61 -13.30 -18.97 -45.25
N ASP C 62 -13.86 -17.78 -45.07
CA ASP C 62 -15.09 -17.43 -45.79
C ASP C 62 -14.89 -17.55 -47.30
N LYS C 63 -13.66 -17.34 -47.76
CA LYS C 63 -13.35 -17.45 -49.19
C LYS C 63 -13.15 -18.90 -49.62
N PHE C 64 -12.64 -19.77 -48.74
CA PHE C 64 -12.67 -21.20 -49.08
C PHE C 64 -14.10 -21.68 -49.24
N ARG C 65 -14.99 -21.24 -48.35
CA ARG C 65 -16.36 -21.75 -48.37
C ARG C 65 -17.07 -21.38 -49.68
N ALA C 66 -16.76 -20.21 -50.22
CA ALA C 66 -17.35 -19.79 -51.48
C ALA C 66 -17.02 -20.75 -52.62
N LYS C 67 -15.80 -21.30 -52.63
CA LYS C 67 -15.31 -22.16 -53.71
C LYS C 67 -14.69 -23.42 -53.13
N GLY C 68 -15.38 -24.06 -52.18
CA GLY C 68 -14.89 -25.31 -51.64
C GLY C 68 -15.69 -25.92 -50.51
N ARG C 69 -15.00 -26.54 -49.56
CA ARG C 69 -15.67 -27.33 -48.52
C ARG C 69 -16.04 -26.50 -47.30
N LYS C 70 -16.48 -27.17 -46.24
CA LYS C 70 -17.00 -26.53 -45.05
C LYS C 70 -15.88 -26.35 -44.02
N PRO C 71 -15.94 -25.30 -43.21
CA PRO C 71 -14.91 -25.08 -42.19
C PRO C 71 -15.03 -26.06 -41.04
N CYS C 72 -14.67 -27.31 -41.26
CA CYS C 72 -14.81 -28.36 -40.25
C CYS C 72 -13.61 -28.45 -39.32
N LYS C 73 -12.55 -27.69 -39.55
CA LYS C 73 -11.41 -27.68 -38.65
C LYS C 73 -11.40 -26.50 -37.69
N LEU C 74 -12.15 -25.43 -38.00
CA LEU C 74 -12.32 -24.36 -37.03
C LEU C 74 -13.28 -24.73 -35.92
N MET C 75 -14.24 -25.61 -36.20
CA MET C 75 -15.12 -26.11 -35.16
C MET C 75 -14.36 -26.97 -34.15
N LEU C 76 -13.39 -27.75 -34.62
CA LEU C 76 -12.61 -28.59 -33.71
C LEU C 76 -11.81 -27.77 -32.72
N GLN C 77 -11.36 -26.58 -33.12
CA GLN C 77 -10.51 -25.77 -32.24
C GLN C 77 -11.30 -25.17 -31.10
N VAL C 78 -12.53 -24.68 -31.36
CA VAL C 78 -13.32 -24.11 -30.28
C VAL C 78 -13.75 -25.20 -29.30
N VAL C 79 -14.01 -26.40 -29.80
CA VAL C 79 -14.28 -27.54 -28.92
C VAL C 79 -13.07 -27.82 -28.04
N LYS C 80 -11.87 -27.73 -28.63
CA LYS C 80 -10.65 -27.93 -27.86
C LYS C 80 -10.52 -26.88 -26.77
N ILE C 81 -10.81 -25.62 -27.09
CA ILE C 81 -10.76 -24.55 -26.09
C ILE C 81 -11.72 -24.85 -24.95
N LEU C 82 -12.95 -25.26 -25.30
CA LEU C 82 -13.95 -25.56 -24.29
C LEU C 82 -13.50 -26.68 -23.36
N VAL C 83 -13.03 -27.79 -23.94
CA VAL C 83 -12.68 -28.94 -23.11
C VAL C 83 -11.45 -28.65 -22.25
N VAL C 84 -10.47 -27.95 -22.82
CA VAL C 84 -9.26 -27.61 -22.06
C VAL C 84 -9.62 -26.70 -20.89
N THR C 85 -10.47 -25.69 -21.13
CA THR C 85 -10.86 -24.79 -20.04
C THR C 85 -11.63 -25.53 -18.95
N VAL C 86 -12.56 -26.41 -19.34
CA VAL C 86 -13.34 -27.13 -18.35
C VAL C 86 -12.44 -28.04 -17.50
N GLN C 87 -11.52 -28.76 -18.17
CA GLN C 87 -10.61 -29.63 -17.44
C GLN C 87 -9.75 -28.83 -16.47
N LEU C 88 -9.24 -27.68 -16.92
CA LEU C 88 -8.40 -26.86 -16.04
C LEU C 88 -9.19 -26.37 -14.84
N ILE C 89 -10.46 -25.97 -15.04
CA ILE C 89 -11.27 -25.47 -13.94
C ILE C 89 -11.51 -26.57 -12.91
N LEU C 90 -11.86 -27.77 -13.36
CA LEU C 90 -12.10 -28.87 -12.44
C LEU C 90 -10.83 -29.21 -11.65
N PHE C 91 -9.70 -29.29 -12.35
CA PHE C 91 -8.43 -29.58 -11.70
C PHE C 91 -8.09 -28.52 -10.66
N GLY C 92 -8.35 -27.25 -11.00
CA GLY C 92 -8.07 -26.17 -10.07
C GLY C 92 -8.93 -26.22 -8.83
N LEU C 93 -10.20 -26.60 -8.97
CA LEU C 93 -11.05 -26.72 -7.79
C LEU C 93 -10.54 -27.82 -6.86
N SER C 94 -10.20 -28.98 -7.42
CA SER C 94 -9.68 -30.06 -6.58
C SER C 94 -8.38 -29.65 -5.91
N ASN C 95 -7.50 -28.96 -6.64
CA ASN C 95 -6.24 -28.50 -6.06
C ASN C 95 -6.47 -27.48 -4.96
N GLN C 96 -7.46 -26.60 -5.13
CA GLN C 96 -7.82 -25.66 -4.08
C GLN C 96 -8.17 -26.39 -2.80
N LEU C 97 -9.00 -27.43 -2.92
CA LEU C 97 -9.40 -28.19 -1.74
C LEU C 97 -8.18 -28.79 -1.04
N ALA C 98 -7.33 -29.47 -1.81
CA ALA C 98 -6.16 -30.13 -1.22
C ALA C 98 -5.22 -29.12 -0.56
N VAL C 99 -4.98 -27.98 -1.22
CA VAL C 99 -4.08 -26.96 -0.70
C VAL C 99 -4.63 -26.38 0.60
N THR C 100 -5.94 -26.12 0.64
CA THR C 100 -6.54 -25.61 1.86
C THR C 100 -6.38 -26.59 3.01
N PHE C 101 -6.60 -27.88 2.74
CA PHE C 101 -6.41 -28.89 3.79
C PHE C 101 -4.98 -28.85 4.33
N ARG C 102 -3.99 -28.86 3.43
CA ARG C 102 -2.59 -28.87 3.87
C ARG C 102 -2.24 -27.61 4.66
N GLU C 103 -2.70 -26.45 4.18
CA GLU C 103 -2.38 -25.19 4.85
C GLU C 103 -2.98 -25.14 6.25
N GLU C 104 -4.24 -25.56 6.39
CA GLU C 104 -4.86 -25.55 7.71
C GLU C 104 -4.18 -26.52 8.66
N ASN C 105 -3.79 -27.70 8.16
CA ASN C 105 -3.08 -28.64 9.01
C ASN C 105 -1.74 -28.08 9.46
N THR C 106 -1.02 -27.40 8.57
CA THR C 106 0.26 -26.81 8.95
C THR C 106 0.08 -25.70 9.98
N ILE C 107 -0.95 -24.86 9.82
CA ILE C 107 -1.19 -23.81 10.80
C ILE C 107 -1.51 -24.40 12.17
N ALA C 108 -2.34 -25.45 12.19
CA ALA C 108 -2.64 -26.13 13.45
C ALA C 108 -1.38 -26.70 14.07
N PHE C 109 -0.50 -27.28 13.24
CA PHE C 109 0.75 -27.84 13.75
C PHE C 109 1.62 -26.75 14.39
N ARG C 110 1.72 -25.59 13.73
CA ARG C 110 2.50 -24.50 14.29
C ARG C 110 1.94 -24.04 15.62
N HIS C 111 0.61 -23.86 15.69
CA HIS C 111 0.01 -23.42 16.95
C HIS C 111 0.16 -24.47 18.05
N LEU C 112 0.19 -25.74 17.70
CA LEU C 112 0.32 -26.78 18.71
C LEU C 112 1.75 -26.93 19.20
N PHE C 113 2.74 -26.78 18.33
CA PHE C 113 4.11 -27.16 18.67
C PHE C 113 5.07 -26.00 18.92
N LEU C 114 4.76 -24.79 18.46
CA LEU C 114 5.65 -23.66 18.69
C LEU C 114 5.20 -22.90 19.94
N LEU C 115 6.11 -22.78 20.90
CA LEU C 115 5.78 -22.15 22.18
C LEU C 115 5.67 -20.64 22.02
N GLY C 116 4.56 -20.09 22.49
CA GLY C 116 4.33 -18.66 22.39
C GLY C 116 4.21 -18.14 20.96
N TYR C 117 3.62 -18.94 20.07
CA TYR C 117 3.49 -18.56 18.68
C TYR C 117 2.17 -17.84 18.44
N SER C 118 2.23 -16.77 17.65
CA SER C 118 1.05 -16.01 17.26
C SER C 118 1.02 -15.88 15.74
N ASP C 119 -0.19 -15.75 15.21
CA ASP C 119 -0.35 -15.61 13.77
C ASP C 119 0.31 -14.33 13.28
N GLY C 120 1.11 -14.45 12.22
CA GLY C 120 1.85 -13.34 11.67
C GLY C 120 3.30 -13.28 12.09
N ALA C 121 3.67 -13.97 13.17
CA ALA C 121 5.05 -14.01 13.64
C ALA C 121 5.73 -15.28 13.13
N ASP C 122 6.02 -15.27 11.83
CA ASP C 122 6.65 -16.39 11.16
C ASP C 122 8.11 -16.14 10.80
N ASP C 123 8.42 -14.98 10.24
CA ASP C 123 9.80 -14.65 9.88
C ASP C 123 10.58 -14.06 11.04
N THR C 124 9.90 -13.49 12.04
CA THR C 124 10.57 -12.92 13.20
C THR C 124 10.64 -13.88 14.38
N PHE C 125 9.85 -14.94 14.39
CA PHE C 125 9.83 -15.89 15.48
C PHE C 125 11.21 -16.52 15.68
N ALA C 126 11.78 -16.30 16.87
CA ALA C 126 13.15 -16.72 17.13
C ALA C 126 13.36 -16.83 18.63
N ALA C 127 14.46 -17.49 18.99
CA ALA C 127 14.87 -17.63 20.38
C ALA C 127 16.11 -16.76 20.63
N TYR C 128 16.21 -16.22 21.84
CA TYR C 128 17.29 -15.30 22.18
C TYR C 128 18.06 -15.70 23.44
N THR C 129 17.54 -16.61 24.25
CA THR C 129 18.24 -17.08 25.43
C THR C 129 18.27 -18.60 25.44
N ARG C 130 19.25 -19.14 26.17
CA ARG C 130 19.39 -20.58 26.28
C ARG C 130 18.18 -21.21 26.96
N GLU C 131 17.65 -20.53 27.98
CA GLU C 131 16.42 -20.98 28.62
C GLU C 131 15.26 -20.98 27.63
N GLN C 132 15.18 -19.96 26.78
CA GLN C 132 14.13 -19.92 25.76
C GLN C 132 14.25 -21.10 24.81
N LEU C 133 15.46 -21.40 24.36
CA LEU C 133 15.67 -22.53 23.46
C LEU C 133 15.26 -23.84 24.11
N TYR C 134 15.69 -24.04 25.36
CA TYR C 134 15.34 -25.27 26.08
C TYR C 134 13.84 -25.40 26.24
N GLN C 135 13.17 -24.30 26.63
CA GLN C 135 11.73 -24.34 26.82
C GLN C 135 11.02 -24.66 25.52
N ALA C 136 11.45 -24.06 24.41
CA ALA C 136 10.81 -24.33 23.12
C ALA C 136 10.96 -25.80 22.73
N ILE C 137 12.17 -26.34 22.88
CA ILE C 137 12.40 -27.73 22.49
C ILE C 137 11.56 -28.68 23.35
N PHE C 138 11.58 -28.48 24.67
CA PHE C 138 10.84 -29.37 25.55
C PHE C 138 9.33 -29.23 25.35
N HIS C 139 8.85 -28.00 25.08
CA HIS C 139 7.45 -27.82 24.80
C HIS C 139 7.03 -28.56 23.53
N ALA C 140 7.87 -28.50 22.49
CA ALA C 140 7.56 -29.21 21.26
C ALA C 140 7.46 -30.71 21.52
N VAL C 141 8.42 -31.27 22.27
CA VAL C 141 8.40 -32.71 22.52
C VAL C 141 7.19 -33.09 23.38
N ASP C 142 6.89 -32.30 24.42
CA ASP C 142 5.76 -32.62 25.29
C ASP C 142 4.44 -32.53 24.53
N GLN C 143 4.30 -31.53 23.66
CA GLN C 143 3.10 -31.45 22.84
C GLN C 143 3.00 -32.61 21.86
N TYR C 144 4.13 -33.11 21.37
CA TYR C 144 4.10 -34.35 20.61
C TYR C 144 3.57 -35.50 21.46
N LEU C 145 3.97 -35.55 22.73
CA LEU C 145 3.56 -36.66 23.59
C LEU C 145 2.11 -36.54 24.06
N ALA C 146 1.52 -35.35 24.03
CA ALA C 146 0.16 -35.13 24.52
C ALA C 146 -0.85 -34.90 23.39
N LEU C 147 -0.43 -35.11 22.14
CA LEU C 147 -1.30 -34.81 21.00
C LEU C 147 -2.61 -35.59 21.01
N PRO C 148 -2.65 -36.91 21.25
CA PRO C 148 -3.94 -37.61 21.23
C PRO C 148 -4.92 -37.12 22.29
N ASP C 149 -4.44 -36.47 23.34
CA ASP C 149 -5.33 -35.96 24.38
C ASP C 149 -5.64 -34.48 24.26
N VAL C 150 -4.85 -33.71 23.51
CA VAL C 150 -5.06 -32.27 23.43
C VAL C 150 -5.51 -31.79 22.05
N SER C 151 -5.26 -32.55 20.99
CA SER C 151 -5.50 -32.04 19.64
C SER C 151 -6.97 -32.13 19.26
N LEU C 152 -7.42 -31.15 18.49
CA LEU C 152 -8.78 -31.15 17.95
C LEU C 152 -8.91 -32.08 16.74
N GLY C 153 -7.81 -32.38 16.06
CA GLY C 153 -7.85 -33.33 14.97
C GLY C 153 -7.53 -34.75 15.42
N ARG C 154 -7.62 -35.67 14.48
CA ARG C 154 -7.34 -37.08 14.72
C ARG C 154 -6.07 -37.45 13.98
N TYR C 155 -5.05 -37.86 14.74
CA TYR C 155 -3.73 -38.16 14.18
C TYR C 155 -3.25 -39.51 14.68
N ALA C 156 -2.37 -40.13 13.90
CA ALA C 156 -1.79 -41.42 14.25
C ALA C 156 -0.27 -41.35 14.14
N TYR C 157 0.41 -42.08 15.03
CA TYR C 157 1.85 -42.14 15.03
C TYR C 157 2.36 -43.12 13.97
N VAL C 158 3.58 -42.87 13.50
CA VAL C 158 4.15 -43.58 12.35
C VAL C 158 5.19 -44.60 12.79
N ARG C 159 5.97 -44.28 13.82
CA ARG C 159 6.86 -45.21 14.50
C ARG C 159 7.94 -45.79 13.59
N GLY C 160 8.83 -44.91 13.10
CA GLY C 160 10.00 -45.34 12.36
C GLY C 160 9.71 -45.78 10.95
N GLY C 161 10.42 -46.82 10.51
CA GLY C 161 10.44 -47.20 9.11
C GLY C 161 11.14 -46.21 8.21
N GLY C 162 12.26 -45.65 8.67
CA GLY C 162 12.97 -44.67 7.88
C GLY C 162 14.36 -44.45 8.41
N ASP C 163 15.07 -43.53 7.76
CA ASP C 163 16.47 -43.27 8.08
C ASP C 163 16.61 -42.43 9.36
N PRO C 164 15.96 -41.27 9.49
CA PRO C 164 16.16 -40.47 10.71
C PRO C 164 15.74 -41.20 11.98
N TRP C 165 14.66 -41.98 11.92
CA TRP C 165 14.13 -42.66 13.09
C TRP C 165 14.56 -44.11 13.12
N THR C 166 14.97 -44.58 14.30
CA THR C 166 15.28 -45.99 14.49
C THR C 166 13.99 -46.79 14.59
N ASN C 167 14.13 -48.11 14.77
CA ASN C 167 12.96 -48.96 14.90
C ASN C 167 12.16 -48.60 16.14
N GLY C 168 10.85 -48.48 15.97
CA GLY C 168 9.97 -48.15 17.08
C GLY C 168 10.17 -46.77 17.66
N SER C 169 10.61 -45.82 16.84
CA SER C 169 10.85 -44.44 17.28
C SER C 169 10.05 -43.49 16.41
N GLY C 170 9.28 -42.62 17.03
CA GLY C 170 8.44 -41.69 16.30
C GLY C 170 9.00 -40.29 16.18
N LEU C 171 9.82 -39.87 17.14
CA LEU C 171 10.38 -38.53 17.15
C LEU C 171 11.90 -38.61 17.22
N ALA C 172 12.56 -37.68 16.55
CA ALA C 172 14.02 -37.60 16.52
C ALA C 172 14.45 -36.19 16.90
N LEU C 173 15.09 -36.07 18.06
CA LEU C 173 15.66 -34.81 18.53
C LEU C 173 17.18 -34.93 18.35
N CYS C 174 17.73 -34.12 17.45
CA CYS C 174 19.12 -34.28 17.05
C CYS C 174 19.85 -32.94 17.07
N GLN C 175 21.00 -32.91 17.73
CA GLN C 175 21.92 -31.79 17.63
C GLN C 175 22.81 -31.96 16.41
N ARG C 176 23.34 -30.83 15.93
CA ARG C 176 24.38 -30.83 14.92
C ARG C 176 25.38 -29.74 15.28
N TYR C 177 26.61 -30.14 15.57
CA TYR C 177 27.66 -29.24 16.01
C TYR C 177 28.96 -29.58 15.30
N TYR C 178 29.90 -28.64 15.34
CA TYR C 178 31.20 -28.86 14.74
C TYR C 178 31.93 -29.98 15.47
N HIS C 179 32.80 -30.68 14.73
CA HIS C 179 33.57 -31.76 15.33
C HIS C 179 34.47 -31.25 16.44
N ARG C 180 35.14 -30.13 16.21
CA ARG C 180 36.00 -29.51 17.20
C ARG C 180 35.83 -28.00 17.12
N GLY C 181 35.34 -27.40 18.21
CA GLY C 181 35.18 -25.97 18.24
C GLY C 181 35.73 -25.35 19.52
N HIS C 182 36.77 -24.52 19.37
CA HIS C 182 37.42 -23.85 20.49
C HIS C 182 37.44 -22.36 20.16
N VAL C 183 36.36 -21.67 20.49
CA VAL C 183 36.18 -20.26 20.15
C VAL C 183 36.31 -19.44 21.43
N ASP C 184 37.31 -18.57 21.47
CA ASP C 184 37.41 -17.57 22.54
C ASP C 184 37.65 -16.20 21.91
N PRO C 185 36.83 -15.20 22.23
CA PRO C 185 37.08 -13.84 21.73
C PRO C 185 37.97 -12.99 22.62
N ALA C 186 38.37 -13.48 23.80
CA ALA C 186 39.23 -12.70 24.67
C ALA C 186 40.65 -12.65 24.14
N ASN C 187 41.20 -13.79 23.75
CA ASN C 187 42.49 -13.87 23.10
C ASN C 187 42.39 -13.75 21.58
N ASP C 188 41.18 -13.57 21.06
CA ASP C 188 40.95 -13.42 19.62
C ASP C 188 41.49 -14.62 18.85
N THR C 189 41.20 -15.82 19.35
CA THR C 189 41.73 -17.05 18.79
C THR C 189 40.61 -18.07 18.59
N PHE C 190 40.84 -18.99 17.66
CA PHE C 190 39.90 -20.08 17.43
C PHE C 190 40.64 -21.23 16.76
N ASP C 191 40.04 -22.42 16.86
CA ASP C 191 40.57 -23.60 16.20
C ASP C 191 39.39 -24.53 15.95
N ILE C 192 38.89 -24.53 14.71
CA ILE C 192 37.66 -25.21 14.36
C ILE C 192 37.94 -26.29 13.32
N ASP C 193 37.37 -27.47 13.53
CA ASP C 193 37.28 -28.47 12.49
C ASP C 193 35.83 -28.45 12.00
N PRO C 194 35.57 -27.92 10.80
CA PRO C 194 34.17 -27.66 10.39
C PRO C 194 33.25 -28.86 10.32
N MET C 195 33.78 -30.08 10.13
CA MET C 195 32.94 -31.26 9.94
C MET C 195 31.87 -31.37 11.02
N VAL C 196 30.62 -31.59 10.58
CA VAL C 196 29.44 -31.52 11.44
C VAL C 196 29.14 -32.90 12.00
N VAL C 197 29.05 -32.98 13.33
CA VAL C 197 28.70 -34.21 14.03
C VAL C 197 27.24 -34.13 14.47
N THR C 198 26.53 -35.25 14.40
CA THR C 198 25.12 -35.31 14.74
C THR C 198 24.93 -36.26 15.93
N ASP C 199 24.19 -35.78 16.93
CA ASP C 199 23.81 -36.59 18.08
C ASP C 199 22.28 -36.61 18.14
N CYS C 200 21.71 -37.78 17.86
CA CYS C 200 20.27 -37.92 17.68
C CYS C 200 19.66 -38.57 18.92
N ILE C 201 18.57 -37.99 19.41
CA ILE C 201 17.81 -38.56 20.52
C ILE C 201 16.48 -39.06 19.98
N GLN C 202 16.16 -40.32 20.29
CA GLN C 202 14.96 -40.98 19.78
C GLN C 202 13.92 -41.06 20.88
N VAL C 203 12.70 -40.65 20.57
CA VAL C 203 11.59 -40.63 21.52
C VAL C 203 10.52 -41.59 21.03
N ASP C 204 10.13 -42.54 21.87
CA ASP C 204 9.08 -43.49 21.52
C ASP C 204 7.71 -42.85 21.73
N PRO C 205 6.80 -42.94 20.76
CA PRO C 205 5.48 -42.35 20.94
C PRO C 205 4.74 -43.06 22.05
N PRO C 206 3.86 -42.33 22.76
CA PRO C 206 3.13 -42.95 23.88
C PRO C 206 2.03 -43.88 23.39
N GLU C 207 1.88 -45.00 24.09
CA GLU C 207 0.81 -45.95 23.80
C GLU C 207 0.58 -46.89 24.98
N SER C 224 12.49 -40.95 27.29
CA SER C 224 12.63 -40.69 28.72
C SER C 224 13.74 -39.68 28.98
N SER C 225 14.86 -39.83 28.27
CA SER C 225 16.02 -38.98 28.46
C SER C 225 16.05 -37.79 27.52
N TYR C 226 14.90 -37.40 26.97
CA TYR C 226 14.86 -36.22 26.10
C TYR C 226 14.95 -34.92 26.89
N LYS C 227 14.67 -34.95 28.19
CA LYS C 227 14.82 -33.79 29.04
C LYS C 227 16.21 -33.69 29.66
N ASN C 228 17.09 -34.62 29.35
CA ASN C 228 18.50 -34.56 29.75
C ASN C 228 19.36 -33.94 28.67
N LEU C 229 18.75 -33.36 27.63
CA LEU C 229 19.49 -32.78 26.52
C LEU C 229 20.40 -31.65 26.99
N THR C 230 21.65 -31.69 26.55
CA THR C 230 22.63 -30.66 26.85
C THR C 230 23.16 -30.11 25.52
N LEU C 231 22.90 -28.84 25.26
CA LEU C 231 23.25 -28.23 23.98
C LEU C 231 24.67 -27.67 24.03
N LYS C 232 25.46 -27.97 23.01
CA LYS C 232 26.79 -27.39 22.84
C LYS C 232 26.63 -26.04 22.15
N PHE C 233 26.33 -25.02 22.95
CA PHE C 233 25.87 -23.75 22.41
C PHE C 233 26.93 -23.08 21.54
N HIS C 234 28.19 -23.08 22.00
CA HIS C 234 29.22 -22.32 21.30
C HIS C 234 29.55 -22.92 19.93
N LYS C 235 29.38 -24.23 19.77
CA LYS C 235 29.69 -24.92 18.53
C LYS C 235 28.46 -25.43 17.81
N LEU C 236 27.27 -25.01 18.23
CA LEU C 236 26.03 -25.54 17.65
C LEU C 236 25.81 -25.01 16.24
N VAL C 237 25.28 -25.87 15.37
CA VAL C 237 24.90 -25.47 14.03
C VAL C 237 23.38 -25.33 13.96
N ASN C 238 22.66 -26.40 14.29
CA ASN C 238 21.20 -26.34 14.34
C ASN C 238 20.69 -27.50 15.18
N VAL C 239 19.42 -27.37 15.58
CA VAL C 239 18.70 -28.43 16.28
C VAL C 239 17.41 -28.67 15.50
N THR C 240 17.10 -29.94 15.25
CA THR C 240 15.95 -30.31 14.44
C THR C 240 15.13 -31.39 15.14
N ILE C 241 13.81 -31.31 14.94
CA ILE C 241 12.87 -32.31 15.43
C ILE C 241 12.11 -32.87 14.24
N HIS C 242 12.10 -34.20 14.13
CA HIS C 242 11.45 -34.89 13.02
C HIS C 242 10.44 -35.88 13.55
N PHE C 243 9.21 -35.78 13.05
CA PHE C 243 8.18 -36.77 13.34
C PHE C 243 7.13 -36.70 12.24
N ARG C 244 6.32 -37.75 12.15
CA ARG C 244 5.27 -37.82 11.14
C ARG C 244 3.93 -38.08 11.82
N LEU C 245 2.86 -37.60 11.17
CA LEU C 245 1.50 -37.78 11.64
C LEU C 245 0.64 -38.27 10.48
N LYS C 246 -0.22 -39.25 10.77
CA LYS C 246 -1.15 -39.80 9.80
C LYS C 246 -2.55 -39.29 10.07
N THR C 247 -3.20 -38.74 9.05
CA THR C 247 -4.55 -38.23 9.18
C THR C 247 -5.34 -38.60 7.93
N ILE C 248 -6.66 -38.57 8.05
CA ILE C 248 -7.58 -38.88 6.95
C ILE C 248 -8.33 -37.61 6.58
N ASN C 249 -8.31 -37.28 5.30
CA ASN C 249 -8.98 -36.07 4.80
C ASN C 249 -10.47 -36.34 4.67
N LEU C 250 -11.23 -35.93 5.68
CA LEU C 250 -12.69 -36.05 5.63
C LEU C 250 -13.35 -34.86 4.93
N GLN C 251 -12.62 -33.76 4.72
CA GLN C 251 -13.16 -32.62 4.02
C GLN C 251 -13.40 -32.90 2.54
N SER C 252 -12.69 -33.88 1.97
CA SER C 252 -12.85 -34.20 0.55
C SER C 252 -14.21 -34.79 0.23
N LEU C 253 -14.99 -35.15 1.25
CA LEU C 253 -16.29 -35.78 1.00
C LEU C 253 -17.29 -34.80 0.39
N ILE C 254 -17.18 -33.52 0.72
CA ILE C 254 -18.15 -32.53 0.22
C ILE C 254 -18.08 -32.44 -1.30
N ASN C 255 -16.88 -32.55 -1.86
CA ASN C 255 -16.71 -32.58 -3.32
C ASN C 255 -16.73 -34.01 -3.85
N ASN C 256 -17.77 -34.75 -3.47
CA ASN C 256 -17.92 -36.17 -3.82
C ASN C 256 -16.67 -36.88 -3.31
N GLU C 257 -16.00 -37.70 -4.13
CA GLU C 257 -14.70 -38.28 -3.81
C GLU C 257 -14.72 -39.23 -2.62
N ILE C 258 -13.68 -40.06 -2.53
CA ILE C 258 -13.47 -40.96 -1.40
C ILE C 258 -12.30 -40.42 -0.60
N PRO C 259 -12.43 -40.26 0.72
CA PRO C 259 -11.37 -39.64 1.54
C PRO C 259 -9.98 -40.21 1.32
N ASP C 260 -8.98 -39.33 1.34
CA ASP C 260 -7.59 -39.68 1.14
C ASP C 260 -6.88 -39.81 2.49
N CYS C 261 -5.74 -40.50 2.48
CA CYS C 261 -4.93 -40.70 3.68
C CYS C 261 -3.66 -39.87 3.55
N TYR C 262 -3.45 -38.96 4.50
CA TYR C 262 -2.33 -38.03 4.47
C TYR C 262 -1.31 -38.42 5.52
N THR C 263 -0.03 -38.38 5.14
CA THR C 263 1.08 -38.53 6.07
C THR C 263 1.87 -37.22 6.06
N PHE C 264 1.77 -36.47 7.15
CA PHE C 264 2.47 -35.20 7.27
C PHE C 264 3.84 -35.44 7.89
N SER C 265 4.89 -35.00 7.20
CA SER C 265 6.25 -35.05 7.71
C SER C 265 6.58 -33.67 8.27
N VAL C 266 6.75 -33.58 9.58
CA VAL C 266 6.91 -32.30 10.28
C VAL C 266 8.38 -32.14 10.65
N LEU C 267 8.95 -31.00 10.31
CA LEU C 267 10.33 -30.66 10.64
C LEU C 267 10.35 -29.32 11.34
N ILE C 268 10.90 -29.29 12.55
CA ILE C 268 11.07 -28.06 13.32
C ILE C 268 12.55 -27.77 13.41
N THR C 269 12.96 -26.58 12.98
CA THR C 269 14.37 -26.23 12.88
C THR C 269 14.68 -25.08 13.83
N PHE C 270 15.72 -25.27 14.64
CA PHE C 270 16.29 -24.21 15.46
C PHE C 270 17.64 -23.85 14.84
N ASP C 271 17.65 -22.78 14.05
CA ASP C 271 18.74 -22.49 13.13
C ASP C 271 19.76 -21.56 13.78
N ASN C 272 21.01 -22.02 13.85
CA ASN C 272 22.10 -21.25 14.45
C ASN C 272 23.29 -21.19 13.50
N LYS C 273 23.03 -21.07 12.19
CA LYS C 273 24.14 -21.03 11.25
C LYS C 273 24.86 -19.69 11.26
N ALA C 274 24.14 -18.62 11.63
CA ALA C 274 24.75 -17.29 11.65
C ALA C 274 25.60 -17.04 12.88
N HIS C 275 25.36 -17.78 13.97
CA HIS C 275 26.08 -17.61 15.23
C HIS C 275 26.05 -16.15 15.70
N SER C 276 24.86 -15.55 15.62
CA SER C 276 24.68 -14.14 15.93
C SER C 276 23.94 -13.91 17.23
N GLY C 277 23.71 -14.95 18.02
CA GLY C 277 22.92 -14.83 19.23
C GLY C 277 21.42 -14.86 19.01
N ARG C 278 20.97 -14.98 17.78
CA ARG C 278 19.56 -15.06 17.43
C ARG C 278 19.32 -16.35 16.67
N ILE C 279 18.47 -17.22 17.22
CA ILE C 279 18.20 -18.52 16.61
C ILE C 279 16.75 -18.54 16.11
N PRO C 280 16.52 -18.38 14.81
CA PRO C 280 15.15 -18.46 14.29
C PRO C 280 14.57 -19.86 14.46
N ILE C 281 13.25 -19.91 14.64
CA ILE C 281 12.52 -21.16 14.78
C ILE C 281 11.43 -21.20 13.71
N SER C 282 11.36 -22.30 12.99
CA SER C 282 10.40 -22.46 11.91
C SER C 282 9.86 -23.89 11.92
N LEU C 283 8.68 -24.05 11.34
CA LEU C 283 8.04 -25.35 11.20
C LEU C 283 7.60 -25.54 9.75
N GLU C 284 7.98 -26.66 9.16
CA GLU C 284 7.62 -26.99 7.79
C GLU C 284 7.03 -28.39 7.74
N THR C 285 6.13 -28.60 6.79
CA THR C 285 5.46 -29.89 6.62
C THR C 285 5.59 -30.37 5.18
N GLN C 286 5.63 -31.69 5.01
CA GLN C 286 5.67 -32.34 3.71
C GLN C 286 4.62 -33.43 3.71
N ALA C 287 3.56 -33.25 2.91
CA ALA C 287 2.45 -34.19 2.89
C ALA C 287 2.67 -35.26 1.82
N HIS C 288 2.35 -36.50 2.17
CA HIS C 288 2.40 -37.62 1.24
C HIS C 288 1.02 -38.28 1.23
N ILE C 289 0.33 -38.19 0.11
CA ILE C 289 -1.07 -38.60 0.01
C ILE C 289 -1.13 -40.00 -0.60
N GLN C 290 -1.87 -40.89 0.04
CA GLN C 290 -2.09 -42.24 -0.47
C GLN C 290 -3.57 -42.53 -0.59
N GLU C 291 -3.93 -43.75 -0.94
CA GLU C 291 -5.30 -44.21 -0.92
C GLU C 291 -5.53 -45.05 0.33
N CYS C 292 -6.65 -44.80 1.01
CA CYS C 292 -6.94 -45.51 2.25
C CYS C 292 -7.50 -46.88 1.93
N LYS C 293 -6.82 -47.91 2.44
CA LYS C 293 -7.30 -49.28 2.28
C LYS C 293 -8.56 -49.50 3.11
N HIS C 294 -9.42 -50.38 2.61
CA HIS C 294 -10.70 -50.70 3.23
C HIS C 294 -11.57 -49.46 3.52
N PRO C 295 -11.93 -48.70 2.49
CA PRO C 295 -12.77 -47.53 2.70
C PRO C 295 -14.26 -47.82 2.55
N SER C 296 -15.08 -46.96 3.17
CA SER C 296 -16.53 -47.10 3.15
C SER C 296 -17.22 -45.79 3.50
N VAL C 297 -18.14 -45.35 2.63
CA VAL C 297 -18.85 -44.08 2.82
C VAL C 297 -20.35 -44.36 2.70
N PHE C 298 -20.72 -45.64 2.75
CA PHE C 298 -22.08 -46.16 2.74
C PHE C 298 -22.85 -46.02 1.43
N GLN C 299 -22.57 -44.98 0.63
CA GLN C 299 -23.02 -44.83 -0.76
C GLN C 299 -22.07 -43.86 -1.47
N HIS C 300 -21.02 -44.39 -2.11
CA HIS C 300 -20.11 -43.50 -2.85
C HIS C 300 -19.01 -44.29 -3.56
N SER C 304 -14.87 -41.97 -12.38
CA SER C 304 -14.95 -42.38 -13.77
C SER C 304 -15.21 -41.19 -14.68
N PHE C 305 -15.97 -40.21 -14.18
CA PHE C 305 -16.27 -39.02 -14.96
C PHE C 305 -15.00 -38.26 -15.31
N ARG C 306 -14.13 -38.07 -14.31
CA ARG C 306 -12.88 -37.35 -14.55
C ARG C 306 -12.00 -38.09 -15.54
N LEU C 307 -11.88 -39.42 -15.39
CA LEU C 307 -11.04 -40.19 -16.31
C LEU C 307 -11.58 -40.13 -17.74
N LEU C 308 -12.90 -40.28 -17.89
CA LEU C 308 -13.50 -40.22 -19.23
C LEU C 308 -13.33 -38.85 -19.85
N PHE C 309 -13.48 -37.78 -19.06
CA PHE C 309 -13.29 -36.45 -19.61
C PHE C 309 -11.84 -36.22 -19.99
N ASP C 310 -10.90 -36.78 -19.21
CA ASP C 310 -9.49 -36.68 -19.56
C ASP C 310 -9.19 -37.38 -20.88
N VAL C 311 -9.74 -38.58 -21.08
CA VAL C 311 -9.49 -39.27 -22.35
C VAL C 311 -10.20 -38.55 -23.50
N VAL C 312 -11.33 -37.88 -23.23
CA VAL C 312 -11.96 -37.07 -24.27
C VAL C 312 -11.05 -35.92 -24.68
N VAL C 313 -10.45 -35.25 -23.69
CA VAL C 313 -9.50 -34.18 -23.98
C VAL C 313 -8.32 -34.72 -24.78
N ILE C 314 -7.81 -35.89 -24.40
CA ILE C 314 -6.68 -36.48 -25.11
C ILE C 314 -7.04 -36.78 -26.56
N LEU C 315 -8.23 -37.33 -26.79
CA LEU C 315 -8.64 -37.66 -28.15
C LEU C 315 -8.82 -36.42 -29.00
N THR C 316 -9.50 -35.39 -28.46
CA THR C 316 -9.66 -34.15 -29.21
C THR C 316 -8.30 -33.52 -29.53
N CYS C 317 -7.39 -33.53 -28.56
CA CYS C 317 -6.06 -32.98 -28.78
C CYS C 317 -5.30 -33.78 -29.84
N SER C 318 -5.41 -35.11 -29.82
CA SER C 318 -4.74 -35.91 -30.82
C SER C 318 -5.27 -35.60 -32.22
N LEU C 319 -6.58 -35.46 -32.36
CA LEU C 319 -7.15 -35.12 -33.66
C LEU C 319 -6.66 -33.75 -34.13
N SER C 320 -6.64 -32.76 -33.22
CA SER C 320 -6.16 -31.43 -33.59
C SER C 320 -4.70 -31.47 -34.01
N PHE C 321 -3.87 -32.20 -33.28
CA PHE C 321 -2.46 -32.32 -33.62
C PHE C 321 -2.28 -32.97 -34.99
N LEU C 322 -3.04 -34.02 -35.28
CA LEU C 322 -2.95 -34.69 -36.58
C LEU C 322 -3.32 -33.73 -37.71
N LEU C 323 -4.42 -33.00 -37.54
CA LEU C 323 -4.85 -32.08 -38.59
C LEU C 323 -3.83 -30.98 -38.82
N CYS C 324 -3.31 -30.39 -37.73
CA CYS C 324 -2.33 -29.32 -37.88
C CYS C 324 -1.04 -29.82 -38.52
N ALA C 325 -0.60 -31.02 -38.14
CA ALA C 325 0.62 -31.59 -38.73
C ALA C 325 0.42 -31.84 -40.23
N ARG C 326 -0.73 -32.37 -40.61
CA ARG C 326 -1.00 -32.60 -42.03
C ARG C 326 -1.01 -31.29 -42.80
N SER C 327 -1.62 -30.25 -42.23
CA SER C 327 -1.63 -28.94 -42.88
C SER C 327 -0.22 -28.38 -43.03
N LEU C 328 0.61 -28.51 -41.99
CA LEU C 328 1.99 -28.02 -42.08
C LEU C 328 2.78 -28.79 -43.14
N LEU C 329 2.58 -30.10 -43.22
CA LEU C 329 3.27 -30.89 -44.24
C LEU C 329 2.85 -30.46 -45.64
N ARG C 330 1.55 -30.23 -45.85
CA ARG C 330 1.09 -29.73 -47.14
C ARG C 330 1.70 -28.37 -47.46
N GLY C 331 1.78 -27.48 -46.46
CA GLY C 331 2.39 -26.19 -46.69
C GLY C 331 3.85 -26.30 -47.09
N PHE C 332 4.60 -27.17 -46.41
CA PHE C 332 6.00 -27.37 -46.78
C PHE C 332 6.13 -27.93 -48.20
N LEU C 333 5.27 -28.89 -48.56
CA LEU C 333 5.31 -29.45 -49.90
C LEU C 333 5.00 -28.40 -50.96
N LEU C 334 4.00 -27.54 -50.69
CA LEU C 334 3.68 -26.47 -51.63
C LEU C 334 4.82 -25.47 -51.75
N GLN C 335 5.48 -25.16 -50.63
CA GLN C 335 6.65 -24.28 -50.69
C GLN C 335 7.75 -24.89 -51.53
N ASN C 336 7.99 -26.20 -51.37
CA ASN C 336 9.00 -26.87 -52.18
C ASN C 336 8.64 -26.85 -53.66
N GLU C 337 7.36 -27.06 -53.98
CA GLU C 337 6.93 -26.99 -55.37
C GLU C 337 7.14 -25.60 -55.94
N PHE C 338 6.82 -24.56 -55.17
CA PHE C 338 7.00 -23.20 -55.64
C PHE C 338 8.48 -22.88 -55.86
N VAL C 339 9.34 -23.31 -54.94
CA VAL C 339 10.76 -23.02 -55.09
C VAL C 339 11.35 -23.82 -56.26
N GLY C 340 10.81 -25.00 -56.54
CA GLY C 340 11.22 -25.72 -57.73
C GLY C 340 10.77 -25.04 -59.01
N PHE C 341 9.57 -24.47 -59.00
CA PHE C 341 9.05 -23.79 -60.19
C PHE C 341 9.92 -22.59 -60.56
N MET C 342 10.34 -21.80 -59.56
CA MET C 342 11.14 -20.63 -59.82
C MET C 342 12.62 -20.93 -60.03
N TRP C 343 13.03 -22.18 -59.85
CA TRP C 343 14.43 -22.59 -60.03
C TRP C 343 15.39 -21.73 -59.21
N GLU C 354 11.79 -15.86 -47.74
CA GLU C 354 10.40 -15.93 -48.17
C GLU C 354 9.81 -17.32 -47.92
N ARG C 355 10.70 -18.29 -47.62
CA ARG C 355 10.23 -19.62 -47.24
C ARG C 355 9.50 -19.58 -45.91
N LEU C 356 9.83 -18.62 -45.06
CA LEU C 356 9.19 -18.48 -43.76
C LEU C 356 7.77 -17.95 -43.84
N GLU C 357 7.33 -17.49 -45.02
CA GLU C 357 5.97 -17.04 -45.23
C GLU C 357 5.02 -18.17 -45.60
N PHE C 358 5.48 -19.42 -45.53
CA PHE C 358 4.65 -20.58 -45.81
C PHE C 358 4.43 -21.46 -44.56
N VAL C 359 4.53 -20.87 -43.37
CA VAL C 359 4.59 -21.64 -42.13
C VAL C 359 3.27 -21.59 -41.38
N ASN C 360 2.61 -20.43 -41.31
CA ASN C 360 1.35 -20.27 -40.58
C ASN C 360 1.52 -20.61 -39.10
N GLY C 361 2.27 -19.74 -38.42
CA GLY C 361 2.63 -19.92 -37.01
C GLY C 361 1.45 -20.13 -36.07
N TRP C 362 0.23 -19.81 -36.50
CA TRP C 362 -0.95 -20.17 -35.71
C TRP C 362 -0.98 -21.67 -35.48
N TYR C 363 -0.65 -22.45 -36.50
CA TYR C 363 -0.63 -23.90 -36.38
C TYR C 363 0.52 -24.37 -35.50
N ILE C 364 1.64 -23.65 -35.50
CA ILE C 364 2.72 -23.96 -34.57
C ILE C 364 2.25 -23.78 -33.14
N LEU C 365 1.55 -22.68 -32.87
CA LEU C 365 1.00 -22.45 -31.54
C LEU C 365 0.01 -23.55 -31.16
N LEU C 366 -0.84 -23.95 -32.11
CA LEU C 366 -1.81 -25.00 -31.84
C LEU C 366 -1.12 -26.32 -31.49
N VAL C 367 -0.08 -26.68 -32.26
CA VAL C 367 0.64 -27.93 -32.01
C VAL C 367 1.35 -27.88 -30.65
N THR C 368 1.95 -26.74 -30.31
CA THR C 368 2.64 -26.62 -29.03
C THR C 368 1.67 -26.78 -27.86
N SER C 369 0.56 -26.04 -27.91
CA SER C 369 -0.46 -26.19 -26.87
C SER C 369 -1.02 -27.61 -26.85
N ASP C 370 -1.05 -28.26 -28.01
CA ASP C 370 -1.55 -29.63 -28.11
C ASP C 370 -0.66 -30.60 -27.37
N VAL C 371 0.64 -30.52 -27.61
CA VAL C 371 1.59 -31.39 -26.92
C VAL C 371 1.57 -31.12 -25.42
N LEU C 372 1.54 -29.83 -25.05
CA LEU C 372 1.49 -29.49 -23.63
C LEU C 372 0.24 -30.05 -22.96
N THR C 373 -0.92 -29.94 -23.64
CA THR C 373 -2.16 -30.45 -23.07
C THR C 373 -2.10 -31.96 -22.90
N ILE C 374 -1.57 -32.67 -23.89
CA ILE C 374 -1.52 -34.14 -23.78
C ILE C 374 -0.60 -34.56 -22.63
N SER C 375 0.58 -33.94 -22.54
CA SER C 375 1.51 -34.29 -21.47
C SER C 375 0.91 -33.98 -20.10
N GLY C 376 0.31 -32.79 -19.97
CA GLY C 376 -0.32 -32.43 -18.70
C GLY C 376 -1.48 -33.33 -18.34
N THR C 377 -2.23 -33.80 -19.34
CA THR C 377 -3.35 -34.69 -19.05
C THR C 377 -2.88 -36.05 -18.58
N ILE C 378 -1.83 -36.60 -19.20
CA ILE C 378 -1.26 -37.85 -18.70
C ILE C 378 -0.75 -37.67 -17.26
N MET C 379 -0.05 -36.56 -16.99
CA MET C 379 0.44 -36.32 -15.65
C MET C 379 -0.70 -36.17 -14.64
N LYS C 380 -1.77 -35.50 -15.04
CA LYS C 380 -2.93 -35.33 -14.16
C LYS C 380 -3.63 -36.65 -13.89
N ILE C 381 -3.73 -37.51 -14.91
CA ILE C 381 -4.31 -38.83 -14.70
C ILE C 381 -3.47 -39.62 -13.70
N GLY C 382 -2.13 -39.54 -13.84
CA GLY C 382 -1.28 -40.21 -12.86
C GLY C 382 -1.46 -39.66 -11.45
N ILE C 383 -1.53 -38.34 -11.32
CA ILE C 383 -1.69 -37.71 -10.01
C ILE C 383 -3.00 -38.17 -9.37
N GLU C 384 -4.09 -38.18 -10.15
CA GLU C 384 -5.37 -38.65 -9.62
C GLU C 384 -5.33 -40.15 -9.32
N ALA C 385 -4.54 -40.91 -10.07
CA ALA C 385 -4.32 -42.32 -9.78
C ALA C 385 -3.42 -42.52 -8.57
N LYS C 386 -2.84 -41.45 -8.04
CA LYS C 386 -2.15 -41.36 -6.75
C LYS C 386 -0.70 -41.83 -6.80
N ASN C 387 -0.11 -42.03 -7.97
CA ASN C 387 1.25 -42.55 -8.07
C ASN C 387 2.21 -41.56 -8.74
N LEU C 388 1.85 -40.28 -8.87
CA LEU C 388 2.74 -39.30 -9.46
C LEU C 388 3.17 -38.22 -8.48
N ALA C 389 2.23 -37.51 -7.86
CA ALA C 389 2.50 -36.50 -6.84
C ALA C 389 3.38 -35.36 -7.36
N SER C 390 3.43 -35.14 -8.68
CA SER C 390 4.19 -34.04 -9.25
C SER C 390 3.21 -32.97 -9.74
N TYR C 391 2.79 -32.12 -8.80
CA TYR C 391 1.73 -31.16 -9.08
C TYR C 391 2.22 -29.95 -9.85
N ASP C 392 3.43 -29.47 -9.56
CA ASP C 392 3.91 -28.23 -10.16
C ASP C 392 4.06 -28.34 -11.67
N VAL C 393 4.68 -29.43 -12.13
CA VAL C 393 4.94 -29.59 -13.57
C VAL C 393 3.61 -29.73 -14.32
N CYS C 394 2.70 -30.55 -13.81
CA CYS C 394 1.40 -30.71 -14.45
C CYS C 394 0.63 -29.41 -14.50
N SER C 395 0.63 -28.65 -13.39
CA SER C 395 -0.08 -27.38 -13.35
C SER C 395 0.52 -26.40 -14.36
N ILE C 396 1.85 -26.33 -14.44
CA ILE C 396 2.49 -25.44 -15.40
C ILE C 396 2.14 -25.84 -16.83
N LEU C 397 2.18 -27.13 -17.13
CA LEU C 397 1.87 -27.60 -18.47
C LEU C 397 0.44 -27.23 -18.86
N LEU C 398 -0.51 -27.53 -17.97
CA LEU C 398 -1.92 -27.28 -18.29
C LEU C 398 -2.21 -25.79 -18.37
N GLY C 399 -1.61 -24.99 -17.48
CA GLY C 399 -1.83 -23.55 -17.54
C GLY C 399 -1.25 -22.91 -18.79
N THR C 400 -0.03 -23.31 -19.17
CA THR C 400 0.55 -22.80 -20.40
C THR C 400 -0.29 -23.20 -21.60
N SER C 401 -0.78 -24.44 -21.62
CA SER C 401 -1.62 -24.87 -22.73
C SER C 401 -2.93 -24.07 -22.79
N THR C 402 -3.55 -23.81 -21.64
CA THR C 402 -4.78 -23.04 -21.63
C THR C 402 -4.53 -21.60 -22.10
N LEU C 403 -3.42 -21.01 -21.65
CA LEU C 403 -3.08 -19.66 -22.10
C LEU C 403 -2.87 -19.64 -23.62
N LEU C 404 -2.18 -20.66 -24.15
CA LEU C 404 -1.94 -20.70 -25.59
C LEU C 404 -3.24 -20.87 -26.37
N VAL C 405 -4.14 -21.76 -25.91
CA VAL C 405 -5.37 -21.98 -26.66
C VAL C 405 -6.28 -20.76 -26.58
N TRP C 406 -6.21 -19.98 -25.49
CA TRP C 406 -6.95 -18.74 -25.46
C TRP C 406 -6.32 -17.64 -26.29
N VAL C 407 -4.99 -17.63 -26.44
CA VAL C 407 -4.36 -16.68 -27.34
C VAL C 407 -4.82 -16.93 -28.78
N GLY C 408 -5.16 -18.18 -29.10
CA GLY C 408 -5.53 -18.56 -30.45
C GLY C 408 -6.84 -18.01 -30.98
N VAL C 409 -7.64 -17.35 -30.14
CA VAL C 409 -8.86 -16.71 -30.64
C VAL C 409 -8.54 -15.46 -31.46
N ILE C 410 -7.34 -14.92 -31.30
CA ILE C 410 -6.92 -13.81 -32.16
C ILE C 410 -6.91 -14.25 -33.61
N ARG C 411 -6.67 -15.53 -33.88
CA ARG C 411 -6.73 -16.04 -35.24
C ARG C 411 -8.09 -15.80 -35.87
N TYR C 412 -9.16 -16.08 -35.12
CA TYR C 412 -10.51 -15.84 -35.63
C TYR C 412 -10.87 -14.36 -35.61
N LEU C 413 -10.25 -13.59 -34.71
CA LEU C 413 -10.52 -12.16 -34.70
C LEU C 413 -9.89 -11.45 -35.90
N THR C 414 -8.77 -11.98 -36.42
CA THR C 414 -8.15 -11.39 -37.59
C THR C 414 -8.93 -11.70 -38.87
N PHE C 415 -9.86 -12.65 -38.84
CA PHE C 415 -10.62 -12.98 -40.02
C PHE C 415 -11.53 -11.83 -40.47
N PHE C 416 -11.80 -10.88 -39.58
CA PHE C 416 -12.56 -9.69 -39.88
C PHE C 416 -11.59 -8.55 -40.18
N HIS C 417 -12.10 -7.33 -40.27
CA HIS C 417 -11.29 -6.18 -40.67
C HIS C 417 -11.04 -5.21 -39.53
N ASN C 418 -12.10 -4.85 -38.78
CA ASN C 418 -11.95 -3.86 -37.72
C ASN C 418 -11.15 -4.39 -36.54
N TYR C 419 -11.06 -5.70 -36.35
CA TYR C 419 -10.17 -6.29 -35.37
C TYR C 419 -8.77 -6.50 -35.94
N ASN C 420 -8.71 -6.87 -37.22
CA ASN C 420 -7.44 -7.11 -37.87
C ASN C 420 -6.60 -5.84 -37.94
N ILE C 421 -7.23 -4.67 -38.03
CA ILE C 421 -6.44 -3.43 -38.03
C ILE C 421 -5.70 -3.27 -36.70
N LEU C 422 -6.37 -3.54 -35.57
CA LEU C 422 -5.71 -3.44 -34.28
C LEU C 422 -4.61 -4.49 -34.13
N ILE C 423 -4.90 -5.73 -34.54
CA ILE C 423 -3.91 -6.79 -34.42
C ILE C 423 -2.69 -6.51 -35.30
N ALA C 424 -2.92 -5.97 -36.51
CA ALA C 424 -1.83 -5.59 -37.38
C ALA C 424 -1.04 -4.42 -36.81
N THR C 425 -1.71 -3.49 -36.12
CA THR C 425 -1.00 -2.41 -35.45
C THR C 425 -0.04 -2.96 -34.40
N LEU C 426 -0.52 -3.90 -33.59
CA LEU C 426 0.36 -4.50 -32.59
C LEU C 426 1.51 -5.26 -33.24
N ARG C 427 1.23 -6.00 -34.32
CA ARG C 427 2.27 -6.75 -35.00
C ARG C 427 3.33 -5.83 -35.58
N VAL C 428 2.91 -4.69 -36.15
CA VAL C 428 3.86 -3.73 -36.70
C VAL C 428 4.68 -3.09 -35.59
N ALA C 429 4.05 -2.80 -34.45
CA ALA C 429 4.76 -2.11 -33.38
C ALA C 429 5.74 -3.01 -32.64
N LEU C 430 5.51 -4.32 -32.64
CA LEU C 430 6.29 -5.22 -31.79
C LEU C 430 7.81 -5.13 -31.96
N PRO C 431 8.39 -5.14 -33.17
CA PRO C 431 9.86 -5.15 -33.28
C PRO C 431 10.54 -3.93 -32.66
N SER C 432 10.01 -2.73 -32.95
CA SER C 432 10.59 -1.52 -32.38
C SER C 432 10.44 -1.52 -30.87
N VAL C 433 9.34 -2.08 -30.37
CA VAL C 433 9.14 -2.21 -28.92
C VAL C 433 10.23 -3.09 -28.32
N MET C 434 10.55 -4.22 -28.97
CA MET C 434 11.60 -5.09 -28.45
C MET C 434 12.97 -4.43 -28.49
N ARG C 435 13.26 -3.68 -29.56
CA ARG C 435 14.55 -3.01 -29.65
C ARG C 435 14.70 -1.93 -28.57
N PHE C 436 13.66 -1.12 -28.37
CA PHE C 436 13.71 -0.14 -27.30
C PHE C 436 13.75 -0.82 -25.93
N CYS C 437 13.14 -1.99 -25.81
CA CYS C 437 13.27 -2.78 -24.59
C CYS C 437 14.72 -3.17 -24.36
N CYS C 438 15.43 -3.54 -25.42
CA CYS C 438 16.86 -3.85 -25.28
C CYS C 438 17.63 -2.66 -24.72
N CYS C 439 17.45 -1.48 -25.33
CA CYS C 439 18.20 -0.31 -24.87
C CYS C 439 17.84 0.08 -23.43
N ALA C 440 16.53 0.24 -23.18
CA ALA C 440 16.08 0.61 -21.84
C ALA C 440 16.46 -0.42 -20.81
N GLY C 441 16.50 -1.70 -21.19
CA GLY C 441 16.90 -2.74 -20.25
C GLY C 441 18.37 -2.74 -19.96
N VAL C 442 19.20 -2.34 -20.92
CA VAL C 442 20.62 -2.17 -20.61
C VAL C 442 20.80 -1.07 -19.56
N ILE C 443 20.12 0.06 -19.75
CA ILE C 443 20.17 1.12 -18.74
C ILE C 443 19.61 0.62 -17.41
N TYR C 444 18.55 -0.20 -17.49
CA TYR C 444 17.89 -0.75 -16.31
C TYR C 444 18.83 -1.67 -15.53
N LEU C 445 19.59 -2.50 -16.23
CA LEU C 445 20.57 -3.37 -15.57
C LEU C 445 21.65 -2.55 -14.90
N GLY C 446 22.12 -1.49 -15.55
CA GLY C 446 23.09 -0.62 -14.89
C GLY C 446 22.55 -0.06 -13.58
N TYR C 447 21.33 0.46 -13.62
CA TYR C 447 20.71 0.99 -12.41
C TYR C 447 20.51 -0.10 -11.37
N CYS C 448 20.16 -1.32 -11.80
CA CYS C 448 19.94 -2.41 -10.85
C CYS C 448 21.22 -2.76 -10.11
N PHE C 449 22.33 -2.87 -10.84
CA PHE C 449 23.61 -3.17 -10.19
C PHE C 449 24.00 -2.05 -9.22
N CYS C 450 23.86 -0.80 -9.65
CA CYS C 450 24.23 0.31 -8.77
C CYS C 450 23.37 0.32 -7.50
N GLY C 451 22.05 0.17 -7.66
CA GLY C 451 21.16 0.19 -6.52
C GLY C 451 21.43 -0.96 -5.57
N TRP C 452 21.65 -2.16 -6.11
CA TRP C 452 22.02 -3.29 -5.26
C TRP C 452 23.25 -2.96 -4.43
N ILE C 453 24.37 -2.65 -5.11
CA ILE C 453 25.64 -2.49 -4.41
C ILE C 453 25.61 -1.35 -3.40
N VAL C 454 24.77 -0.34 -3.62
CA VAL C 454 24.79 0.78 -2.70
C VAL C 454 23.75 0.63 -1.59
N LEU C 455 22.52 0.23 -1.90
CA LEU C 455 21.44 0.22 -0.93
C LEU C 455 21.14 -1.15 -0.34
N GLY C 456 21.94 -2.17 -0.65
CA GLY C 456 21.79 -3.44 0.01
C GLY C 456 22.01 -3.40 1.51
N PRO C 457 23.11 -2.77 1.96
CA PRO C 457 23.36 -2.69 3.41
C PRO C 457 22.31 -1.91 4.18
N TYR C 458 21.52 -1.06 3.53
CA TYR C 458 20.66 -0.13 4.25
C TYR C 458 19.17 -0.34 3.98
N HIS C 459 18.80 -0.65 2.75
CA HIS C 459 17.39 -0.73 2.36
C HIS C 459 16.97 -2.19 2.31
N VAL C 460 15.89 -2.51 3.04
CA VAL C 460 15.38 -3.89 3.06
C VAL C 460 14.79 -4.31 1.73
N LYS C 461 14.51 -3.37 0.84
CA LYS C 461 13.95 -3.65 -0.47
C LYS C 461 15.02 -3.93 -1.52
N PHE C 462 16.30 -3.78 -1.16
CA PHE C 462 17.41 -3.88 -2.10
C PHE C 462 18.38 -4.99 -1.69
N ARG C 463 17.89 -6.05 -1.05
CA ARG C 463 18.77 -7.05 -0.46
C ARG C 463 19.42 -7.95 -1.52
N SER C 464 18.63 -8.43 -2.47
CA SER C 464 19.12 -9.30 -3.53
C SER C 464 18.90 -8.64 -4.89
N LEU C 465 19.56 -9.17 -5.91
CA LEU C 465 19.46 -8.60 -7.24
C LEU C 465 18.04 -8.75 -7.80
N SER C 466 17.42 -9.91 -7.59
CA SER C 466 16.04 -10.10 -8.05
C SER C 466 15.09 -9.16 -7.31
N MET C 467 15.31 -8.97 -6.01
CA MET C 467 14.49 -8.03 -5.25
C MET C 467 14.66 -6.61 -5.75
N VAL C 468 15.90 -6.23 -6.10
CA VAL C 468 16.15 -4.90 -6.65
C VAL C 468 15.42 -4.74 -7.98
N SER C 469 15.48 -5.77 -8.83
CA SER C 469 14.81 -5.71 -10.12
C SER C 469 13.31 -5.57 -9.94
N GLU C 470 12.71 -6.33 -9.02
CA GLU C 470 11.28 -6.21 -8.77
C GLU C 470 10.92 -4.83 -8.23
N CYS C 471 11.72 -4.31 -7.31
CA CYS C 471 11.47 -2.98 -6.75
C CYS C 471 11.51 -1.92 -7.84
N LEU C 472 12.54 -1.95 -8.69
CA LEU C 472 12.65 -0.95 -9.75
C LEU C 472 11.52 -1.09 -10.77
N PHE C 473 11.16 -2.33 -11.12
CA PHE C 473 10.10 -2.54 -12.10
C PHE C 473 8.76 -2.04 -11.56
N SER C 474 8.46 -2.30 -10.30
CA SER C 474 7.24 -1.76 -9.71
C SER C 474 7.34 -0.25 -9.50
N LEU C 475 8.56 0.29 -9.40
CA LEU C 475 8.75 1.72 -9.21
C LEU C 475 8.53 2.50 -10.50
N ILE C 476 8.89 1.93 -11.65
CA ILE C 476 8.62 2.61 -12.92
C ILE C 476 7.15 2.52 -13.33
N ASN C 477 6.34 1.77 -12.58
CA ASN C 477 4.91 1.67 -12.85
C ASN C 477 4.08 2.37 -11.77
N GLY C 478 4.69 3.26 -11.01
CA GLY C 478 3.99 4.03 -10.00
C GLY C 478 3.46 3.22 -8.82
N ASP C 479 4.25 2.28 -8.31
CA ASP C 479 3.84 1.48 -7.16
C ASP C 479 4.94 1.48 -6.11
N ASP C 480 4.54 1.65 -4.85
CA ASP C 480 5.44 1.54 -3.69
C ASP C 480 6.60 2.51 -3.78
N MET C 481 6.30 3.77 -4.13
CA MET C 481 7.34 4.79 -4.24
C MET C 481 7.62 5.46 -2.90
N PHE C 482 6.56 5.83 -2.19
CA PHE C 482 6.75 6.55 -0.93
C PHE C 482 7.36 5.65 0.14
N VAL C 483 7.03 4.36 0.15
CA VAL C 483 7.66 3.46 1.11
C VAL C 483 9.15 3.32 0.82
N THR C 484 9.52 3.29 -0.46
CA THR C 484 10.93 3.27 -0.83
C THR C 484 11.64 4.54 -0.35
N PHE C 485 11.00 5.70 -0.51
CA PHE C 485 11.61 6.93 -0.03
C PHE C 485 11.68 6.97 1.50
N ALA C 486 10.67 6.46 2.19
CA ALA C 486 10.62 6.52 3.64
C ALA C 486 11.60 5.56 4.29
N ALA C 487 11.85 4.40 3.68
CA ALA C 487 12.84 3.48 4.22
C ALA C 487 14.23 4.09 4.22
N MET C 488 14.49 5.05 3.34
CA MET C 488 15.76 5.77 3.36
C MET C 488 15.71 7.02 4.22
N GLN C 489 14.54 7.66 4.33
CA GLN C 489 14.36 8.72 5.32
C GLN C 489 14.61 8.20 6.74
N ALA C 490 14.35 6.90 6.94
CA ALA C 490 14.56 6.30 8.28
C ALA C 490 16.05 6.11 8.55
N GLN C 491 16.91 6.61 7.65
CA GLN C 491 18.37 6.45 7.81
C GLN C 491 19.05 7.83 7.77
N GLN C 492 18.29 8.89 7.49
CA GLN C 492 18.90 10.25 7.35
C GLN C 492 19.90 10.50 8.49
N GLY C 493 19.68 9.94 9.68
CA GLY C 493 20.61 10.13 10.78
C GLY C 493 21.94 9.46 10.52
N ARG C 494 21.91 8.25 9.99
CA ARG C 494 23.11 7.56 9.54
C ARG C 494 23.55 8.23 8.23
N SER C 495 24.47 7.59 7.51
CA SER C 495 25.28 8.24 6.48
C SER C 495 24.48 9.18 5.58
N SER C 496 24.81 10.46 5.66
CA SER C 496 24.15 11.46 4.84
C SER C 496 24.61 11.36 3.40
N LEU C 497 25.84 10.90 3.18
CA LEU C 497 26.29 10.59 1.82
C LEU C 497 25.41 9.53 1.19
N VAL C 498 25.10 8.47 1.94
CA VAL C 498 24.23 7.41 1.43
C VAL C 498 22.82 7.95 1.21
N TRP C 499 22.31 8.78 2.12
CA TRP C 499 20.98 9.33 1.94
C TRP C 499 20.90 10.22 0.70
N LEU C 500 21.90 11.08 0.49
CA LEU C 500 21.93 11.94 -0.68
C LEU C 500 22.04 11.13 -1.96
N PHE C 501 22.88 10.09 -1.96
CA PHE C 501 22.99 9.24 -3.14
C PHE C 501 21.67 8.54 -3.42
N SER C 502 20.97 8.07 -2.38
CA SER C 502 19.69 7.43 -2.58
C SER C 502 18.68 8.41 -3.18
N GLN C 503 18.65 9.64 -2.68
CA GLN C 503 17.76 10.65 -3.24
C GLN C 503 18.04 10.86 -4.72
N LEU C 504 19.31 11.12 -5.07
CA LEU C 504 19.67 11.36 -6.46
C LEU C 504 19.33 10.16 -7.33
N TYR C 505 19.68 8.97 -6.87
CA TYR C 505 19.46 7.74 -7.62
C TYR C 505 17.98 7.51 -7.89
N LEU C 506 17.16 7.59 -6.85
CA LEU C 506 15.73 7.34 -7.01
C LEU C 506 15.08 8.38 -7.91
N TYR C 507 15.37 9.68 -7.66
CA TYR C 507 14.75 10.72 -8.47
C TYR C 507 15.14 10.58 -9.94
N SER C 508 16.44 10.38 -10.20
CA SER C 508 16.91 10.26 -11.58
C SER C 508 16.27 9.07 -12.27
N PHE C 509 16.27 7.90 -11.61
CA PHE C 509 15.73 6.70 -12.23
C PHE C 509 14.24 6.86 -12.53
N ILE C 510 13.47 7.35 -11.56
CA ILE C 510 12.03 7.46 -11.75
C ILE C 510 11.71 8.48 -12.84
N SER C 511 12.37 9.64 -12.82
CA SER C 511 12.12 10.64 -13.85
C SER C 511 12.46 10.10 -15.23
N LEU C 512 13.63 9.47 -15.36
CA LEU C 512 14.07 8.98 -16.66
C LEU C 512 13.13 7.91 -17.21
N PHE C 513 12.68 6.99 -16.35
CA PHE C 513 11.88 5.88 -16.84
C PHE C 513 10.38 6.18 -16.88
N ILE C 514 9.92 7.26 -16.28
CA ILE C 514 8.51 7.63 -16.37
C ILE C 514 8.29 8.64 -17.49
N TYR C 515 9.12 9.68 -17.56
CA TYR C 515 8.87 10.76 -18.51
C TYR C 515 9.44 10.51 -19.90
N MET C 516 10.34 9.53 -20.06
CA MET C 516 10.97 9.31 -21.36
C MET C 516 10.70 7.93 -21.94
N VAL C 517 10.96 6.87 -21.18
CA VAL C 517 10.87 5.52 -21.74
C VAL C 517 9.42 5.14 -22.03
N LEU C 518 8.53 5.34 -21.06
CA LEU C 518 7.12 5.01 -21.28
C LEU C 518 6.50 5.89 -22.34
N SER C 519 6.89 7.18 -22.37
CA SER C 519 6.41 8.08 -23.41
C SER C 519 6.87 7.62 -24.79
N LEU C 520 8.10 7.13 -24.90
CA LEU C 520 8.57 6.63 -26.18
C LEU C 520 7.84 5.34 -26.58
N PHE C 521 7.50 4.50 -25.62
CA PHE C 521 6.68 3.33 -25.93
C PHE C 521 5.33 3.74 -26.49
N ILE C 522 4.70 4.73 -25.85
CA ILE C 522 3.42 5.25 -26.32
C ILE C 522 3.57 5.82 -27.73
N ALA C 523 4.66 6.56 -27.97
CA ALA C 523 4.89 7.15 -29.29
C ALA C 523 5.08 6.07 -30.35
N LEU C 524 5.78 4.99 -30.01
CA LEU C 524 5.96 3.89 -30.95
C LEU C 524 4.61 3.29 -31.34
N ILE C 525 3.76 3.02 -30.34
CA ILE C 525 2.46 2.42 -30.63
C ILE C 525 1.60 3.37 -31.46
N THR C 526 1.62 4.67 -31.11
CA THR C 526 0.83 5.65 -31.85
C THR C 526 1.30 5.75 -33.30
N GLY C 527 2.62 5.76 -33.52
CA GLY C 527 3.13 5.78 -34.88
C GLY C 527 2.73 4.56 -35.67
N ALA C 528 2.81 3.37 -35.05
CA ALA C 528 2.39 2.15 -35.74
C ALA C 528 0.92 2.21 -36.12
N TYR C 529 0.08 2.72 -35.22
CA TYR C 529 -1.33 2.87 -35.52
C TYR C 529 -1.55 3.84 -36.68
N ASP C 530 -0.78 4.93 -36.71
CA ASP C 530 -0.89 5.89 -37.79
C ASP C 530 -0.53 5.27 -39.14
N THR C 531 0.57 4.50 -39.19
CA THR C 531 0.92 3.84 -40.44
C THR C 531 -0.12 2.81 -40.85
N ILE C 532 -0.70 2.09 -39.89
CA ILE C 532 -1.74 1.11 -40.22
C ILE C 532 -2.94 1.80 -40.83
N LYS C 533 -3.37 2.93 -40.25
CA LYS C 533 -4.50 3.64 -40.83
C LYS C 533 -4.15 4.28 -42.17
N HIS C 534 -2.89 4.66 -42.36
CA HIS C 534 -2.49 5.36 -43.58
C HIS C 534 -1.62 4.47 -44.46
N TYR D 55 36.43 10.59 -44.13
CA TYR D 55 37.37 11.42 -43.41
C TYR D 55 38.33 10.53 -42.62
N PHE D 56 37.93 9.26 -42.48
CA PHE D 56 38.66 8.25 -41.71
C PHE D 56 38.70 8.64 -40.22
N PHE D 57 37.81 9.57 -39.87
CA PHE D 57 37.63 9.99 -38.46
C PHE D 57 36.14 10.24 -38.34
N MET D 58 35.51 9.93 -37.20
CA MET D 58 34.03 10.04 -37.07
C MET D 58 33.36 8.94 -37.91
N SER D 59 34.10 8.28 -38.81
CA SER D 59 33.55 7.15 -39.53
C SER D 59 32.95 6.12 -38.58
N PRO D 60 32.01 5.29 -39.02
CA PRO D 60 31.55 4.16 -38.21
C PRO D 60 32.56 3.02 -38.26
N CYS D 61 32.46 2.12 -37.28
CA CYS D 61 33.46 1.06 -37.11
C CYS D 61 33.44 0.07 -38.28
N ASP D 62 32.25 -0.36 -38.71
CA ASP D 62 32.18 -1.23 -39.88
C ASP D 62 32.81 -0.57 -41.09
N LYS D 63 32.77 0.77 -41.14
CA LYS D 63 33.37 1.50 -42.25
C LYS D 63 34.88 1.66 -42.10
N PHE D 64 35.40 1.75 -40.86
CA PHE D 64 36.85 1.66 -40.70
C PHE D 64 37.36 0.31 -41.18
N ARG D 65 36.64 -0.76 -40.85
CA ARG D 65 37.13 -2.10 -41.19
C ARG D 65 37.22 -2.29 -42.70
N ALA D 66 36.32 -1.67 -43.45
CA ALA D 66 36.36 -1.77 -44.91
C ALA D 66 37.65 -1.21 -45.48
N LYS D 67 38.18 -0.13 -44.88
CA LYS D 67 39.36 0.58 -45.39
C LYS D 67 40.34 0.82 -44.24
N GLY D 68 40.61 -0.22 -43.46
CA GLY D 68 41.60 -0.08 -42.40
C GLY D 68 41.76 -1.29 -41.49
N ARG D 69 42.03 -1.02 -40.21
CA ARG D 69 42.41 -2.08 -39.28
C ARG D 69 41.21 -2.72 -38.60
N LYS D 70 41.48 -3.58 -37.60
CA LYS D 70 40.46 -4.36 -36.94
C LYS D 70 39.94 -3.63 -35.71
N PRO D 71 38.66 -3.84 -35.36
CA PRO D 71 38.11 -3.17 -34.17
C PRO D 71 38.63 -3.79 -32.88
N CYS D 72 39.89 -3.52 -32.54
CA CYS D 72 40.51 -4.11 -31.37
C CYS D 72 40.29 -3.31 -30.10
N LYS D 73 39.64 -2.14 -30.19
CA LYS D 73 39.33 -1.37 -28.99
C LYS D 73 37.88 -1.54 -28.54
N LEU D 74 36.99 -2.01 -29.40
CA LEU D 74 35.64 -2.35 -28.97
C LEU D 74 35.61 -3.66 -28.20
N MET D 75 36.54 -4.57 -28.50
CA MET D 75 36.65 -5.80 -27.73
C MET D 75 37.09 -5.53 -26.30
N LEU D 76 37.99 -4.56 -26.12
CA LEU D 76 38.47 -4.23 -24.78
C LEU D 76 37.35 -3.71 -23.89
N GLN D 77 36.38 -3.00 -24.47
CA GLN D 77 35.32 -2.40 -23.66
C GLN D 77 34.35 -3.45 -23.13
N VAL D 78 33.99 -4.44 -23.94
CA VAL D 78 33.08 -5.48 -23.47
C VAL D 78 33.75 -6.34 -22.40
N VAL D 79 35.06 -6.56 -22.54
CA VAL D 79 35.82 -7.24 -21.49
C VAL D 79 35.78 -6.42 -20.21
N LYS D 80 35.91 -5.09 -20.33
CA LYS D 80 35.82 -4.23 -19.15
C LYS D 80 34.46 -4.34 -18.50
N ILE D 81 33.39 -4.35 -19.30
CA ILE D 81 32.04 -4.49 -18.74
C ILE D 81 31.93 -5.81 -17.98
N LEU D 82 32.43 -6.89 -18.59
CA LEU D 82 32.36 -8.21 -17.95
C LEU D 82 33.09 -8.21 -16.61
N VAL D 83 34.34 -7.73 -16.59
CA VAL D 83 35.13 -7.82 -15.37
C VAL D 83 34.56 -6.91 -14.29
N VAL D 84 34.10 -5.71 -14.66
CA VAL D 84 33.52 -4.80 -13.68
C VAL D 84 32.26 -5.41 -13.07
N THR D 85 31.39 -6.00 -13.90
CA THR D 85 30.17 -6.60 -13.38
C THR D 85 30.49 -7.77 -12.45
N VAL D 86 31.45 -8.62 -12.84
CA VAL D 86 31.78 -9.77 -11.99
C VAL D 86 32.35 -9.32 -10.65
N GLN D 87 33.25 -8.33 -10.67
CA GLN D 87 33.81 -7.81 -9.44
C GLN D 87 32.73 -7.23 -8.54
N LEU D 88 31.81 -6.46 -9.12
CA LEU D 88 30.73 -5.87 -8.34
C LEU D 88 29.85 -6.94 -7.72
N ILE D 89 29.55 -8.01 -8.47
CA ILE D 89 28.70 -9.07 -7.94
C ILE D 89 29.37 -9.77 -6.75
N LEU D 90 30.66 -10.09 -6.90
CA LEU D 90 31.37 -10.76 -5.80
C LEU D 90 31.41 -9.87 -4.55
N PHE D 91 31.73 -8.59 -4.75
CA PHE D 91 31.78 -7.65 -3.63
C PHE D 91 30.43 -7.54 -2.96
N GLY D 92 29.36 -7.51 -3.76
CA GLY D 92 28.02 -7.42 -3.19
C GLY D 92 27.64 -8.64 -2.38
N LEU D 93 28.04 -9.83 -2.83
CA LEU D 93 27.75 -11.04 -2.06
C LEU D 93 28.45 -11.00 -0.70
N SER D 94 29.74 -10.64 -0.70
CA SER D 94 30.46 -10.56 0.57
C SER D 94 29.84 -9.51 1.50
N ASN D 95 29.45 -8.36 0.93
CA ASN D 95 28.82 -7.31 1.73
C ASN D 95 27.48 -7.77 2.28
N GLN D 96 26.72 -8.53 1.50
CA GLN D 96 25.47 -9.09 2.00
C GLN D 96 25.71 -9.93 3.23
N LEU D 97 26.73 -10.80 3.18
CA LEU D 97 27.02 -11.65 4.33
C LEU D 97 27.36 -10.82 5.56
N ALA D 98 28.26 -9.84 5.40
CA ALA D 98 28.67 -9.02 6.55
C ALA D 98 27.49 -8.24 7.12
N VAL D 99 26.66 -7.65 6.25
CA VAL D 99 25.53 -6.86 6.70
C VAL D 99 24.53 -7.73 7.46
N THR D 100 24.27 -8.94 6.96
CA THR D 100 23.37 -9.84 7.65
C THR D 100 23.89 -10.19 9.04
N PHE D 101 25.20 -10.47 9.14
CA PHE D 101 25.78 -10.74 10.46
C PHE D 101 25.55 -9.58 11.42
N ARG D 102 25.87 -8.36 10.97
CA ARG D 102 25.73 -7.20 11.85
C ARG D 102 24.28 -6.98 12.26
N GLU D 103 23.35 -7.10 11.30
CA GLU D 103 21.94 -6.87 11.60
C GLU D 103 21.41 -7.88 12.60
N GLU D 104 21.75 -9.16 12.43
CA GLU D 104 21.28 -10.17 13.35
C GLU D 104 21.87 -9.96 14.74
N ASN D 105 23.15 -9.59 14.83
CA ASN D 105 23.74 -9.31 16.13
C ASN D 105 23.05 -8.14 16.81
N THR D 106 22.73 -7.09 16.06
CA THR D 106 22.04 -5.94 16.65
C THR D 106 20.64 -6.31 17.14
N ILE D 107 19.92 -7.12 16.37
CA ILE D 107 18.59 -7.55 16.80
C ILE D 107 18.67 -8.36 18.07
N ALA D 108 19.64 -9.27 18.15
CA ALA D 108 19.84 -10.04 19.37
C ALA D 108 20.17 -9.14 20.55
N PHE D 109 21.00 -8.12 20.31
CA PHE D 109 21.34 -7.18 21.38
C PHE D 109 20.11 -6.44 21.89
N ARG D 110 19.25 -5.99 20.97
CA ARG D 110 18.03 -5.31 21.37
C ARG D 110 17.15 -6.22 22.21
N HIS D 111 16.95 -7.46 21.75
CA HIS D 111 16.10 -8.39 22.50
C HIS D 111 16.70 -8.72 23.86
N LEU D 112 18.02 -8.75 23.96
CA LEU D 112 18.64 -9.08 25.24
C LEU D 112 18.61 -7.92 26.23
N PHE D 113 18.77 -6.68 25.75
CA PHE D 113 19.01 -5.56 26.65
C PHE D 113 17.84 -4.61 26.84
N LEU D 114 16.86 -4.60 25.94
CA LEU D 114 15.72 -3.70 26.07
C LEU D 114 14.58 -4.43 26.77
N LEU D 115 14.13 -3.89 27.89
CA LEU D 115 13.09 -4.53 28.70
C LEU D 115 11.74 -4.40 28.03
N GLY D 116 11.06 -5.54 27.88
CA GLY D 116 9.75 -5.55 27.24
C GLY D 116 9.77 -5.12 25.79
N TYR D 117 10.81 -5.48 25.05
CA TYR D 117 10.93 -5.09 23.66
C TYR D 117 10.34 -6.17 22.75
N SER D 118 9.62 -5.72 21.73
CA SER D 118 9.04 -6.61 20.73
C SER D 118 9.44 -6.13 19.34
N ASP D 119 9.51 -7.07 18.40
CA ASP D 119 9.87 -6.73 17.04
C ASP D 119 8.84 -5.80 16.43
N GLY D 120 9.31 -4.71 15.81
CA GLY D 120 8.47 -3.70 15.23
C GLY D 120 8.26 -2.47 16.09
N ALA D 121 8.54 -2.57 17.39
CA ALA D 121 8.42 -1.43 18.30
C ALA D 121 9.79 -0.79 18.50
N ASP D 122 10.23 -0.08 17.45
CA ASP D 122 11.51 0.60 17.45
C ASP D 122 11.40 2.10 17.56
N ASP D 123 10.50 2.73 16.80
CA ASP D 123 10.32 4.17 16.86
C ASP D 123 9.37 4.60 17.97
N THR D 124 8.48 3.70 18.43
CA THR D 124 7.55 4.01 19.49
C THR D 124 8.03 3.58 20.87
N PHE D 125 9.03 2.71 20.94
CA PHE D 125 9.55 2.22 22.20
C PHE D 125 10.06 3.36 23.06
N ALA D 126 9.46 3.53 24.24
CA ALA D 126 9.75 4.68 25.08
C ALA D 126 9.34 4.37 26.51
N ALA D 127 9.84 5.20 27.43
CA ALA D 127 9.49 5.12 28.84
C ALA D 127 8.59 6.30 29.20
N TYR D 128 7.66 6.06 30.13
CA TYR D 128 6.69 7.07 30.51
C TYR D 128 6.61 7.34 32.00
N THR D 129 7.20 6.47 32.84
CA THR D 129 7.22 6.69 34.28
C THR D 129 8.64 6.53 34.79
N ARG D 130 8.90 7.14 35.95
CA ARG D 130 10.22 7.06 36.56
C ARG D 130 10.57 5.63 36.94
N GLU D 131 9.57 4.88 37.42
CA GLU D 131 9.78 3.46 37.70
C GLU D 131 10.13 2.69 36.43
N GLN D 132 9.46 3.02 35.32
CA GLN D 132 9.77 2.38 34.05
C GLN D 132 11.21 2.65 33.63
N LEU D 133 11.65 3.91 33.76
CA LEU D 133 13.02 4.25 33.40
C LEU D 133 14.02 3.50 34.26
N TYR D 134 13.77 3.47 35.57
CA TYR D 134 14.68 2.77 36.48
C TYR D 134 14.74 1.28 36.15
N GLN D 135 13.58 0.67 35.89
CA GLN D 135 13.55 -0.75 35.57
C GLN D 135 14.30 -1.04 34.27
N ALA D 136 14.12 -0.19 33.26
CA ALA D 136 14.83 -0.40 31.99
C ALA D 136 16.33 -0.31 32.17
N ILE D 137 16.80 0.70 32.91
CA ILE D 137 18.24 0.89 33.10
C ILE D 137 18.83 -0.30 33.86
N PHE D 138 18.18 -0.69 34.97
CA PHE D 138 18.71 -1.79 35.77
C PHE D 138 18.64 -3.10 35.02
N HIS D 139 17.59 -3.32 34.22
CA HIS D 139 17.51 -4.53 33.42
C HIS D 139 18.64 -4.59 32.40
N ALA D 140 18.94 -3.46 31.75
CA ALA D 140 20.05 -3.43 30.80
C ALA D 140 21.36 -3.79 31.49
N VAL D 141 21.62 -3.21 32.65
CA VAL D 141 22.89 -3.48 33.34
C VAL D 141 22.95 -4.94 33.80
N ASP D 142 21.85 -5.47 34.35
CA ASP D 142 21.84 -6.85 34.82
C ASP D 142 22.02 -7.82 33.66
N GLN D 143 21.39 -7.55 32.51
CA GLN D 143 21.59 -8.40 31.35
C GLN D 143 23.02 -8.32 30.84
N TYR D 144 23.66 -7.15 30.97
CA TYR D 144 25.09 -7.08 30.68
C TYR D 144 25.87 -7.99 31.62
N LEU D 145 25.48 -8.04 32.90
CA LEU D 145 26.22 -8.85 33.86
C LEU D 145 25.94 -10.34 33.74
N ALA D 146 24.84 -10.74 33.11
CA ALA D 146 24.46 -12.15 32.98
C ALA D 146 24.64 -12.69 31.58
N LEU D 147 25.26 -11.92 30.69
CA LEU D 147 25.38 -12.33 29.29
C LEU D 147 26.11 -13.65 29.09
N PRO D 148 27.26 -13.92 29.72
CA PRO D 148 27.92 -15.22 29.47
C PRO D 148 27.11 -16.42 29.90
N ASP D 149 26.12 -16.24 30.78
CA ASP D 149 25.29 -17.34 31.23
C ASP D 149 23.94 -17.42 30.53
N VAL D 150 23.48 -16.34 29.90
CA VAL D 150 22.16 -16.33 29.28
C VAL D 150 22.19 -16.25 27.76
N SER D 151 23.26 -15.75 27.16
CA SER D 151 23.25 -15.47 25.73
C SER D 151 23.47 -16.74 24.91
N LEU D 152 22.81 -16.80 23.75
CA LEU D 152 23.00 -17.89 22.81
C LEU D 152 24.29 -17.74 21.99
N GLY D 153 24.81 -16.51 21.88
CA GLY D 153 26.08 -16.30 21.22
C GLY D 153 27.24 -16.33 22.18
N ARG D 154 28.44 -16.21 21.62
CA ARG D 154 29.68 -16.21 22.40
C ARG D 154 30.29 -14.81 22.31
N TYR D 155 30.41 -14.15 23.46
CA TYR D 155 30.87 -12.78 23.53
C TYR D 155 31.97 -12.65 24.58
N ALA D 156 32.83 -11.65 24.39
CA ALA D 156 33.91 -11.37 25.32
C ALA D 156 33.88 -9.91 25.74
N TYR D 157 34.27 -9.65 26.99
CA TYR D 157 34.33 -8.31 27.52
C TYR D 157 35.61 -7.61 27.08
N VAL D 158 35.54 -6.27 27.01
CA VAL D 158 36.60 -5.44 26.43
C VAL D 158 37.41 -4.74 27.51
N ARG D 159 36.75 -4.31 28.59
CA ARG D 159 37.39 -3.82 29.80
C ARG D 159 38.25 -2.58 29.56
N GLY D 160 37.60 -1.48 29.16
CA GLY D 160 38.25 -0.18 29.06
C GLY D 160 39.16 -0.05 27.86
N GLY D 161 40.28 0.64 28.06
CA GLY D 161 41.12 1.06 26.95
C GLY D 161 40.51 2.13 26.09
N GLY D 162 39.83 3.09 26.70
CA GLY D 162 39.17 4.14 25.94
C GLY D 162 38.79 5.30 26.83
N ASP D 163 38.15 6.29 26.20
CA ASP D 163 37.80 7.53 26.89
C ASP D 163 36.57 7.35 27.79
N PRO D 164 35.43 6.84 27.29
CA PRO D 164 34.26 6.72 28.19
C PRO D 164 34.51 5.82 29.39
N TRP D 165 35.26 4.74 29.22
CA TRP D 165 35.49 3.77 30.28
C TRP D 165 36.85 3.99 30.92
N THR D 166 36.88 3.93 32.25
CA THR D 166 38.14 3.99 32.98
C THR D 166 38.85 2.64 32.88
N ASN D 167 40.02 2.55 33.52
CA ASN D 167 40.78 1.31 33.49
C ASN D 167 40.01 0.20 34.19
N GLY D 168 39.96 -0.95 33.54
CA GLY D 168 39.27 -2.10 34.11
C GLY D 168 37.76 -1.94 34.23
N SER D 169 37.15 -1.14 33.37
CA SER D 169 35.72 -0.90 33.39
C SER D 169 35.13 -1.24 32.04
N GLY D 170 34.08 -2.06 32.03
CA GLY D 170 33.46 -2.50 30.79
C GLY D 170 32.19 -1.76 30.42
N LEU D 171 31.48 -1.26 31.42
CA LEU D 171 30.21 -0.58 31.20
C LEU D 171 30.26 0.82 31.82
N ALA D 172 29.61 1.77 31.15
CA ALA D 172 29.56 3.15 31.61
C ALA D 172 28.11 3.60 31.64
N LEU D 173 27.58 3.83 32.85
CA LEU D 173 26.25 4.38 33.06
C LEU D 173 26.42 5.83 33.46
N CYS D 174 25.97 6.75 32.59
CA CYS D 174 26.26 8.17 32.79
C CYS D 174 25.00 9.00 32.62
N GLN D 175 24.75 9.87 33.60
CA GLN D 175 23.73 10.90 33.46
C GLN D 175 24.31 12.12 32.76
N ARG D 176 23.42 12.90 32.16
CA ARG D 176 23.77 14.22 31.63
C ARG D 176 22.62 15.17 31.95
N TYR D 177 22.90 16.17 32.77
CA TYR D 177 21.89 17.12 33.23
C TYR D 177 22.46 18.53 33.16
N TYR D 178 21.57 19.50 33.23
CA TYR D 178 21.97 20.90 33.22
C TYR D 178 22.78 21.21 34.48
N HIS D 179 23.69 22.17 34.36
CA HIS D 179 24.50 22.56 35.51
C HIS D 179 23.64 23.12 36.63
N ARG D 180 22.67 23.96 36.30
CA ARG D 180 21.74 24.51 37.28
C ARG D 180 20.36 24.56 36.66
N GLY D 181 19.42 23.82 37.25
CA GLY D 181 18.06 23.83 36.76
C GLY D 181 17.05 24.01 37.87
N HIS D 182 16.32 25.13 37.83
CA HIS D 182 15.30 25.44 38.83
C HIS D 182 14.02 25.76 38.06
N VAL D 183 13.25 24.72 37.75
CA VAL D 183 12.05 24.85 36.94
C VAL D 183 10.85 24.65 37.84
N ASP D 184 10.00 25.67 37.94
CA ASP D 184 8.71 25.53 38.59
C ASP D 184 7.63 26.12 37.68
N PRO D 185 6.58 25.38 37.35
CA PRO D 185 5.47 25.93 36.56
C PRO D 185 4.37 26.59 37.38
N ALA D 186 4.43 26.51 38.71
CA ALA D 186 3.39 27.13 39.53
C ALA D 186 3.53 28.64 39.53
N ASN D 187 4.74 29.14 39.76
CA ASN D 187 5.03 30.56 39.67
C ASN D 187 5.44 30.98 38.26
N ASP D 188 5.46 30.04 37.32
CA ASP D 188 5.82 30.30 35.92
C ASP D 188 7.21 30.92 35.81
N THR D 189 8.16 30.34 36.53
CA THR D 189 9.51 30.88 36.65
C THR D 189 10.53 29.76 36.40
N PHE D 190 11.71 30.17 35.96
CA PHE D 190 12.82 29.23 35.78
C PHE D 190 14.13 30.00 35.83
N ASP D 191 15.21 29.28 36.09
CA ASP D 191 16.56 29.84 36.08
C ASP D 191 17.51 28.70 35.75
N ILE D 192 17.94 28.64 34.48
CA ILE D 192 18.69 27.52 33.97
C ILE D 192 20.06 27.99 33.49
N ASP D 193 21.09 27.25 33.87
CA ASP D 193 22.40 27.37 33.25
C ASP D 193 22.55 26.20 32.30
N PRO D 194 22.48 26.40 30.97
CA PRO D 194 22.36 25.26 30.04
C PRO D 194 23.52 24.26 30.06
N MET D 195 24.72 24.67 30.47
CA MET D 195 25.90 23.81 30.38
C MET D 195 25.63 22.43 31.00
N VAL D 196 25.99 21.39 30.25
CA VAL D 196 25.62 20.01 30.56
C VAL D 196 26.72 19.38 31.41
N VAL D 197 26.34 18.84 32.56
CA VAL D 197 27.25 18.14 33.45
C VAL D 197 27.02 16.64 33.30
N THR D 198 28.10 15.86 33.36
CA THR D 198 28.04 14.42 33.19
C THR D 198 28.50 13.73 34.47
N ASP D 199 27.71 12.77 34.94
CA ASP D 199 28.07 11.94 36.09
C ASP D 199 28.07 10.49 35.61
N CYS D 200 29.27 9.90 35.53
CA CYS D 200 29.45 8.59 34.92
C CYS D 200 29.64 7.54 36.00
N ILE D 201 28.93 6.42 35.87
CA ILE D 201 29.07 5.28 36.77
C ILE D 201 29.74 4.15 35.99
N GLN D 202 30.80 3.59 36.56
CA GLN D 202 31.59 2.57 35.90
C GLN D 202 31.30 1.22 36.53
N VAL D 203 31.01 0.22 35.69
CA VAL D 203 30.68 -1.12 36.14
C VAL D 203 31.75 -2.08 35.64
N ASP D 204 32.33 -2.85 36.56
CA ASP D 204 33.35 -3.82 36.18
C ASP D 204 32.68 -5.10 35.69
N PRO D 205 33.09 -5.64 34.55
CA PRO D 205 32.48 -6.87 34.05
C PRO D 205 32.76 -8.01 35.00
N PRO D 206 31.83 -8.97 35.08
CA PRO D 206 32.03 -10.11 36.01
C PRO D 206 33.06 -11.09 35.49
N GLU D 207 33.87 -11.61 36.42
CA GLU D 207 34.86 -12.61 36.09
C GLU D 207 35.33 -13.34 37.36
N SER D 224 28.97 -2.21 41.63
CA SER D 224 28.23 -2.52 42.85
C SER D 224 27.19 -1.45 43.15
N SER D 225 27.58 -0.18 42.95
CA SER D 225 26.73 0.95 43.26
C SER D 225 25.92 1.43 42.05
N TYR D 226 25.75 0.59 41.04
CA TYR D 226 24.95 0.97 39.89
C TYR D 226 23.45 0.95 40.18
N LYS D 227 23.03 0.26 41.24
CA LYS D 227 21.64 0.27 41.66
C LYS D 227 21.34 1.37 42.66
N ASN D 228 22.33 2.20 43.01
CA ASN D 228 22.12 3.38 43.82
C ASN D 228 21.91 4.63 42.97
N LEU D 229 21.73 4.46 41.66
CA LEU D 229 21.58 5.59 40.76
C LEU D 229 20.36 6.42 41.12
N THR D 230 20.55 7.74 41.18
CA THR D 230 19.48 8.68 41.44
C THR D 230 19.43 9.68 40.30
N LEU D 231 18.32 9.68 39.55
CA LEU D 231 18.20 10.50 38.36
C LEU D 231 17.64 11.87 38.72
N LYS D 232 18.29 12.92 38.18
CA LYS D 232 17.79 14.29 38.33
C LYS D 232 16.78 14.54 37.22
N PHE D 233 15.54 14.11 37.49
CA PHE D 233 14.53 14.01 36.44
C PHE D 233 14.20 15.37 35.83
N HIS D 234 14.04 16.40 36.67
CA HIS D 234 13.58 17.69 36.17
C HIS D 234 14.62 18.38 35.29
N LYS D 235 15.90 18.11 35.52
CA LYS D 235 16.97 18.72 34.75
C LYS D 235 17.70 17.75 33.84
N LEU D 236 17.17 16.54 33.66
CA LEU D 236 17.86 15.51 32.91
C LEU D 236 17.85 15.83 31.41
N VAL D 237 18.96 15.51 30.74
CA VAL D 237 19.05 15.64 29.29
C VAL D 237 18.94 14.26 28.66
N ASN D 238 19.82 13.35 29.05
CA ASN D 238 19.76 11.97 28.56
C ASN D 238 20.54 11.07 29.49
N VAL D 239 20.28 9.77 29.36
CA VAL D 239 21.04 8.72 30.06
C VAL D 239 21.53 7.76 29.01
N THR D 240 22.81 7.39 29.09
CA THR D 240 23.44 6.54 28.09
C THR D 240 24.20 5.40 28.77
N ILE D 241 24.21 4.25 28.11
CA ILE D 241 24.97 3.08 28.53
C ILE D 241 25.91 2.70 27.41
N HIS D 242 27.19 2.56 27.73
CA HIS D 242 28.23 2.24 26.75
C HIS D 242 28.97 0.98 27.18
N PHE D 243 29.05 0.01 26.28
CA PHE D 243 29.88 -1.17 26.51
C PHE D 243 30.19 -1.78 25.15
N ARG D 244 31.20 -2.64 25.13
CA ARG D 244 31.62 -3.31 23.90
C ARG D 244 31.62 -4.81 24.10
N LEU D 245 31.40 -5.54 23.00
CA LEU D 245 31.40 -6.99 23.00
C LEU D 245 32.26 -7.49 21.84
N LYS D 246 33.09 -8.50 22.12
CA LYS D 246 33.94 -9.11 21.11
C LYS D 246 33.36 -10.46 20.70
N THR D 247 33.20 -10.67 19.39
CA THR D 247 32.68 -11.91 18.87
C THR D 247 33.46 -12.28 17.61
N ILE D 248 33.38 -13.56 17.25
CA ILE D 248 34.06 -14.09 16.07
C ILE D 248 33.00 -14.52 15.07
N ASN D 249 33.12 -14.05 13.83
CA ASN D 249 32.17 -14.36 12.78
C ASN D 249 32.46 -15.75 12.23
N LEU D 250 31.72 -16.75 12.70
CA LEU D 250 31.85 -18.10 12.20
C LEU D 250 30.98 -18.35 10.97
N GLN D 251 30.03 -17.47 10.69
CA GLN D 251 29.19 -17.60 9.50
C GLN D 251 29.97 -17.38 8.22
N SER D 252 31.08 -16.64 8.27
CA SER D 252 31.88 -16.36 7.08
C SER D 252 32.54 -17.61 6.51
N LEU D 253 32.54 -18.73 7.25
CA LEU D 253 33.20 -19.94 6.78
C LEU D 253 32.49 -20.55 5.58
N ILE D 254 31.17 -20.40 5.49
CA ILE D 254 30.42 -21.02 4.40
C ILE D 254 30.86 -20.45 3.05
N ASN D 255 31.17 -19.15 3.01
CA ASN D 255 31.69 -18.52 1.80
C ASN D 255 33.21 -18.54 1.79
N ASN D 256 33.78 -19.73 1.99
CA ASN D 256 35.23 -19.93 2.09
C ASN D 256 35.72 -19.01 3.21
N GLU D 257 36.78 -18.21 3.00
CA GLU D 257 37.21 -17.16 3.91
C GLU D 257 37.69 -17.68 5.27
N ILE D 258 38.44 -16.86 5.98
CA ILE D 258 38.90 -17.13 7.34
C ILE D 258 38.12 -16.22 8.28
N PRO D 259 37.50 -16.77 9.34
CA PRO D 259 36.64 -15.96 10.22
C PRO D 259 37.24 -14.65 10.71
N ASP D 260 36.42 -13.62 10.78
CA ASP D 260 36.82 -12.29 11.22
C ASP D 260 36.47 -12.09 12.69
N CYS D 261 37.13 -11.10 13.30
CA CYS D 261 36.89 -10.76 14.70
C CYS D 261 36.16 -9.43 14.77
N TYR D 262 34.98 -9.43 15.38
CA TYR D 262 34.11 -8.27 15.44
C TYR D 262 34.13 -7.69 16.85
N THR D 263 34.22 -6.36 16.94
CA THR D 263 34.04 -5.66 18.20
C THR D 263 32.82 -4.75 18.05
N PHE D 264 31.73 -5.11 18.72
CA PHE D 264 30.50 -4.34 18.66
C PHE D 264 30.50 -3.29 19.76
N SER D 265 30.34 -2.03 19.38
CA SER D 265 30.20 -0.92 20.33
C SER D 265 28.71 -0.63 20.48
N VAL D 266 28.18 -0.89 21.66
CA VAL D 266 26.74 -0.81 21.92
C VAL D 266 26.47 0.45 22.71
N LEU D 267 25.51 1.25 22.23
CA LEU D 267 25.09 2.47 22.91
C LEU D 267 23.58 2.42 23.09
N ILE D 268 23.13 2.54 24.34
CA ILE D 268 21.71 2.59 24.67
C ILE D 268 21.41 4.00 25.18
N THR D 269 20.45 4.67 24.56
CA THR D 269 20.15 6.06 24.85
C THR D 269 18.74 6.18 25.42
N PHE D 270 18.64 6.86 26.56
CA PHE D 270 17.36 7.26 27.14
C PHE D 270 17.24 8.77 26.94
N ASP D 271 16.52 9.17 25.91
CA ASP D 271 16.56 10.53 25.39
C ASP D 271 15.47 11.39 26.01
N ASN D 272 15.86 12.47 26.67
CA ASN D 272 14.93 13.39 27.32
C ASN D 272 15.20 14.83 26.88
N LYS D 273 15.56 15.03 25.61
CA LYS D 273 15.84 16.38 25.15
C LYS D 273 14.57 17.21 24.97
N ALA D 274 13.44 16.56 24.70
CA ALA D 274 12.19 17.28 24.50
C ALA D 274 11.54 17.70 25.81
N HIS D 275 11.85 17.03 26.91
CA HIS D 275 11.26 17.31 28.23
C HIS D 275 9.73 17.30 28.15
N SER D 276 9.19 16.30 27.46
CA SER D 276 7.76 16.20 27.21
C SER D 276 7.09 15.09 28.02
N GLY D 277 7.80 14.50 28.98
CA GLY D 277 7.26 13.38 29.72
C GLY D 277 7.36 12.04 29.02
N ARG D 278 7.91 12.01 27.81
CA ARG D 278 8.10 10.78 27.05
C ARG D 278 9.58 10.65 26.71
N ILE D 279 10.19 9.57 27.17
CA ILE D 279 11.62 9.36 26.96
C ILE D 279 11.82 8.17 26.04
N PRO D 280 12.12 8.39 24.75
CA PRO D 280 12.37 7.27 23.85
C PRO D 280 13.63 6.50 24.24
N ILE D 281 13.61 5.21 23.96
CA ILE D 281 14.72 4.31 24.24
C ILE D 281 15.13 3.65 22.92
N SER D 282 16.42 3.69 22.62
CA SER D 282 16.95 3.11 21.39
C SER D 282 18.29 2.44 21.67
N LEU D 283 18.64 1.49 20.80
CA LEU D 283 19.91 0.79 20.88
C LEU D 283 20.57 0.82 19.51
N GLU D 284 21.84 1.25 19.49
CA GLU D 284 22.62 1.31 18.25
C GLU D 284 23.95 0.62 18.46
N THR D 285 24.48 0.05 17.37
CA THR D 285 25.74 -0.67 17.41
C THR D 285 26.69 -0.14 16.35
N GLN D 286 27.98 -0.21 16.65
CA GLN D 286 29.04 0.17 15.72
C GLN D 286 30.07 -0.95 15.71
N ALA D 287 30.18 -1.65 14.58
CA ALA D 287 31.07 -2.80 14.48
C ALA D 287 32.44 -2.37 13.96
N HIS D 288 33.48 -2.95 14.55
CA HIS D 288 34.87 -2.73 14.12
C HIS D 288 35.47 -4.09 13.85
N ILE D 289 35.78 -4.36 12.59
CA ILE D 289 36.19 -5.69 12.14
C ILE D 289 37.72 -5.72 12.03
N GLN D 290 38.33 -6.73 12.64
CA GLN D 290 39.78 -6.93 12.54
C GLN D 290 40.09 -8.32 12.02
N GLU D 291 41.36 -8.68 11.98
CA GLU D 291 41.78 -10.04 11.67
C GLU D 291 42.14 -10.76 12.96
N CYS D 292 41.66 -12.00 13.08
CA CYS D 292 41.89 -12.77 14.29
C CYS D 292 43.31 -13.35 14.28
N LYS D 293 44.09 -13.01 15.29
CA LYS D 293 45.42 -13.57 15.42
C LYS D 293 45.35 -15.05 15.78
N HIS D 294 46.35 -15.79 15.32
CA HIS D 294 46.43 -17.24 15.53
C HIS D 294 45.17 -17.98 15.08
N PRO D 295 44.81 -17.90 13.80
CA PRO D 295 43.64 -18.62 13.31
C PRO D 295 43.97 -20.00 12.75
N SER D 296 42.94 -20.86 12.74
CA SER D 296 43.08 -22.24 12.26
C SER D 296 41.72 -22.84 11.89
N VAL D 297 41.61 -23.37 10.66
CA VAL D 297 40.35 -23.93 10.17
C VAL D 297 40.65 -25.34 9.63
N PHE D 298 41.84 -25.85 9.96
CA PHE D 298 42.33 -27.19 9.65
C PHE D 298 42.65 -27.46 8.18
N GLN D 299 41.96 -26.80 7.24
CA GLN D 299 42.30 -26.75 5.82
C GLN D 299 41.64 -25.52 5.21
N HIS D 300 42.34 -24.39 5.18
CA HIS D 300 41.78 -23.19 4.56
C HIS D 300 42.76 -22.01 4.58
N SER D 304 43.63 -14.97 -2.49
CA SER D 304 44.50 -14.64 -3.60
C SER D 304 43.70 -14.43 -4.88
N PHE D 305 42.61 -15.20 -5.02
CA PHE D 305 41.76 -15.08 -6.20
C PHE D 305 41.17 -13.68 -6.30
N ARG D 306 40.65 -13.16 -5.19
CA ARG D 306 40.06 -11.82 -5.19
C ARG D 306 41.09 -10.76 -5.50
N LEU D 307 42.28 -10.86 -4.91
CA LEU D 307 43.32 -9.88 -5.17
C LEU D 307 43.77 -9.91 -6.63
N LEU D 308 43.95 -11.10 -7.19
CA LEU D 308 44.37 -11.21 -8.58
C LEU D 308 43.30 -10.68 -9.51
N PHE D 309 42.03 -10.97 -9.22
CA PHE D 309 40.96 -10.45 -10.07
C PHE D 309 40.88 -8.93 -9.98
N ASP D 310 41.14 -8.38 -8.78
CA ASP D 310 41.16 -6.93 -8.63
C ASP D 310 42.28 -6.30 -9.45
N VAL D 311 43.47 -6.89 -9.43
CA VAL D 311 44.56 -6.33 -10.24
C VAL D 311 44.28 -6.53 -11.73
N VAL D 312 43.56 -7.59 -12.10
CA VAL D 312 43.16 -7.75 -13.50
C VAL D 312 42.22 -6.62 -13.91
N VAL D 313 41.25 -6.30 -13.06
CA VAL D 313 40.35 -5.19 -13.33
C VAL D 313 41.13 -3.88 -13.45
N ILE D 314 42.10 -3.67 -12.55
CA ILE D 314 42.89 -2.45 -12.59
C ILE D 314 43.68 -2.35 -13.89
N LEU D 315 44.28 -3.46 -14.33
CA LEU D 315 45.06 -3.43 -15.56
C LEU D 315 44.18 -3.18 -16.79
N THR D 316 43.04 -3.86 -16.87
CA THR D 316 42.12 -3.61 -17.98
C THR D 316 41.65 -2.16 -17.99
N CYS D 317 41.32 -1.62 -16.82
CA CYS D 317 40.88 -0.24 -16.73
C CYS D 317 41.99 0.72 -17.13
N SER D 318 43.23 0.44 -16.72
CA SER D 318 44.35 1.31 -17.12
C SER D 318 44.53 1.31 -18.62
N LEU D 319 44.44 0.13 -19.25
CA LEU D 319 44.57 0.08 -20.71
C LEU D 319 43.46 0.85 -21.39
N SER D 320 42.22 0.70 -20.90
CA SER D 320 41.10 1.43 -21.49
C SER D 320 41.28 2.94 -21.34
N PHE D 321 41.72 3.38 -20.16
CA PHE D 321 41.95 4.80 -19.93
C PHE D 321 43.03 5.33 -20.88
N LEU D 322 44.11 4.58 -21.04
CA LEU D 322 45.19 5.03 -21.94
C LEU D 322 44.68 5.17 -23.37
N LEU D 323 43.94 4.16 -23.86
CA LEU D 323 43.44 4.21 -25.22
C LEU D 323 42.48 5.39 -25.42
N CYS D 324 41.55 5.58 -24.49
CA CYS D 324 40.60 6.68 -24.62
C CYS D 324 41.30 8.04 -24.55
N ALA D 325 42.29 8.19 -23.67
CA ALA D 325 43.02 9.44 -23.60
C ALA D 325 43.78 9.73 -24.88
N ARG D 326 44.41 8.70 -25.46
CA ARG D 326 45.12 8.89 -26.72
C ARG D 326 44.15 9.29 -27.84
N SER D 327 42.97 8.66 -27.88
CA SER D 327 41.98 9.02 -28.88
C SER D 327 41.50 10.47 -28.70
N LEU D 328 41.26 10.89 -27.45
CA LEU D 328 40.84 12.27 -27.22
C LEU D 328 41.93 13.25 -27.62
N LEU D 329 43.19 12.93 -27.34
CA LEU D 329 44.29 13.82 -27.73
C LEU D 329 44.37 13.94 -29.25
N ARG D 330 44.21 12.81 -29.96
CA ARG D 330 44.20 12.87 -31.42
C ARG D 330 43.03 13.71 -31.93
N GLY D 331 41.86 13.57 -31.30
CA GLY D 331 40.72 14.37 -31.72
C GLY D 331 40.96 15.86 -31.53
N PHE D 332 41.54 16.23 -30.39
CA PHE D 332 41.86 17.64 -30.16
C PHE D 332 42.88 18.16 -31.16
N LEU D 333 43.90 17.35 -31.47
CA LEU D 333 44.89 17.77 -32.46
C LEU D 333 44.27 17.94 -33.85
N LEU D 334 43.37 17.03 -34.24
CA LEU D 334 42.69 17.17 -35.52
C LEU D 334 41.80 18.40 -35.55
N GLN D 335 41.12 18.69 -34.44
CA GLN D 335 40.32 19.91 -34.37
C GLN D 335 41.19 21.14 -34.52
N ASN D 336 42.35 21.15 -33.87
CA ASN D 336 43.26 22.28 -34.01
C ASN D 336 43.75 22.43 -35.45
N GLU D 337 44.07 21.31 -36.10
CA GLU D 337 44.48 21.37 -37.50
C GLU D 337 43.36 21.93 -38.38
N PHE D 338 42.12 21.49 -38.16
CA PHE D 338 41.01 22.00 -38.95
C PHE D 338 40.80 23.48 -38.73
N VAL D 339 40.87 23.94 -37.47
CA VAL D 339 40.66 25.36 -37.20
C VAL D 339 41.80 26.20 -37.76
N GLY D 340 43.01 25.63 -37.82
CA GLY D 340 44.10 26.32 -38.48
C GLY D 340 43.90 26.41 -39.98
N PHE D 341 43.37 25.34 -40.59
CA PHE D 341 43.14 25.33 -42.04
C PHE D 341 42.14 26.41 -42.44
N MET D 342 41.07 26.57 -41.68
CA MET D 342 40.04 27.55 -42.00
C MET D 342 40.41 28.98 -41.58
N TRP D 343 41.51 29.15 -40.86
CA TRP D 343 41.96 30.46 -40.39
C TRP D 343 40.88 31.20 -39.62
N GLU D 354 31.39 24.77 -32.70
CA GLU D 354 31.61 23.60 -33.54
C GLU D 354 32.82 22.81 -33.07
N ARG D 355 33.63 23.42 -32.20
CA ARG D 355 34.75 22.71 -31.59
C ARG D 355 34.25 21.58 -30.69
N LEU D 356 33.05 21.73 -30.13
CA LEU D 356 32.47 20.72 -29.26
C LEU D 356 32.00 19.47 -30.02
N GLU D 357 31.97 19.52 -31.34
CA GLU D 357 31.63 18.35 -32.15
C GLU D 357 32.82 17.45 -32.44
N PHE D 358 33.97 17.71 -31.81
CA PHE D 358 35.16 16.88 -31.97
C PHE D 358 35.54 16.17 -30.66
N VAL D 359 34.58 15.94 -29.78
CA VAL D 359 34.87 15.49 -28.43
C VAL D 359 34.57 14.01 -28.22
N ASN D 360 33.45 13.52 -28.77
CA ASN D 360 33.04 12.12 -28.63
C ASN D 360 32.85 11.75 -27.16
N GLY D 361 31.80 12.33 -26.58
CA GLY D 361 31.49 12.18 -25.16
C GLY D 361 31.36 10.75 -24.68
N TRP D 362 31.20 9.78 -25.58
CA TRP D 362 31.27 8.38 -25.18
C TRP D 362 32.59 8.08 -24.51
N TYR D 363 33.68 8.64 -25.04
CA TYR D 363 35.00 8.44 -24.46
C TYR D 363 35.14 9.17 -23.13
N ILE D 364 34.46 10.31 -22.97
CA ILE D 364 34.43 10.98 -21.67
C ILE D 364 33.77 10.09 -20.63
N LEU D 365 32.64 9.48 -21.00
CA LEU D 365 31.97 8.56 -20.09
C LEU D 365 32.87 7.37 -19.76
N LEU D 366 33.56 6.83 -20.76
CA LEU D 366 34.46 5.71 -20.52
C LEU D 366 35.58 6.09 -19.55
N VAL D 367 36.18 7.27 -19.74
CA VAL D 367 37.26 7.71 -18.85
C VAL D 367 36.75 7.93 -17.44
N THR D 368 35.56 8.52 -17.30
CA THR D 368 35.02 8.76 -15.96
C THR D 368 34.75 7.45 -15.23
N SER D 369 34.07 6.51 -15.90
CA SER D 369 33.86 5.20 -15.30
C SER D 369 35.18 4.50 -15.02
N ASP D 370 36.19 4.77 -15.83
CA ASP D 370 37.51 4.18 -15.65
C ASP D 370 38.17 4.64 -14.36
N VAL D 371 38.18 5.95 -14.15
CA VAL D 371 38.76 6.50 -12.93
C VAL D 371 37.98 6.03 -11.71
N LEU D 372 36.64 6.03 -11.81
CA LEU D 372 35.83 5.57 -10.70
C LEU D 372 36.13 4.11 -10.36
N THR D 373 36.26 3.27 -11.39
CA THR D 373 36.54 1.86 -11.17
C THR D 373 37.90 1.66 -10.50
N ILE D 374 38.91 2.39 -10.95
CA ILE D 374 40.24 2.24 -10.38
C ILE D 374 40.24 2.66 -8.91
N SER D 375 39.64 3.82 -8.61
CA SER D 375 39.59 4.29 -7.23
C SER D 375 38.82 3.33 -6.34
N GLY D 376 37.66 2.86 -6.81
CA GLY D 376 36.89 1.91 -6.04
C GLY D 376 37.60 0.59 -5.84
N THR D 377 38.39 0.16 -6.82
CA THR D 377 39.12 -1.11 -6.67
C THR D 377 40.24 -0.97 -5.65
N ILE D 378 40.96 0.15 -5.65
CA ILE D 378 41.96 0.35 -4.60
C ILE D 378 41.31 0.38 -3.23
N MET D 379 40.18 1.08 -3.11
CA MET D 379 39.48 1.14 -1.83
C MET D 379 38.99 -0.24 -1.39
N LYS D 380 38.50 -1.04 -2.34
CA LYS D 380 38.02 -2.38 -2.03
C LYS D 380 39.18 -3.29 -1.60
N ILE D 381 40.33 -3.16 -2.25
CA ILE D 381 41.51 -3.93 -1.84
C ILE D 381 41.90 -3.55 -0.42
N GLY D 382 41.87 -2.27 -0.09
CA GLY D 382 42.16 -1.86 1.27
C GLY D 382 41.16 -2.42 2.27
N ILE D 383 39.87 -2.37 1.93
CA ILE D 383 38.84 -2.89 2.83
C ILE D 383 39.03 -4.37 3.08
N GLU D 384 39.32 -5.14 2.03
CA GLU D 384 39.58 -6.56 2.19
C GLU D 384 40.87 -6.81 2.96
N ALA D 385 41.85 -5.92 2.82
CA ALA D 385 43.07 -5.98 3.61
C ALA D 385 42.85 -5.55 5.05
N LYS D 386 41.65 -5.05 5.37
CA LYS D 386 41.13 -4.82 6.73
C LYS D 386 41.58 -3.51 7.34
N ASN D 387 42.19 -2.60 6.57
CA ASN D 387 42.69 -1.35 7.14
C ASN D 387 42.01 -0.10 6.56
N LEU D 388 40.86 -0.26 5.91
CA LEU D 388 40.14 0.90 5.37
C LEU D 388 38.79 1.11 6.04
N ALA D 389 37.91 0.11 6.03
CA ALA D 389 36.59 0.16 6.68
C ALA D 389 35.71 1.29 6.17
N SER D 390 35.96 1.79 4.97
CA SER D 390 35.13 2.83 4.36
C SER D 390 34.29 2.21 3.25
N TYR D 391 33.18 1.61 3.65
CA TYR D 391 32.37 0.81 2.73
C TYR D 391 31.49 1.68 1.82
N ASP D 392 30.95 2.77 2.35
CA ASP D 392 29.99 3.57 1.59
C ASP D 392 30.62 4.19 0.35
N VAL D 393 31.80 4.80 0.51
CA VAL D 393 32.44 5.48 -0.61
C VAL D 393 32.84 4.48 -1.69
N CYS D 394 33.42 3.35 -1.29
CA CYS D 394 33.81 2.33 -2.26
C CYS D 394 32.59 1.78 -3.00
N SER D 395 31.51 1.50 -2.26
CA SER D 395 30.30 0.99 -2.89
C SER D 395 29.73 1.99 -3.88
N ILE D 396 29.69 3.27 -3.51
CA ILE D 396 29.19 4.30 -4.42
C ILE D 396 30.05 4.39 -5.67
N LEU D 397 31.37 4.37 -5.50
CA LEU D 397 32.28 4.47 -6.64
C LEU D 397 32.07 3.29 -7.60
N LEU D 398 32.04 2.07 -7.06
CA LEU D 398 31.90 0.89 -7.91
C LEU D 398 30.54 0.83 -8.56
N GLY D 399 29.48 1.20 -7.83
CA GLY D 399 28.15 1.18 -8.42
C GLY D 399 27.98 2.21 -9.52
N THR D 400 28.49 3.43 -9.31
CA THR D 400 28.44 4.45 -10.35
C THR D 400 29.23 4.00 -11.57
N SER D 401 30.40 3.40 -11.36
CA SER D 401 31.18 2.92 -12.48
C SER D 401 30.45 1.82 -13.26
N THR D 402 29.82 0.89 -12.55
CA THR D 402 29.07 -0.18 -13.22
C THR D 402 27.90 0.38 -14.00
N LEU D 403 27.19 1.35 -13.42
CA LEU D 403 26.08 1.99 -14.13
C LEU D 403 26.59 2.68 -15.40
N LEU D 404 27.72 3.38 -15.30
CA LEU D 404 28.26 4.06 -16.47
C LEU D 404 28.69 3.08 -17.56
N VAL D 405 29.37 1.99 -17.17
CA VAL D 405 29.84 1.05 -18.19
C VAL D 405 28.66 0.32 -18.82
N TRP D 406 27.56 0.13 -18.10
CA TRP D 406 26.38 -0.43 -18.73
C TRP D 406 25.63 0.57 -19.60
N VAL D 407 25.68 1.86 -19.26
CA VAL D 407 25.10 2.86 -20.15
C VAL D 407 25.83 2.87 -21.48
N GLY D 408 27.11 2.51 -21.49
CA GLY D 408 27.94 2.56 -22.68
C GLY D 408 27.60 1.57 -23.77
N VAL D 409 26.68 0.62 -23.55
CA VAL D 409 26.27 -0.28 -24.61
C VAL D 409 25.38 0.43 -25.62
N ILE D 410 24.81 1.58 -25.25
CA ILE D 410 24.07 2.40 -26.21
C ILE D 410 24.98 2.82 -27.35
N ARG D 411 26.28 2.97 -27.07
CA ARG D 411 27.23 3.32 -28.13
C ARG D 411 27.22 2.26 -29.23
N TYR D 412 27.21 0.99 -28.86
CA TYR D 412 27.18 -0.07 -29.86
C TYR D 412 25.78 -0.23 -30.45
N LEU D 413 24.75 0.13 -29.69
CA LEU D 413 23.40 0.04 -30.24
C LEU D 413 23.15 1.11 -31.29
N THR D 414 23.82 2.27 -31.19
CA THR D 414 23.67 3.31 -32.21
C THR D 414 24.40 2.97 -33.50
N PHE D 415 25.29 1.96 -33.48
CA PHE D 415 26.01 1.60 -34.69
C PHE D 415 25.08 1.05 -35.76
N PHE D 416 23.89 0.60 -35.38
CA PHE D 416 22.88 0.14 -36.31
C PHE D 416 21.91 1.29 -36.60
N HIS D 417 20.79 0.99 -37.25
CA HIS D 417 19.85 2.01 -37.70
C HIS D 417 18.54 1.98 -36.92
N ASN D 418 17.95 0.80 -36.74
CA ASN D 418 16.65 0.71 -36.08
C ASN D 418 16.74 1.01 -34.59
N TYR D 419 17.91 0.87 -33.97
CA TYR D 419 18.13 1.32 -32.60
C TYR D 419 18.52 2.79 -32.55
N ASN D 420 19.32 3.21 -33.54
CA ASN D 420 19.76 4.60 -33.59
C ASN D 420 18.59 5.56 -33.76
N ILE D 421 17.52 5.14 -34.44
CA ILE D 421 16.36 6.02 -34.56
C ILE D 421 15.75 6.31 -33.19
N LEU D 422 15.61 5.28 -32.34
CA LEU D 422 15.07 5.49 -31.00
C LEU D 422 16.01 6.33 -30.15
N ILE D 423 17.31 6.05 -30.22
CA ILE D 423 18.27 6.81 -29.41
C ILE D 423 18.31 8.27 -29.86
N ALA D 424 18.22 8.52 -31.17
CA ALA D 424 18.17 9.88 -31.68
C ALA D 424 16.86 10.57 -31.29
N THR D 425 15.76 9.83 -31.22
CA THR D 425 14.52 10.40 -30.73
C THR D 425 14.67 10.89 -29.30
N LEU D 426 15.27 10.06 -28.43
CA LEU D 426 15.49 10.48 -27.05
C LEU D 426 16.42 11.69 -26.99
N ARG D 427 17.49 11.69 -27.79
CA ARG D 427 18.44 12.80 -27.79
C ARG D 427 17.77 14.09 -28.22
N VAL D 428 16.90 14.02 -29.23
CA VAL D 428 16.20 15.21 -29.69
C VAL D 428 15.21 15.69 -28.64
N ALA D 429 14.54 14.77 -27.96
CA ALA D 429 13.52 15.15 -26.99
C ALA D 429 14.11 15.73 -25.71
N LEU D 430 15.33 15.35 -25.36
CA LEU D 430 15.89 15.69 -24.04
C LEU D 430 15.86 17.19 -23.70
N PRO D 431 16.30 18.12 -24.56
CA PRO D 431 16.34 19.53 -24.13
C PRO D 431 14.98 20.11 -23.75
N SER D 432 13.97 19.86 -24.58
CA SER D 432 12.62 20.36 -24.27
C SER D 432 12.10 19.73 -22.98
N VAL D 433 12.46 18.46 -22.75
CA VAL D 433 12.08 17.80 -21.50
C VAL D 433 12.69 18.51 -20.31
N MET D 434 13.98 18.88 -20.41
CA MET D 434 14.62 19.58 -19.30
C MET D 434 14.02 20.96 -19.08
N ARG D 435 13.68 21.67 -20.15
CA ARG D 435 13.08 23.00 -19.99
C ARG D 435 11.70 22.92 -19.34
N PHE D 436 10.87 21.98 -19.80
CA PHE D 436 9.58 21.78 -19.16
C PHE D 436 9.74 21.29 -17.73
N CYS D 437 10.81 20.53 -17.45
CA CYS D 437 11.12 20.17 -16.07
C CYS D 437 11.40 21.41 -15.23
N CYS D 438 12.12 22.38 -15.79
CA CYS D 438 12.36 23.62 -15.08
C CYS D 438 11.05 24.30 -14.70
N CYS D 439 10.15 24.48 -15.68
CA CYS D 439 8.90 25.18 -15.39
C CYS D 439 8.04 24.40 -14.38
N ALA D 440 7.79 23.13 -14.66
CA ALA D 440 6.98 22.31 -13.78
C ALA D 440 7.60 22.21 -12.39
N GLY D 441 8.93 22.21 -12.30
CA GLY D 441 9.57 22.14 -11.00
C GLY D 441 9.48 23.43 -10.22
N VAL D 442 9.43 24.58 -10.92
CA VAL D 442 9.16 25.83 -10.21
C VAL D 442 7.77 25.79 -9.58
N ILE D 443 6.77 25.34 -10.35
CA ILE D 443 5.44 25.18 -9.78
C ILE D 443 5.45 24.16 -8.64
N TYR D 444 6.23 23.10 -8.82
CA TYR D 444 6.34 22.03 -7.83
C TYR D 444 6.94 22.54 -6.53
N LEU D 445 7.96 23.38 -6.61
CA LEU D 445 8.54 23.97 -5.40
C LEU D 445 7.55 24.87 -4.69
N GLY D 446 6.78 25.65 -5.46
CA GLY D 446 5.74 26.46 -4.81
C GLY D 446 4.75 25.59 -4.04
N TYR D 447 4.28 24.51 -4.67
CA TYR D 447 3.37 23.60 -3.98
C TYR D 447 4.04 22.94 -2.78
N CYS D 448 5.32 22.61 -2.89
CA CYS D 448 6.02 21.96 -1.79
C CYS D 448 6.09 22.87 -0.58
N PHE D 449 6.45 24.14 -0.78
CA PHE D 449 6.50 25.08 0.34
C PHE D 449 5.12 25.27 0.96
N CYS D 450 4.09 25.43 0.12
CA CYS D 450 2.75 25.63 0.67
C CYS D 450 2.30 24.40 1.48
N GLY D 451 2.50 23.21 0.92
CA GLY D 451 2.09 22.00 1.62
C GLY D 451 2.83 21.79 2.91
N TRP D 452 4.15 22.02 2.91
CA TRP D 452 4.90 21.96 4.15
C TRP D 452 4.31 22.89 5.19
N ILE D 453 4.26 24.20 4.89
CA ILE D 453 3.87 25.18 5.90
C ILE D 453 2.46 24.95 6.40
N VAL D 454 1.58 24.36 5.59
CA VAL D 454 0.20 24.22 6.05
C VAL D 454 -0.04 22.86 6.71
N LEU D 455 0.44 21.76 6.13
CA LEU D 455 0.11 20.43 6.60
C LEU D 455 1.19 19.80 7.47
N GLY D 456 2.26 20.51 7.80
CA GLY D 456 3.23 20.01 8.74
C GLY D 456 2.67 19.72 10.14
N PRO D 457 1.92 20.68 10.70
CA PRO D 457 1.35 20.45 12.04
C PRO D 457 0.35 19.31 12.10
N TYR D 458 -0.22 18.88 10.98
CA TYR D 458 -1.34 17.95 11.00
C TYR D 458 -1.05 16.63 10.33
N HIS D 459 -0.35 16.64 9.20
CA HIS D 459 -0.13 15.45 8.40
C HIS D 459 1.26 14.88 8.68
N VAL D 460 1.31 13.60 9.04
CA VAL D 460 2.58 12.94 9.34
C VAL D 460 3.45 12.77 8.10
N LYS D 461 2.86 12.92 6.91
CA LYS D 461 3.58 12.79 5.65
C LYS D 461 4.20 14.10 5.20
N PHE D 462 3.95 15.20 5.92
CA PHE D 462 4.37 16.54 5.51
C PHE D 462 5.27 17.18 6.56
N ARG D 463 6.04 16.38 7.30
CA ARG D 463 6.76 16.89 8.45
C ARG D 463 7.98 17.72 8.04
N SER D 464 8.76 17.25 7.08
CA SER D 464 9.95 17.95 6.60
C SER D 464 9.79 18.26 5.12
N LEU D 465 10.65 19.16 4.63
CA LEU D 465 10.57 19.57 3.22
C LEU D 465 10.91 18.40 2.29
N SER D 466 11.92 17.61 2.63
CA SER D 466 12.26 16.45 1.80
C SER D 466 11.13 15.43 1.82
N MET D 467 10.49 15.23 2.99
CA MET D 467 9.35 14.33 3.06
C MET D 467 8.19 14.84 2.21
N VAL D 468 7.95 16.15 2.23
CA VAL D 468 6.90 16.73 1.39
C VAL D 468 7.21 16.51 -0.08
N SER D 469 8.47 16.71 -0.47
CA SER D 469 8.85 16.50 -1.86
C SER D 469 8.65 15.05 -2.28
N GLU D 470 9.06 14.11 -1.42
CA GLU D 470 8.86 12.69 -1.75
C GLU D 470 7.37 12.35 -1.85
N CYS D 471 6.57 12.87 -0.92
CA CYS D 471 5.13 12.61 -0.96
C CYS D 471 4.51 13.13 -2.24
N LEU D 472 4.84 14.37 -2.62
CA LEU D 472 4.27 14.95 -3.83
C LEU D 472 4.75 14.21 -5.08
N PHE D 473 6.03 13.84 -5.11
CA PHE D 473 6.57 13.13 -6.27
C PHE D 473 5.91 11.76 -6.44
N SER D 474 5.72 11.03 -5.34
CA SER D 474 5.00 9.77 -5.42
C SER D 474 3.52 9.97 -5.70
N LEU D 475 2.98 11.15 -5.36
CA LEU D 475 1.57 11.44 -5.59
C LEU D 475 1.27 11.74 -7.05
N ILE D 476 2.20 12.40 -7.75
CA ILE D 476 2.01 12.63 -9.19
C ILE D 476 2.23 11.38 -10.03
N ASN D 477 2.69 10.29 -9.42
CA ASN D 477 2.87 9.03 -10.11
C ASN D 477 1.83 7.98 -9.69
N GLY D 478 0.74 8.42 -9.09
CA GLY D 478 -0.33 7.51 -8.69
C GLY D 478 0.02 6.53 -7.58
N ASP D 479 0.72 6.99 -6.55
CA ASP D 479 1.08 6.14 -5.43
C ASP D 479 0.73 6.83 -4.12
N ASP D 480 0.12 6.06 -3.21
CA ASP D 480 -0.17 6.50 -1.83
C ASP D 480 -1.06 7.75 -1.83
N MET D 481 -2.12 7.73 -2.63
CA MET D 481 -3.03 8.86 -2.71
C MET D 481 -4.13 8.76 -1.65
N PHE D 482 -4.72 7.57 -1.51
CA PHE D 482 -5.82 7.44 -0.57
C PHE D 482 -5.36 7.54 0.88
N VAL D 483 -4.15 7.09 1.18
CA VAL D 483 -3.64 7.25 2.55
C VAL D 483 -3.41 8.72 2.85
N THR D 484 -2.94 9.48 1.86
CA THR D 484 -2.78 10.92 2.04
C THR D 484 -4.13 11.59 2.30
N PHE D 485 -5.17 11.17 1.56
CA PHE D 485 -6.50 11.73 1.80
C PHE D 485 -7.07 11.32 3.15
N ALA D 486 -6.82 10.07 3.56
CA ALA D 486 -7.38 9.56 4.81
C ALA D 486 -6.71 10.15 6.03
N ALA D 487 -5.41 10.44 5.95
CA ALA D 487 -4.74 11.08 7.08
C ALA D 487 -5.31 12.46 7.37
N MET D 488 -5.90 13.11 6.37
CA MET D 488 -6.57 14.38 6.60
C MET D 488 -8.04 14.20 6.94
N GLN D 489 -8.69 13.15 6.41
CA GLN D 489 -10.02 12.78 6.89
C GLN D 489 -10.02 12.48 8.38
N ALA D 490 -8.88 12.02 8.89
CA ALA D 490 -8.77 11.70 10.33
C ALA D 490 -8.69 12.99 11.15
N GLN D 491 -8.85 14.15 10.49
CA GLN D 491 -8.75 15.45 11.20
C GLN D 491 -10.03 16.27 10.96
N GLN D 492 -10.93 15.77 10.10
CA GLN D 492 -12.15 16.55 9.75
C GLN D 492 -12.79 17.16 11.02
N GLY D 493 -12.68 16.49 12.17
CA GLY D 493 -13.23 17.01 13.40
C GLY D 493 -12.52 18.27 13.86
N ARG D 494 -11.19 18.26 13.78
CA ARG D 494 -10.40 19.46 14.03
C ARG D 494 -10.56 20.38 12.81
N SER D 495 -9.71 21.40 12.70
CA SER D 495 -9.96 22.58 11.87
C SER D 495 -10.54 22.23 10.50
N SER D 496 -11.77 22.67 10.27
CA SER D 496 -12.42 22.45 8.99
C SER D 496 -11.84 23.34 7.92
N LEU D 497 -11.31 24.50 8.31
CA LEU D 497 -10.56 25.33 7.36
C LEU D 497 -9.35 24.58 6.85
N VAL D 498 -8.61 23.92 7.74
CA VAL D 498 -7.45 23.15 7.33
C VAL D 498 -7.87 21.96 6.47
N TRP D 499 -8.97 21.29 6.83
CA TRP D 499 -9.43 20.16 6.02
C TRP D 499 -9.83 20.61 4.62
N LEU D 500 -10.56 21.72 4.51
CA LEU D 500 -10.97 22.23 3.21
C LEU D 500 -9.76 22.65 2.38
N PHE D 501 -8.79 23.31 3.02
CA PHE D 501 -7.59 23.71 2.29
C PHE D 501 -6.83 22.48 1.80
N SER D 502 -6.75 21.43 2.63
CA SER D 502 -6.07 20.20 2.21
C SER D 502 -6.78 19.57 1.02
N GLN D 503 -8.12 19.54 1.05
CA GLN D 503 -8.87 19.01 -0.08
C GLN D 503 -8.56 19.78 -1.36
N LEU D 504 -8.67 21.11 -1.30
CA LEU D 504 -8.43 21.93 -2.48
C LEU D 504 -7.00 21.76 -2.97
N TYR D 505 -6.03 21.79 -2.05
CA TYR D 505 -4.62 21.69 -2.40
C TYR D 505 -4.32 20.36 -3.08
N LEU D 506 -4.75 19.25 -2.48
CA LEU D 506 -4.46 17.94 -3.03
C LEU D 506 -5.13 17.75 -4.39
N TYR D 507 -6.42 18.10 -4.49
CA TYR D 507 -7.12 17.91 -5.76
C TYR D 507 -6.49 18.75 -6.86
N SER D 508 -6.20 20.02 -6.58
CA SER D 508 -5.62 20.90 -7.59
C SER D 508 -4.26 20.38 -8.03
N PHE D 509 -3.40 20.02 -7.07
CA PHE D 509 -2.06 19.57 -7.42
C PHE D 509 -2.10 18.29 -8.25
N ILE D 510 -2.90 17.32 -7.82
CA ILE D 510 -2.94 16.04 -8.54
C ILE D 510 -3.52 16.23 -9.93
N SER D 511 -4.62 16.98 -10.06
CA SER D 511 -5.20 17.20 -11.38
C SER D 511 -4.22 17.91 -12.30
N LEU D 512 -3.57 18.97 -11.80
CA LEU D 512 -2.66 19.75 -12.64
C LEU D 512 -1.47 18.92 -13.09
N PHE D 513 -0.90 18.10 -12.20
CA PHE D 513 0.30 17.38 -12.55
C PHE D 513 0.04 16.03 -13.21
N ILE D 514 -1.18 15.52 -13.19
CA ILE D 514 -1.50 14.29 -13.89
C ILE D 514 -2.06 14.55 -15.27
N TYR D 515 -3.01 15.49 -15.39
CA TYR D 515 -3.70 15.70 -16.65
C TYR D 515 -2.98 16.66 -17.59
N MET D 516 -2.01 17.43 -17.11
CA MET D 516 -1.35 18.43 -17.95
C MET D 516 0.14 18.19 -18.11
N VAL D 517 0.88 18.05 -17.01
CA VAL D 517 2.34 17.99 -17.09
C VAL D 517 2.80 16.69 -17.73
N LEU D 518 2.27 15.56 -17.27
CA LEU D 518 2.66 14.27 -17.83
C LEU D 518 2.19 14.15 -19.27
N SER D 519 1.00 14.67 -19.57
CA SER D 519 0.51 14.67 -20.95
C SER D 519 1.42 15.50 -21.85
N LEU D 520 1.92 16.63 -21.36
CA LEU D 520 2.83 17.43 -22.16
C LEU D 520 4.18 16.72 -22.35
N PHE D 521 4.64 15.98 -21.35
CA PHE D 521 5.84 15.18 -21.53
C PHE D 521 5.65 14.14 -22.63
N ILE D 522 4.50 13.46 -22.61
CA ILE D 522 4.18 12.48 -23.64
C ILE D 522 4.12 13.15 -25.01
N ALA D 523 3.51 14.34 -25.08
CA ALA D 523 3.42 15.06 -26.35
C ALA D 523 4.80 15.45 -26.87
N LEU D 524 5.69 15.88 -25.97
CA LEU D 524 7.05 16.22 -26.38
C LEU D 524 7.75 15.00 -27.00
N ILE D 525 7.66 13.85 -26.33
CA ILE D 525 8.32 12.66 -26.85
C ILE D 525 7.70 12.23 -28.19
N THR D 526 6.38 12.29 -28.29
CA THR D 526 5.71 11.92 -29.53
C THR D 526 6.12 12.84 -30.68
N GLY D 527 6.20 14.16 -30.40
CA GLY D 527 6.64 15.07 -31.43
C GLY D 527 8.06 14.82 -31.88
N ALA D 528 8.96 14.55 -30.91
CA ALA D 528 10.33 14.24 -31.28
C ALA D 528 10.41 12.99 -32.15
N TYR D 529 9.63 11.97 -31.80
CA TYR D 529 9.59 10.75 -32.61
C TYR D 529 9.07 11.05 -34.02
N ASP D 530 8.07 11.92 -34.13
CA ASP D 530 7.54 12.28 -35.44
C ASP D 530 8.59 13.00 -36.29
N THR D 531 9.33 13.93 -35.70
CA THR D 531 10.38 14.61 -36.46
C THR D 531 11.49 13.63 -36.86
N ILE D 532 11.84 12.68 -35.97
CA ILE D 532 12.86 11.71 -36.32
C ILE D 532 12.43 10.85 -37.50
N LYS D 533 11.17 10.40 -37.50
CA LYS D 533 10.70 9.62 -38.64
C LYS D 533 10.55 10.47 -39.90
N HIS D 534 10.27 11.75 -39.75
CA HIS D 534 10.04 12.62 -40.90
C HIS D 534 11.17 13.62 -41.10
C13 A1BI6 E . -12.14 14.31 -11.52
C15 A1BI6 E . -12.52 13.87 -13.94
C17 A1BI6 E . -11.21 14.89 -12.48
C02 A1BI6 E . -15.17 16.13 -8.75
C03 A1BI6 E . -15.46 16.04 -7.40
C04 A1BI6 E . -14.43 16.04 -6.47
C05 A1BI6 E . -13.12 16.11 -6.90
C06 A1BI6 E . -12.83 16.21 -8.25
C07 A1BI6 E . -13.85 16.20 -9.18
C08 A1BI6 E . -13.54 16.30 -10.67
C11 A1BI6 E . -13.34 15.79 -12.98
C12 A1BI6 E . -13.41 15.18 -11.61
C14 A1BI6 E . -12.67 13.05 -12.42
C16 A1BI6 E . -12.03 15.23 -13.60
N09 A1BI6 E . -13.24 17.49 -11.38
O10 A1BI6 E . -13.44 17.26 -12.79
CL1 A1BI6 E . -16.50 16.13 -9.95
CL2 A1BI6 E . -11.13 16.30 -8.80
C13 A1BI6 F . -9.41 -5.90 -19.00
C15 A1BI6 F . -8.15 -5.53 -21.12
C17 A1BI6 F . -9.62 -4.65 -19.71
C02 A1BI6 F . -12.06 -9.44 -18.22
C03 A1BI6 F . -12.46 -10.15 -17.11
C04 A1BI6 F . -12.78 -9.49 -15.93
C05 A1BI6 F . -12.70 -8.11 -15.88
C06 A1BI6 F . -12.32 -7.39 -16.99
C07 A1BI6 F . -12.00 -8.05 -18.16
C08 A1BI6 F . -11.57 -7.26 -19.40
C11 A1BI6 F . -10.28 -6.37 -21.19
C12 A1BI6 F . -10.19 -6.96 -19.81
C14 A1BI6 F . -7.91 -6.25 -19.57
C16 A1BI6 F . -9.56 -5.01 -21.09
N09 A1BI6 F . -12.45 -6.60 -20.30
O10 A1BI6 F . -11.73 -6.35 -21.54
CL1 A1BI6 F . -11.65 -10.29 -19.73
CL2 A1BI6 F . -12.23 -5.61 -16.91
C13 A1BI6 G . 12.10 -3.28 -18.08
C15 A1BI6 G . 12.48 -1.36 -19.62
C17 A1BI6 G . 11.17 -3.09 -19.18
C02 A1BI6 G . 15.14 -6.45 -17.18
C03 A1BI6 G . 15.43 -7.27 -16.10
C04 A1BI6 G . 14.41 -7.88 -15.40
C05 A1BI6 G . 13.09 -7.66 -15.77
C06 A1BI6 G . 12.80 -6.84 -16.84
C07 A1BI6 G . 13.83 -6.24 -17.55
C08 A1BI6 G . 13.51 -5.33 -18.74
C11 A1BI6 G . 13.30 -3.43 -20.16
C12 A1BI6 G . 13.36 -3.88 -18.71
C14 A1BI6 G . 12.62 -1.73 -17.94
C16 A1BI6 G . 11.98 -2.63 -20.26
N09 A1BI6 G . 13.21 -5.78 -20.06
O10 A1BI6 G . 13.40 -4.67 -20.97
CL1 A1BI6 G . 16.47 -5.67 -18.08
CL2 A1BI6 G . 11.10 -6.58 -17.33
C13 A1BI6 H . 9.33 16.88 -10.60
C15 A1BI6 H . 8.06 17.97 -12.45
C17 A1BI6 H . 9.54 16.39 -11.95
C02 A1BI6 H . 11.99 19.05 -7.71
C03 A1BI6 H . 12.39 18.86 -6.40
C04 A1BI6 H . 12.72 17.60 -5.94
C05 A1BI6 H . 12.64 16.52 -6.80
C06 A1BI6 H . 12.24 16.69 -8.11
C07 A1BI6 H . 11.92 17.96 -8.57
C08 A1BI6 H . 11.49 18.17 -10.02
C11 A1BI6 H . 10.19 18.66 -11.95
C12 A1BI6 H . 10.11 18.20 -10.52
C14 A1BI6 H . 7.83 17.51 -10.80
C16 A1BI6 H . 9.47 17.57 -12.77
N09 A1BI6 H . 12.36 18.26 -11.14
O10 A1BI6 H . 11.64 18.87 -12.24
CL1 A1BI6 H . 11.59 20.68 -8.29
CL2 A1BI6 H . 12.15 15.29 -9.22
#